data_6O8C
#
_entry.id   6O8C
#
_cell.length_a   249.510
_cell.length_b   249.510
_cell.length_c   243.783
_cell.angle_alpha   90.00
_cell.angle_beta   90.00
_cell.angle_gamma   120.00
#
_symmetry.space_group_name_H-M   'P 65 2 2'
#
loop_
_entity.id
_entity.type
_entity.pdbx_description
1 polymer 'Serine/threonine-protein kinase TBK1'
2 polymer 'Stimulator of interferon genes protein'
3 non-polymer N-(3-{[5-iodo-4-({3-[(thiophen-2-ylcarbonyl)amino]propyl}amino)pyrimidin-2-yl]amino}phenyl)pyrrolidine-1-carboxamide
#
loop_
_entity_poly.entity_id
_entity_poly.type
_entity_poly.pdbx_seq_one_letter_code
_entity_poly.pdbx_strand_id
1 'polypeptide(L)'
;GSPGLDGICQSTSNHLWLLSDILGQGATANVFRGRHKKTGDLYAVKVFNNISFLRPVDVQMREFEVLKKLNHKNIVKLFA
IEEETTTRHKVLIMEFCPCGSLYTVLEEPSNAYGLPESEFLIVLRDVVGGMNHLRENGIVHRDIKPGNIMRVIGEDGQSV
YKLTDFGAARELEDDEQFVALYGTEEYLHPDMYERAVLRKDHQKKYGATVDLWSVGVTFYHAATGSLPFRPFEGPRRNKE
VMYKIITGKPSGAISGVQKAENGPIDWSGDMPLSCSLSQGLQALLTPVLANILEADQEKCWGFDQFFAETSDVLHRMVIH
VFSLQHMTAHKIYIHSYNTAAVFHELVYKQTKIVSSNQELIYEGRRLVLELGRLAQHFPKTTEENPIFVTSREQLNTVGL
RYEKISLPKIHPRYDLDGDASMAKAVTGVVCYACRTASTLLLYQELMRKGVRWLVELVKDDYNETVHKKTEVVITLDFCI
RNIEKTVKVYEKLMKVNLEAAELGEISDIHTKLLRLSSSQGTIESSLQDISSRLSPGGLLADTWAHQEGTHPRDRNVEKL
QVLLNCITEIYYQFKKDKAERRLAYNEEQIHKFDKQKLYYHATKAMSHFSEECVRKYEAFKDKSEEWMRKMLHLRKQLLS
LTNQCFDIEEEVSKYQDYTNELQET
;
A,B
2 'polypeptide(L)' STWGSLKTSAVPSTSTMSQEPELLISGMEKPLPLRTDFS D,E
#
loop_
_chem_comp.id
_chem_comp.type
_chem_comp.name
_chem_comp.formula
BX7 non-polymer N-(3-{[5-iodo-4-({3-[(thiophen-2-ylcarbonyl)amino]propyl}amino)pyrimidin-2-yl]amino}phenyl)pyrrolidine-1-carboxamide 'C23 H26 I N7 O2 S'
#
# COMPACT_ATOMS: atom_id res chain seq x y z
N GLY A 4 49.34 5.68 18.08
CA GLY A 4 50.55 5.92 17.30
C GLY A 4 51.15 4.66 16.68
N LEU A 5 50.47 4.12 15.68
CA LEU A 5 50.83 2.86 15.00
C LEU A 5 50.04 2.74 13.70
N ASP A 6 50.66 2.16 12.66
CA ASP A 6 49.94 1.82 11.42
C ASP A 6 50.05 0.31 11.09
N GLY A 7 49.60 -0.05 9.88
CA GLY A 7 49.41 -1.42 9.48
C GLY A 7 47.95 -1.88 9.43
N ILE A 8 46.99 -0.98 9.23
CA ILE A 8 45.58 -1.32 9.09
C ILE A 8 44.99 -0.47 8.01
N CYS A 9 45.85 0.11 7.19
CA CYS A 9 45.41 1.02 6.15
C CYS A 9 46.26 0.77 4.92
N GLN A 10 45.66 0.19 3.88
CA GLN A 10 46.32 0.06 2.59
C GLN A 10 45.90 1.22 1.69
N SER A 11 46.71 1.47 0.66
CA SER A 11 46.40 2.54 -0.29
C SER A 11 47.02 2.27 -1.66
N THR A 12 46.58 3.06 -2.63
CA THR A 12 47.25 3.28 -3.90
C THR A 12 47.51 4.78 -3.99
N SER A 13 48.09 5.22 -5.11
CA SER A 13 48.28 6.65 -5.26
C SER A 13 46.95 7.41 -5.28
N ASN A 14 45.82 6.74 -5.53
CA ASN A 14 44.56 7.44 -5.65
C ASN A 14 43.45 7.00 -4.73
N HIS A 15 43.54 5.80 -4.14
CA HIS A 15 42.52 5.31 -3.25
C HIS A 15 43.14 4.89 -1.92
N LEU A 16 42.30 4.81 -0.87
CA LEU A 16 42.74 4.18 0.37
C LEU A 16 41.57 3.38 0.93
N TRP A 17 41.89 2.46 1.86
CA TRP A 17 40.87 1.62 2.44
C TRP A 17 41.34 1.10 3.79
N LEU A 18 40.39 0.67 4.61
CA LEU A 18 40.69 0.15 5.95
C LEU A 18 40.57 -1.36 5.92
N LEU A 19 41.59 -2.04 6.43
CA LEU A 19 41.58 -3.49 6.30
C LEU A 19 40.41 -4.12 7.04
N SER A 20 39.78 -3.39 7.97
CA SER A 20 38.54 -3.79 8.61
C SER A 20 37.31 -3.64 7.71
N ASP A 21 37.36 -2.84 6.65
CA ASP A 21 36.17 -2.63 5.83
C ASP A 21 36.11 -3.67 4.72
N ILE A 22 36.21 -4.93 5.10
CA ILE A 22 36.35 -6.02 4.15
C ILE A 22 34.98 -6.47 3.67
N LEU A 23 34.74 -6.38 2.36
CA LEU A 23 33.47 -6.80 1.75
C LEU A 23 33.50 -8.24 1.21
N GLY A 24 34.67 -8.78 0.90
CA GLY A 24 34.73 -10.10 0.31
C GLY A 24 36.08 -10.75 0.54
N GLN A 25 36.07 -12.07 0.68
CA GLN A 25 37.27 -12.87 0.85
C GLN A 25 37.30 -14.00 -0.18
N GLY A 26 38.50 -14.29 -0.69
CA GLY A 26 38.66 -15.26 -1.75
C GLY A 26 40.10 -15.74 -1.78
N ALA A 27 40.33 -16.81 -2.56
CA ALA A 27 41.61 -17.51 -2.46
C ALA A 27 42.75 -16.65 -3.01
N THR A 28 42.46 -15.86 -4.03
CA THR A 28 43.44 -15.10 -4.76
C THR A 28 43.52 -13.65 -4.27
N ALA A 29 42.38 -13.07 -3.86
CA ALA A 29 42.26 -11.67 -3.50
C ALA A 29 41.18 -11.48 -2.44
N ASN A 30 41.14 -10.29 -1.83
CA ASN A 30 40.04 -9.83 -0.98
C ASN A 30 39.48 -8.52 -1.54
N VAL A 31 38.31 -8.14 -1.07
CA VAL A 31 37.66 -6.92 -1.53
C VAL A 31 37.31 -6.04 -0.34
N PHE A 32 37.74 -4.79 -0.38
CA PHE A 32 37.55 -3.85 0.70
C PHE A 32 36.69 -2.70 0.21
N ARG A 33 36.04 -2.03 1.14
CA ARG A 33 35.36 -0.79 0.82
C ARG A 33 36.33 0.37 1.00
N GLY A 34 36.55 1.14 -0.05
CA GLY A 34 37.55 2.19 -0.02
C GLY A 34 37.08 3.53 -0.52
N ARG A 35 37.98 4.52 -0.62
CA ARG A 35 37.57 5.83 -1.09
C ARG A 35 38.60 6.38 -2.07
N HIS A 36 38.12 7.25 -2.96
CA HIS A 36 38.99 8.03 -3.83
C HIS A 36 39.58 9.17 -2.99
N LYS A 37 40.91 9.26 -2.95
CA LYS A 37 41.54 10.22 -2.05
C LYS A 37 41.13 11.66 -2.37
N LYS A 38 41.05 12.01 -3.66
CA LYS A 38 40.77 13.40 -4.01
C LYS A 38 39.29 13.75 -3.92
N THR A 39 38.38 12.79 -4.06
CA THR A 39 36.96 13.07 -4.10
C THR A 39 36.16 12.46 -2.97
N GLY A 40 36.70 11.46 -2.29
CA GLY A 40 36.01 10.81 -1.21
C GLY A 40 34.96 9.83 -1.63
N ASP A 41 34.69 9.68 -2.92
CA ASP A 41 33.65 8.73 -3.33
C ASP A 41 34.06 7.31 -2.97
N LEU A 42 33.08 6.46 -2.72
CA LEU A 42 33.34 5.08 -2.32
C LEU A 42 33.54 4.21 -3.53
N TYR A 43 34.56 3.35 -3.48
CA TYR A 43 34.65 2.26 -4.44
C TYR A 43 34.97 1.00 -3.68
N ALA A 44 34.69 -0.13 -4.31
CA ALA A 44 35.14 -1.42 -3.79
C ALA A 44 36.47 -1.71 -4.43
N VAL A 45 37.47 -2.02 -3.63
CA VAL A 45 38.80 -2.29 -4.16
C VAL A 45 39.15 -3.74 -3.86
N LYS A 46 39.53 -4.47 -4.90
CA LYS A 46 39.86 -5.89 -4.84
C LYS A 46 41.37 -5.97 -4.93
N VAL A 47 42.01 -6.54 -3.91
CA VAL A 47 43.46 -6.54 -3.79
C VAL A 47 43.95 -7.97 -3.84
N PHE A 48 44.77 -8.27 -4.85
CA PHE A 48 45.32 -9.61 -5.13
C PHE A 48 46.56 -9.81 -4.27
N ASN A 49 46.36 -10.37 -3.07
CA ASN A 49 47.52 -10.61 -2.21
C ASN A 49 48.17 -11.93 -2.55
N ASN A 50 47.40 -12.88 -3.06
CA ASN A 50 47.97 -14.13 -3.58
C ASN A 50 47.62 -14.32 -5.04
N ILE A 51 48.10 -13.41 -5.90
CA ILE A 51 47.74 -13.46 -7.32
C ILE A 51 48.27 -14.72 -7.93
N SER A 52 49.32 -15.29 -7.32
CA SER A 52 49.95 -16.51 -7.78
C SER A 52 48.91 -17.55 -8.20
N PHE A 53 49.08 -18.03 -9.42
CA PHE A 53 48.34 -19.18 -9.92
C PHE A 53 49.22 -19.89 -10.96
N LEU A 54 48.60 -20.81 -11.70
CA LEU A 54 49.16 -21.46 -12.87
C LEU A 54 49.21 -20.52 -14.10
N ARG A 55 48.64 -19.31 -13.96
CA ARG A 55 48.44 -18.33 -15.03
C ARG A 55 49.46 -17.20 -14.90
N PRO A 56 50.50 -17.12 -15.76
CA PRO A 56 51.48 -16.02 -15.66
C PRO A 56 50.79 -14.67 -15.53
N VAL A 57 51.44 -13.73 -14.86
CA VAL A 57 50.72 -12.49 -14.53
C VAL A 57 50.30 -11.77 -15.80
N ASP A 58 51.08 -11.93 -16.89
CA ASP A 58 50.79 -11.23 -18.14
C ASP A 58 49.47 -11.68 -18.76
N VAL A 59 49.08 -12.94 -18.54
CA VAL A 59 47.80 -13.42 -19.04
C VAL A 59 46.65 -12.80 -18.26
N GLN A 60 46.72 -12.82 -16.94
CA GLN A 60 45.61 -12.26 -16.19
C GLN A 60 45.64 -10.73 -16.15
N MET A 61 46.73 -10.11 -16.60
CA MET A 61 46.73 -8.66 -16.68
C MET A 61 46.08 -8.17 -17.98
N ARG A 62 46.36 -8.84 -19.11
CA ARG A 62 45.63 -8.53 -20.33
C ARG A 62 44.15 -8.82 -20.18
N GLU A 63 43.80 -9.80 -19.34
CA GLU A 63 42.40 -10.01 -18.96
C GLU A 63 41.80 -8.74 -18.39
N PHE A 64 42.46 -8.14 -17.40
CA PHE A 64 41.89 -7.02 -16.67
C PHE A 64 41.69 -5.81 -17.57
N GLU A 65 42.62 -5.58 -18.50
CA GLU A 65 42.44 -4.50 -19.47
C GLU A 65 41.21 -4.72 -20.34
N VAL A 66 40.86 -5.98 -20.59
CA VAL A 66 39.69 -6.30 -21.39
C VAL A 66 38.43 -6.03 -20.60
N LEU A 67 38.42 -6.44 -19.33
CA LEU A 67 37.25 -6.21 -18.50
C LEU A 67 37.05 -4.73 -18.22
N LYS A 68 38.12 -3.95 -18.19
CA LYS A 68 38.02 -2.51 -17.88
C LYS A 68 37.30 -1.76 -18.99
N LYS A 69 37.23 -2.34 -20.19
CA LYS A 69 36.49 -1.71 -21.28
C LYS A 69 35.00 -1.98 -21.16
N LEU A 70 34.61 -3.07 -20.51
CA LEU A 70 33.19 -3.41 -20.35
C LEU A 70 32.43 -2.25 -19.73
N ASN A 71 31.28 -1.97 -20.30
CA ASN A 71 30.46 -0.87 -19.80
C ASN A 71 29.01 -1.21 -20.11
N HIS A 72 28.35 -1.86 -19.15
CA HIS A 72 26.99 -2.34 -19.31
C HIS A 72 26.31 -2.39 -17.95
N LYS A 73 25.01 -2.08 -17.94
CA LYS A 73 24.27 -1.86 -16.69
C LYS A 73 24.18 -3.09 -15.81
N ASN A 74 24.50 -4.29 -16.32
CA ASN A 74 24.45 -5.51 -15.52
C ASN A 74 25.84 -6.11 -15.25
N ILE A 75 26.90 -5.33 -15.42
CA ILE A 75 28.27 -5.71 -15.07
C ILE A 75 28.76 -4.66 -14.07
N VAL A 76 29.41 -5.07 -12.98
CA VAL A 76 29.88 -3.99 -12.10
C VAL A 76 31.18 -3.48 -12.68
N LYS A 77 31.23 -2.15 -12.89
CA LYS A 77 32.29 -1.52 -13.68
C LYS A 77 33.64 -1.74 -13.02
N LEU A 78 34.64 -2.02 -13.83
CA LEU A 78 36.03 -2.06 -13.40
C LEU A 78 36.63 -0.73 -13.82
N PHE A 79 36.85 0.16 -12.85
CA PHE A 79 37.31 1.50 -13.22
C PHE A 79 38.79 1.50 -13.60
N ALA A 80 39.67 1.12 -12.67
CA ALA A 80 41.11 1.19 -12.91
C ALA A 80 41.79 -0.03 -12.32
N ILE A 81 43.00 -0.30 -12.84
CA ILE A 81 43.93 -1.31 -12.31
C ILE A 81 45.10 -0.58 -11.69
N GLU A 82 45.33 -0.74 -10.37
CA GLU A 82 46.32 0.04 -9.64
C GLU A 82 47.29 -0.88 -8.89
N GLU A 83 48.27 -0.28 -8.23
CA GLU A 83 49.25 -1.03 -7.43
C GLU A 83 49.21 -0.52 -5.99
N GLU A 84 49.11 -1.45 -5.03
CA GLU A 84 49.03 -1.03 -3.63
C GLU A 84 50.35 -0.37 -3.25
N THR A 85 50.26 0.72 -2.47
CA THR A 85 51.40 1.65 -2.36
C THR A 85 52.65 0.94 -1.89
N THR A 86 52.54 0.08 -0.90
CA THR A 86 53.74 -0.45 -0.28
C THR A 86 54.07 -1.89 -0.70
N THR A 87 53.07 -2.73 -0.97
CA THR A 87 53.30 -4.10 -1.39
C THR A 87 53.34 -4.27 -2.91
N ARG A 88 52.86 -3.30 -3.66
CA ARG A 88 52.81 -3.32 -5.11
C ARG A 88 51.88 -4.40 -5.66
N HIS A 89 50.99 -4.92 -4.81
CA HIS A 89 50.00 -5.91 -5.21
C HIS A 89 49.00 -5.31 -6.18
N LYS A 90 48.57 -6.11 -7.15
CA LYS A 90 47.63 -5.57 -8.11
C LYS A 90 46.30 -5.33 -7.40
N VAL A 91 45.74 -4.14 -7.59
CA VAL A 91 44.44 -3.82 -7.05
C VAL A 91 43.55 -3.32 -8.18
N LEU A 92 42.34 -3.86 -8.25
CA LEU A 92 41.31 -3.43 -9.18
C LEU A 92 40.33 -2.59 -8.39
N ILE A 93 40.11 -1.37 -8.82
CA ILE A 93 39.13 -0.54 -8.13
C ILE A 93 37.87 -0.57 -8.97
N MET A 94 36.71 -0.74 -8.32
CA MET A 94 35.48 -1.01 -9.05
C MET A 94 34.28 -0.52 -8.24
N GLU A 95 33.13 -0.49 -8.90
CA GLU A 95 31.98 0.24 -8.35
C GLU A 95 31.42 -0.48 -7.13
N PHE A 96 31.18 0.27 -6.09
CA PHE A 96 30.80 -0.29 -4.82
C PHE A 96 29.28 -0.45 -4.80
N CYS A 97 28.82 -1.67 -4.61
CA CYS A 97 27.38 -1.83 -4.49
C CYS A 97 26.98 -1.98 -3.02
N PRO A 98 26.50 -0.94 -2.36
CA PRO A 98 26.35 -1.02 -0.90
C PRO A 98 25.29 -2.00 -0.46
N CYS A 99 24.43 -2.47 -1.34
CA CYS A 99 23.39 -3.40 -0.93
C CYS A 99 23.85 -4.85 -0.84
N GLY A 100 25.14 -5.13 -1.03
CA GLY A 100 25.56 -6.52 -1.02
C GLY A 100 25.10 -7.28 -2.25
N SER A 101 24.92 -8.58 -2.08
CA SER A 101 24.75 -9.50 -3.18
C SER A 101 23.39 -10.19 -3.12
N LEU A 102 23.06 -10.87 -4.22
CA LEU A 102 21.87 -11.71 -4.21
C LEU A 102 21.96 -12.78 -3.14
N TYR A 103 23.17 -13.12 -2.68
CA TYR A 103 23.28 -14.08 -1.59
C TYR A 103 22.70 -13.51 -0.31
N THR A 104 23.09 -12.29 0.02
CA THR A 104 22.59 -11.71 1.25
C THR A 104 21.09 -11.45 1.18
N VAL A 105 20.56 -11.31 -0.04
CA VAL A 105 19.12 -11.13 -0.19
C VAL A 105 18.39 -12.42 0.10
N LEU A 106 18.79 -13.51 -0.55
CA LEU A 106 18.16 -14.80 -0.31
C LEU A 106 18.40 -15.30 1.09
N GLU A 107 19.32 -14.67 1.83
CA GLU A 107 19.60 -15.05 3.20
C GLU A 107 18.61 -14.42 4.18
N GLU A 108 17.90 -13.38 3.77
CA GLU A 108 16.87 -12.82 4.60
C GLU A 108 15.75 -13.83 4.84
N PRO A 109 15.18 -13.85 6.03
CA PRO A 109 14.12 -14.83 6.30
C PRO A 109 12.85 -14.54 5.51
N SER A 110 12.62 -13.28 5.13
CA SER A 110 11.45 -12.99 4.31
C SER A 110 11.57 -13.60 2.92
N ASN A 111 12.77 -14.04 2.51
CA ASN A 111 12.96 -14.75 1.24
C ASN A 111 13.34 -16.21 1.44
N ALA A 112 13.15 -16.75 2.64
CA ALA A 112 13.39 -18.17 2.90
C ALA A 112 12.63 -19.08 1.95
N TYR A 113 11.63 -18.58 1.24
CA TYR A 113 10.83 -19.47 0.44
C TYR A 113 10.72 -18.97 -0.98
N GLY A 114 11.68 -18.14 -1.39
CA GLY A 114 11.77 -17.54 -2.70
C GLY A 114 11.59 -16.03 -2.63
N LEU A 115 12.05 -15.35 -3.68
CA LEU A 115 11.84 -13.92 -3.76
C LEU A 115 10.40 -13.64 -4.15
N PRO A 116 9.85 -12.50 -3.73
CA PRO A 116 8.60 -12.02 -4.31
C PRO A 116 8.71 -11.88 -5.83
N GLU A 117 7.58 -12.12 -6.51
CA GLU A 117 7.60 -12.27 -7.96
C GLU A 117 8.22 -11.06 -8.65
N SER A 118 7.84 -9.86 -8.23
CA SER A 118 8.37 -8.68 -8.87
C SER A 118 9.88 -8.64 -8.80
N GLU A 119 10.45 -8.94 -7.62
CA GLU A 119 11.90 -9.00 -7.52
C GLU A 119 12.50 -10.10 -8.37
N PHE A 120 11.87 -11.28 -8.38
CA PHE A 120 12.37 -12.39 -9.19
C PHE A 120 12.55 -11.99 -10.64
N LEU A 121 11.47 -11.51 -11.27
CA LEU A 121 11.58 -11.00 -12.62
C LEU A 121 12.75 -10.04 -12.78
N ILE A 122 13.04 -9.21 -11.79
CA ILE A 122 14.20 -8.31 -11.91
C ILE A 122 15.49 -9.12 -11.96
N VAL A 123 15.64 -10.11 -11.09
CA VAL A 123 16.87 -10.90 -11.09
C VAL A 123 17.02 -11.60 -12.42
N LEU A 124 15.91 -12.12 -12.94
CA LEU A 124 15.92 -12.83 -14.21
C LEU A 124 16.34 -11.91 -15.34
N ARG A 125 15.67 -10.77 -15.47
CA ARG A 125 16.04 -9.79 -16.47
C ARG A 125 17.52 -9.44 -16.43
N ASP A 126 18.02 -9.03 -15.26
CA ASP A 126 19.37 -8.49 -15.19
C ASP A 126 20.43 -9.58 -15.30
N VAL A 127 20.22 -10.75 -14.70
CA VAL A 127 21.19 -11.83 -14.88
C VAL A 127 21.29 -12.20 -16.35
N VAL A 128 20.14 -12.31 -17.04
CA VAL A 128 20.15 -12.63 -18.46
C VAL A 128 20.75 -11.48 -19.26
N GLY A 129 20.50 -10.26 -18.82
CA GLY A 129 21.07 -9.13 -19.53
C GLY A 129 22.58 -9.10 -19.44
N GLY A 130 23.13 -9.32 -18.25
CA GLY A 130 24.57 -9.36 -18.11
C GLY A 130 25.19 -10.53 -18.83
N MET A 131 24.66 -11.72 -18.60
CA MET A 131 25.09 -12.91 -19.34
C MET A 131 25.21 -12.64 -20.82
N ASN A 132 24.18 -12.09 -21.42
CA ASN A 132 24.20 -11.81 -22.84
C ASN A 132 25.28 -10.80 -23.19
N HIS A 133 25.36 -9.69 -22.45
CA HIS A 133 26.41 -8.73 -22.78
C HIS A 133 27.77 -9.38 -22.73
N LEU A 134 27.99 -10.29 -21.79
CA LEU A 134 29.24 -11.03 -21.78
C LEU A 134 29.50 -11.73 -23.13
N ARG A 135 28.62 -12.66 -23.53
CA ARG A 135 28.77 -13.31 -24.84
C ARG A 135 29.13 -12.32 -25.95
N GLU A 136 28.38 -11.22 -26.05
CA GLU A 136 28.66 -10.20 -27.06
C GLU A 136 30.11 -9.72 -27.01
N ASN A 137 30.78 -9.88 -25.87
CA ASN A 137 32.18 -9.49 -25.74
C ASN A 137 33.09 -10.69 -25.56
N GLY A 138 32.60 -11.89 -25.85
CA GLY A 138 33.46 -13.05 -25.96
C GLY A 138 34.00 -13.57 -24.64
N ILE A 139 33.24 -13.39 -23.57
CA ILE A 139 33.49 -13.94 -22.25
C ILE A 139 32.23 -14.65 -21.87
N VAL A 140 32.31 -15.89 -21.40
CA VAL A 140 31.28 -16.28 -20.44
C VAL A 140 32.00 -17.07 -19.36
N HIS A 141 31.56 -16.87 -18.11
CA HIS A 141 31.85 -17.76 -17.00
C HIS A 141 30.63 -18.60 -16.72
N ARG A 142 30.87 -19.88 -16.44
CA ARG A 142 29.86 -20.85 -16.07
C ARG A 142 29.59 -20.85 -14.59
N ASP A 143 29.97 -19.77 -13.93
CA ASP A 143 30.06 -19.72 -12.48
C ASP A 143 29.12 -18.69 -11.86
N ILE A 144 28.06 -18.33 -12.58
CA ILE A 144 27.09 -17.36 -12.04
C ILE A 144 26.34 -18.02 -10.90
N LYS A 145 26.47 -17.45 -9.71
CA LYS A 145 25.70 -17.89 -8.55
C LYS A 145 25.37 -16.66 -7.74
N PRO A 146 24.40 -16.75 -6.79
CA PRO A 146 24.03 -15.56 -6.00
C PRO A 146 25.22 -14.86 -5.37
N GLY A 147 26.22 -15.62 -4.95
CA GLY A 147 27.42 -15.07 -4.37
C GLY A 147 28.08 -13.96 -5.18
N ASN A 148 27.93 -13.95 -6.50
CA ASN A 148 28.66 -13.00 -7.32
C ASN A 148 27.72 -12.19 -8.20
N ILE A 149 26.49 -12.01 -7.74
CA ILE A 149 25.51 -11.13 -8.37
C ILE A 149 25.30 -9.98 -7.40
N MET A 150 25.79 -8.81 -7.76
CA MET A 150 25.68 -7.67 -6.88
C MET A 150 24.35 -6.96 -7.05
N ARG A 151 23.90 -6.26 -6.01
CA ARG A 151 22.63 -5.57 -6.04
C ARG A 151 22.82 -4.09 -5.81
N VAL A 152 22.23 -3.28 -6.67
CA VAL A 152 22.28 -1.83 -6.60
C VAL A 152 20.85 -1.30 -6.53
N ILE A 153 20.63 -0.20 -5.82
CA ILE A 153 19.32 0.44 -5.90
C ILE A 153 19.37 1.49 -7.00
N GLY A 154 18.51 1.33 -8.00
CA GLY A 154 18.49 2.22 -9.14
C GLY A 154 17.85 3.55 -8.83
N GLU A 155 18.01 4.49 -9.77
CA GLU A 155 17.51 5.84 -9.58
C GLU A 155 16.04 5.85 -9.19
N ASP A 156 15.30 4.82 -9.61
CA ASP A 156 13.87 4.72 -9.38
C ASP A 156 13.54 3.78 -8.25
N GLY A 157 14.53 3.29 -7.52
CA GLY A 157 14.29 2.46 -6.37
C GLY A 157 14.12 0.99 -6.67
N GLN A 158 14.01 0.62 -7.92
CA GLN A 158 14.02 -0.78 -8.25
C GLN A 158 15.44 -1.33 -8.24
N SER A 159 15.58 -2.58 -7.82
CA SER A 159 16.88 -3.22 -7.86
C SER A 159 17.43 -3.27 -9.28
N VAL A 160 18.75 -3.33 -9.35
CA VAL A 160 19.51 -3.56 -10.56
C VAL A 160 20.57 -4.58 -10.18
N TYR A 161 20.47 -5.80 -10.68
CA TYR A 161 21.48 -6.78 -10.33
C TYR A 161 22.62 -6.72 -11.34
N LYS A 162 23.84 -6.97 -10.87
CA LYS A 162 25.04 -6.77 -11.67
C LYS A 162 25.94 -7.97 -11.47
N LEU A 163 26.47 -8.48 -12.57
CA LEU A 163 27.35 -9.63 -12.53
C LEU A 163 28.76 -9.22 -12.21
N THR A 164 29.52 -10.15 -11.65
CA THR A 164 30.88 -9.86 -11.25
C THR A 164 31.61 -11.14 -10.90
N ASP A 165 32.94 -11.01 -10.77
CA ASP A 165 33.84 -12.12 -10.41
C ASP A 165 33.89 -13.18 -11.51
N PHE A 166 34.19 -12.73 -12.73
CA PHE A 166 34.31 -13.64 -13.86
C PHE A 166 35.66 -13.45 -14.52
N GLY A 167 36.38 -14.55 -14.79
CA GLY A 167 37.60 -14.49 -15.59
C GLY A 167 37.29 -14.02 -17.01
N ALA A 168 38.33 -13.84 -17.84
CA ALA A 168 38.10 -13.39 -19.21
C ALA A 168 38.66 -14.32 -20.30
N ALA A 169 39.58 -15.24 -19.98
CA ALA A 169 40.17 -16.18 -20.96
C ALA A 169 40.12 -17.64 -20.49
N THR A 184 61.17 -38.96 -20.28
CA THR A 184 60.31 -39.76 -19.43
C THR A 184 59.25 -40.53 -20.26
N GLU A 185 58.14 -40.88 -19.58
CA GLU A 185 56.91 -41.47 -20.15
C GLU A 185 57.03 -42.99 -20.29
N GLU A 186 58.24 -43.47 -20.36
CA GLU A 186 58.52 -44.90 -20.36
C GLU A 186 59.20 -45.32 -19.07
N TYR A 187 59.38 -44.39 -18.15
CA TYR A 187 59.99 -44.64 -16.86
C TYR A 187 59.09 -44.16 -15.74
N LEU A 188 57.78 -44.20 -15.93
CA LEU A 188 56.89 -43.75 -14.87
C LEU A 188 56.00 -44.90 -14.44
N HIS A 189 55.64 -44.88 -13.14
CA HIS A 189 54.77 -45.86 -12.53
C HIS A 189 53.47 -46.05 -13.33
N PRO A 190 52.80 -47.19 -13.19
CA PRO A 190 51.46 -47.30 -13.78
C PRO A 190 50.43 -46.37 -13.15
N ASP A 191 50.62 -45.97 -11.88
CA ASP A 191 49.70 -45.02 -11.25
C ASP A 191 50.02 -43.57 -11.57
N MET A 192 51.24 -43.25 -12.04
CA MET A 192 51.50 -41.93 -12.59
C MET A 192 51.05 -41.86 -14.05
N TYR A 193 51.30 -42.92 -14.82
CA TYR A 193 50.80 -43.00 -16.19
C TYR A 193 49.29 -42.86 -16.25
N GLU A 194 48.60 -43.18 -15.16
CA GLU A 194 47.18 -42.90 -15.02
C GLU A 194 46.93 -41.44 -15.37
N ARG A 195 47.36 -40.52 -14.51
CA ARG A 195 47.00 -39.12 -14.63
C ARG A 195 47.98 -38.28 -15.45
N ALA A 196 49.22 -38.73 -15.62
CA ALA A 196 50.20 -37.89 -16.31
C ALA A 196 50.10 -37.96 -17.83
N VAL A 197 49.43 -38.98 -18.37
CA VAL A 197 49.37 -39.17 -19.82
C VAL A 197 47.96 -39.60 -20.23
N LEU A 198 47.07 -39.80 -19.25
CA LEU A 198 45.75 -40.33 -19.58
C LEU A 198 44.59 -39.68 -18.83
N ARG A 199 44.64 -39.64 -17.48
CA ARG A 199 43.48 -39.28 -16.66
C ARG A 199 43.27 -37.76 -16.57
N LYS A 200 44.36 -36.98 -16.47
CA LYS A 200 44.29 -35.53 -16.62
C LYS A 200 44.28 -35.10 -18.10
N ASP A 201 44.22 -36.08 -19.02
CA ASP A 201 44.07 -35.83 -20.45
C ASP A 201 42.63 -36.02 -20.95
N HIS A 202 41.77 -36.69 -20.18
CA HIS A 202 40.36 -36.91 -20.55
C HIS A 202 39.47 -35.72 -20.22
N GLN A 203 40.05 -34.59 -19.85
CA GLN A 203 39.30 -33.34 -19.76
C GLN A 203 38.73 -33.01 -21.14
N LYS A 204 37.44 -33.28 -21.34
CA LYS A 204 36.73 -33.09 -22.60
C LYS A 204 36.28 -31.63 -22.84
N LYS A 205 37.00 -30.67 -22.24
CA LYS A 205 36.76 -29.22 -22.32
C LYS A 205 35.29 -28.88 -22.56
N TYR A 206 34.41 -29.43 -21.71
CA TYR A 206 32.99 -29.24 -21.91
C TYR A 206 32.68 -27.74 -22.02
N GLY A 207 31.78 -27.40 -22.94
CA GLY A 207 31.46 -26.01 -23.15
C GLY A 207 30.08 -25.86 -23.75
N ALA A 208 29.62 -24.59 -23.73
CA ALA A 208 28.42 -24.10 -24.39
C ALA A 208 27.18 -24.29 -23.53
N THR A 209 27.02 -25.50 -22.96
CA THR A 209 25.82 -25.86 -22.22
C THR A 209 26.03 -25.96 -20.70
N VAL A 210 27.27 -26.24 -20.27
CA VAL A 210 27.63 -26.22 -18.85
C VAL A 210 27.36 -24.84 -18.23
N ASP A 211 27.50 -23.77 -19.01
CA ASP A 211 27.34 -22.42 -18.47
C ASP A 211 25.98 -22.26 -17.85
N LEU A 212 24.94 -22.74 -18.56
CA LEU A 212 23.56 -22.53 -18.16
C LEU A 212 23.17 -23.28 -16.90
N TRP A 213 23.80 -24.43 -16.62
CA TRP A 213 23.46 -25.17 -15.41
C TRP A 213 23.53 -24.29 -14.18
N SER A 214 24.61 -23.53 -14.03
CA SER A 214 24.74 -22.68 -12.87
C SER A 214 23.61 -21.65 -12.82
N VAL A 215 23.33 -21.00 -13.95
CA VAL A 215 22.26 -20.01 -14.00
C VAL A 215 20.92 -20.65 -13.67
N GLY A 216 20.74 -21.92 -14.02
CA GLY A 216 19.50 -22.59 -13.68
C GLY A 216 19.37 -22.80 -12.19
N VAL A 217 20.41 -23.32 -11.56
CA VAL A 217 20.36 -23.52 -10.12
C VAL A 217 20.10 -22.21 -9.40
N THR A 218 20.73 -21.12 -9.86
CA THR A 218 20.49 -19.81 -9.24
C THR A 218 19.04 -19.37 -9.37
N PHE A 219 18.44 -19.57 -10.54
CA PHE A 219 17.05 -19.16 -10.70
C PHE A 219 16.12 -20.00 -9.86
N TYR A 220 16.34 -21.32 -9.79
CA TYR A 220 15.55 -22.13 -8.86
C TYR A 220 15.73 -21.61 -7.44
N HIS A 221 16.97 -21.38 -7.03
CA HIS A 221 17.25 -20.88 -5.69
C HIS A 221 16.57 -19.55 -5.44
N ALA A 222 16.63 -18.64 -6.42
CA ALA A 222 15.93 -17.37 -6.25
C ALA A 222 14.43 -17.58 -6.17
N ALA A 223 13.92 -18.58 -6.87
CA ALA A 223 12.47 -18.72 -6.98
C ALA A 223 11.84 -19.50 -5.83
N THR A 224 12.61 -20.39 -5.18
CA THR A 224 12.04 -21.24 -4.13
C THR A 224 12.70 -21.01 -2.78
N GLY A 225 13.87 -20.39 -2.74
CA GLY A 225 14.55 -20.23 -1.49
C GLY A 225 15.30 -21.47 -1.02
N SER A 226 15.34 -22.51 -1.84
CA SER A 226 16.07 -23.73 -1.52
C SER A 226 16.86 -24.17 -2.74
N LEU A 227 17.75 -25.09 -2.52
CA LEU A 227 18.53 -25.57 -3.66
C LEU A 227 17.79 -26.71 -4.33
N PRO A 228 18.03 -26.89 -5.64
CA PRO A 228 17.28 -27.91 -6.40
C PRO A 228 17.71 -29.33 -6.13
N PHE A 229 18.95 -29.57 -5.71
CA PHE A 229 19.42 -30.93 -5.49
C PHE A 229 20.06 -31.03 -4.12
N ARG A 230 19.51 -31.91 -3.28
CA ARG A 230 19.85 -31.99 -1.87
C ARG A 230 19.91 -33.46 -1.45
N PRO A 231 20.99 -33.91 -0.86
CA PRO A 231 21.07 -35.30 -0.45
C PRO A 231 20.74 -35.52 1.02
N PHE A 232 19.82 -34.74 1.59
CA PHE A 232 19.36 -34.90 2.98
C PHE A 232 20.38 -34.43 4.00
N GLU A 233 21.66 -34.68 3.74
CA GLU A 233 22.72 -34.25 4.65
C GLU A 233 23.33 -32.92 4.21
N GLY A 234 22.68 -32.21 3.29
CA GLY A 234 23.28 -31.03 2.74
C GLY A 234 24.26 -31.37 1.63
N PRO A 235 24.24 -30.59 0.55
CA PRO A 235 25.06 -30.92 -0.63
C PRO A 235 26.54 -31.12 -0.33
N ARG A 236 27.04 -30.54 0.76
CA ARG A 236 28.45 -30.61 1.10
C ARG A 236 28.79 -31.79 1.98
N ARG A 237 27.97 -32.08 3.00
CA ARG A 237 28.31 -33.17 3.93
C ARG A 237 28.18 -34.55 3.27
N ASN A 238 27.30 -34.69 2.28
CA ASN A 238 27.18 -35.91 1.49
C ASN A 238 27.70 -35.62 0.09
N LYS A 239 28.99 -35.85 -0.11
CA LYS A 239 29.60 -35.58 -1.40
C LYS A 239 29.16 -36.57 -2.47
N GLU A 240 28.81 -37.80 -2.06
CA GLU A 240 28.60 -38.90 -3.01
C GLU A 240 27.19 -38.88 -3.60
N VAL A 241 26.17 -38.90 -2.73
CA VAL A 241 24.79 -38.92 -3.19
C VAL A 241 24.50 -37.73 -4.09
N MET A 242 25.14 -36.59 -3.83
CA MET A 242 24.97 -35.42 -4.68
C MET A 242 25.31 -35.73 -6.13
N TYR A 243 26.45 -36.40 -6.37
CA TYR A 243 26.79 -36.73 -7.75
C TYR A 243 25.81 -37.72 -8.34
N LYS A 244 25.28 -38.62 -7.52
CA LYS A 244 24.29 -39.58 -8.01
C LYS A 244 22.99 -38.87 -8.43
N ILE A 245 22.73 -37.68 -7.92
CA ILE A 245 21.50 -36.98 -8.25
C ILE A 245 21.63 -36.23 -9.57
N ILE A 246 22.65 -35.38 -9.69
CA ILE A 246 22.75 -34.54 -10.86
C ILE A 246 23.16 -35.28 -12.11
N THR A 247 23.47 -36.57 -12.00
CA THR A 247 23.79 -37.33 -13.20
C THR A 247 22.70 -38.31 -13.61
N GLY A 248 21.73 -38.58 -12.74
CA GLY A 248 20.68 -39.51 -13.06
C GLY A 248 19.33 -38.82 -13.06
N LYS A 249 19.35 -37.50 -13.19
CA LYS A 249 18.13 -36.71 -13.15
C LYS A 249 17.32 -36.92 -14.41
N PRO A 250 16.08 -37.38 -14.32
CA PRO A 250 15.26 -37.55 -15.53
C PRO A 250 15.01 -36.22 -16.24
N SER A 251 14.95 -36.31 -17.57
CA SER A 251 14.69 -35.11 -18.38
C SER A 251 13.37 -34.48 -17.98
N GLY A 252 13.36 -33.16 -17.80
CA GLY A 252 12.18 -32.44 -17.38
C GLY A 252 12.08 -32.21 -15.88
N ALA A 253 12.84 -32.97 -15.09
CA ALA A 253 12.91 -32.74 -13.65
C ALA A 253 13.74 -31.51 -13.37
N ILE A 254 13.34 -30.73 -12.35
CA ILE A 254 14.10 -29.58 -11.91
C ILE A 254 14.52 -29.67 -10.46
N SER A 255 14.12 -30.70 -9.73
CA SER A 255 14.56 -30.83 -8.35
C SER A 255 14.65 -32.30 -8.00
N GLY A 256 15.72 -32.65 -7.29
CA GLY A 256 15.85 -33.98 -6.74
C GLY A 256 16.22 -33.85 -5.28
N VAL A 257 15.49 -34.53 -4.40
CA VAL A 257 15.67 -34.35 -2.97
C VAL A 257 15.57 -35.70 -2.29
N GLN A 258 16.55 -36.01 -1.44
CA GLN A 258 16.52 -37.20 -0.60
C GLN A 258 15.76 -36.85 0.66
N LYS A 259 14.45 -37.15 0.70
CA LYS A 259 13.59 -36.67 1.78
C LYS A 259 14.02 -37.24 3.13
N ALA A 260 14.12 -38.56 3.23
CA ALA A 260 14.50 -39.21 4.46
C ALA A 260 15.98 -39.58 4.41
N GLU A 261 16.51 -40.02 5.54
CA GLU A 261 17.91 -40.44 5.68
C GLU A 261 18.19 -41.61 4.74
N ASN A 262 19.03 -41.37 3.72
CA ASN A 262 19.44 -42.41 2.79
C ASN A 262 18.25 -43.11 2.13
N GLY A 263 17.21 -42.32 1.80
CA GLY A 263 16.08 -42.84 1.07
C GLY A 263 16.26 -42.65 -0.42
N PRO A 264 15.24 -42.98 -1.20
CA PRO A 264 15.29 -42.65 -2.63
C PRO A 264 15.22 -41.15 -2.83
N ILE A 265 15.52 -40.75 -4.05
CA ILE A 265 15.50 -39.34 -4.42
C ILE A 265 14.12 -39.00 -4.97
N ASP A 266 13.50 -37.96 -4.43
CA ASP A 266 12.18 -37.51 -4.87
C ASP A 266 12.35 -36.51 -6.01
N TRP A 267 12.12 -36.97 -7.24
CA TRP A 267 12.20 -36.11 -8.41
C TRP A 267 10.89 -35.34 -8.60
N SER A 268 11.04 -34.09 -9.05
CA SER A 268 9.88 -33.29 -9.40
C SER A 268 10.26 -32.34 -10.52
N GLY A 269 9.26 -32.00 -11.35
CA GLY A 269 9.48 -31.07 -12.43
C GLY A 269 8.65 -29.82 -12.25
N ASP A 270 8.15 -29.56 -11.04
CA ASP A 270 7.38 -28.36 -10.73
C ASP A 270 7.96 -27.68 -9.51
N MET A 271 7.54 -26.43 -9.32
CA MET A 271 7.96 -25.70 -8.14
C MET A 271 7.30 -26.31 -6.91
N PRO A 272 7.88 -26.10 -5.73
CA PRO A 272 7.25 -26.59 -4.51
C PRO A 272 6.08 -25.71 -4.10
N LEU A 273 5.13 -26.31 -3.37
CA LEU A 273 3.97 -25.52 -2.97
C LEU A 273 4.37 -24.24 -2.26
N SER A 274 5.39 -24.30 -1.40
CA SER A 274 5.92 -23.14 -0.72
C SER A 274 6.31 -21.99 -1.64
N CYS A 275 6.34 -22.21 -2.96
CA CYS A 275 6.74 -21.19 -3.92
C CYS A 275 5.57 -20.25 -4.20
N SER A 276 5.69 -19.03 -3.73
CA SER A 276 4.65 -18.00 -3.86
C SER A 276 4.55 -17.44 -5.29
N LEU A 277 5.23 -18.02 -6.28
CA LEU A 277 5.19 -17.43 -7.61
C LEU A 277 3.86 -17.72 -8.28
N SER A 278 3.41 -16.79 -9.12
CA SER A 278 2.12 -16.93 -9.78
C SER A 278 2.08 -18.20 -10.61
N GLN A 279 0.90 -18.83 -10.66
CA GLN A 279 0.74 -19.99 -11.53
C GLN A 279 1.03 -19.66 -12.98
N GLY A 280 0.77 -18.41 -13.40
CA GLY A 280 1.14 -18.00 -14.75
C GLY A 280 2.64 -17.99 -15.00
N LEU A 281 3.41 -17.39 -14.08
CA LEU A 281 4.84 -17.34 -14.31
C LEU A 281 5.48 -18.71 -14.15
N GLN A 282 4.99 -19.54 -13.22
CA GLN A 282 5.55 -20.88 -13.10
C GLN A 282 5.48 -21.63 -14.42
N ALA A 283 4.33 -21.53 -15.10
CA ALA A 283 4.14 -22.15 -16.40
C ALA A 283 5.19 -21.72 -17.42
N LEU A 284 5.68 -20.46 -17.33
CA LEU A 284 6.73 -19.97 -18.21
C LEU A 284 8.12 -20.35 -17.74
N LEU A 285 8.34 -20.42 -16.42
CA LEU A 285 9.67 -20.62 -15.87
C LEU A 285 10.07 -22.09 -15.94
N THR A 286 9.18 -22.98 -15.51
CA THR A 286 9.52 -24.40 -15.43
C THR A 286 10.11 -24.98 -16.73
N PRO A 287 9.54 -24.76 -17.92
CA PRO A 287 10.29 -25.05 -19.16
C PRO A 287 11.74 -24.54 -19.19
N VAL A 288 11.99 -23.23 -18.98
CA VAL A 288 13.37 -22.76 -19.18
C VAL A 288 14.27 -23.28 -18.08
N LEU A 289 13.73 -23.77 -16.97
CA LEU A 289 14.59 -24.47 -16.04
C LEU A 289 14.90 -25.86 -16.55
N ALA A 290 13.87 -26.63 -16.91
CA ALA A 290 14.09 -28.03 -17.26
C ALA A 290 15.01 -28.18 -18.45
N ASN A 291 15.03 -27.21 -19.36
CA ASN A 291 15.91 -27.32 -20.51
C ASN A 291 17.27 -26.70 -20.28
N ILE A 292 17.44 -25.99 -19.18
CA ILE A 292 18.73 -25.43 -18.78
C ILE A 292 19.49 -26.41 -17.89
N LEU A 293 18.79 -27.07 -16.99
CA LEU A 293 19.38 -28.09 -16.12
C LEU A 293 19.26 -29.43 -16.82
N GLU A 294 20.10 -29.61 -17.84
CA GLU A 294 20.12 -30.85 -18.59
C GLU A 294 21.56 -31.17 -18.95
N ALA A 295 21.99 -32.37 -18.58
CA ALA A 295 23.42 -32.66 -18.48
C ALA A 295 23.99 -33.36 -19.71
N ASP A 296 23.57 -33.03 -20.93
CA ASP A 296 24.27 -33.53 -22.11
C ASP A 296 24.33 -32.46 -23.19
N GLN A 297 25.34 -32.59 -24.07
CA GLN A 297 25.51 -31.73 -25.24
C GLN A 297 24.15 -31.43 -25.87
N GLU A 298 23.56 -32.39 -26.56
CA GLU A 298 22.20 -32.22 -27.04
C GLU A 298 21.24 -32.70 -25.96
N LYS A 299 19.96 -32.34 -26.13
CA LYS A 299 18.85 -32.36 -25.19
C LYS A 299 18.85 -31.09 -24.37
N CYS A 300 19.98 -30.37 -24.27
CA CYS A 300 20.05 -29.11 -23.55
C CYS A 300 19.92 -27.94 -24.52
N TRP A 301 19.48 -26.80 -23.98
CA TRP A 301 19.33 -25.60 -24.80
C TRP A 301 20.69 -24.94 -25.07
N GLY A 302 20.71 -24.13 -26.13
CA GLY A 302 21.82 -23.26 -26.40
C GLY A 302 21.53 -21.84 -25.93
N PHE A 303 22.59 -21.06 -25.78
CA PHE A 303 22.47 -19.63 -25.48
C PHE A 303 21.40 -18.96 -26.34
N ASP A 304 21.56 -19.03 -27.68
CA ASP A 304 20.65 -18.29 -28.56
C ASP A 304 19.20 -18.63 -28.28
N GLN A 305 18.93 -19.88 -27.89
CA GLN A 305 17.58 -20.28 -27.55
C GLN A 305 17.21 -19.86 -26.14
N PHE A 306 18.15 -19.98 -25.21
CA PHE A 306 17.92 -19.49 -23.86
C PHE A 306 17.64 -18.00 -23.86
N PHE A 307 18.45 -17.19 -24.55
N PHE A 307 18.45 -17.21 -24.56
CA PHE A 307 18.20 -15.74 -24.53
CA PHE A 307 18.26 -15.76 -24.57
C PHE A 307 16.84 -15.44 -25.12
C PHE A 307 16.90 -15.39 -25.17
N ALA A 308 16.52 -16.02 -26.28
CA ALA A 308 15.21 -15.77 -26.87
C ALA A 308 14.08 -16.26 -25.97
N GLU A 309 14.18 -17.47 -25.43
CA GLU A 309 13.07 -17.99 -24.64
C GLU A 309 12.81 -17.13 -23.39
N THR A 310 13.86 -16.78 -22.64
CA THR A 310 13.69 -15.89 -21.50
C THR A 310 13.27 -14.50 -21.94
N SER A 311 13.85 -13.96 -23.02
CA SER A 311 13.40 -12.66 -23.52
C SER A 311 11.90 -12.64 -23.75
N ASP A 312 11.33 -13.80 -24.12
CA ASP A 312 9.89 -13.90 -24.31
C ASP A 312 9.14 -13.68 -23.00
N VAL A 313 9.62 -14.24 -21.90
CA VAL A 313 8.97 -14.01 -20.61
C VAL A 313 9.07 -12.55 -20.20
N LEU A 314 10.23 -11.93 -20.42
CA LEU A 314 10.42 -10.57 -19.95
C LEU A 314 9.67 -9.56 -20.80
N HIS A 315 9.51 -9.79 -22.11
CA HIS A 315 8.76 -8.83 -22.91
C HIS A 315 7.25 -8.96 -22.73
N ARG A 316 6.79 -9.86 -21.86
CA ARG A 316 5.38 -10.05 -21.63
C ARG A 316 4.92 -9.09 -20.55
N MET A 317 3.75 -8.49 -20.75
CA MET A 317 3.10 -7.74 -19.69
C MET A 317 2.15 -8.66 -18.94
N VAL A 318 1.64 -8.18 -17.81
CA VAL A 318 0.85 -9.03 -16.93
C VAL A 318 -0.47 -8.33 -16.65
N ILE A 319 -1.56 -9.07 -16.82
CA ILE A 319 -2.91 -8.62 -16.55
C ILE A 319 -3.40 -9.46 -15.38
N HIS A 320 -4.08 -8.83 -14.43
CA HIS A 320 -4.50 -9.51 -13.21
C HIS A 320 -5.95 -9.89 -13.36
N VAL A 321 -6.27 -11.16 -13.16
CA VAL A 321 -7.67 -11.56 -13.15
C VAL A 321 -7.94 -12.43 -11.94
N PHE A 322 -9.15 -12.32 -11.44
CA PHE A 322 -9.57 -13.05 -10.27
C PHE A 322 -10.84 -13.86 -10.59
N SER A 323 -10.80 -15.16 -10.30
CA SER A 323 -11.92 -16.07 -10.57
C SER A 323 -12.87 -16.09 -9.37
N LEU A 324 -14.04 -15.48 -9.52
CA LEU A 324 -15.00 -15.48 -8.43
C LEU A 324 -15.43 -16.90 -8.05
N GLN A 325 -15.45 -17.83 -8.99
CA GLN A 325 -16.02 -19.11 -8.60
C GLN A 325 -15.01 -20.06 -7.98
N HIS A 326 -13.76 -20.00 -8.45
CA HIS A 326 -12.69 -20.77 -7.82
C HIS A 326 -12.11 -20.07 -6.60
N MET A 327 -12.43 -18.80 -6.42
CA MET A 327 -11.82 -17.92 -5.41
C MET A 327 -10.29 -17.97 -5.48
N THR A 328 -9.77 -17.66 -6.67
CA THR A 328 -8.33 -17.69 -6.94
C THR A 328 -7.92 -16.47 -7.74
N ALA A 329 -6.72 -15.93 -7.45
CA ALA A 329 -6.19 -14.85 -8.27
C ALA A 329 -5.26 -15.41 -9.32
N HIS A 330 -4.94 -14.57 -10.31
CA HIS A 330 -4.26 -15.05 -11.51
C HIS A 330 -3.45 -13.94 -12.14
N LYS A 331 -2.24 -14.26 -12.56
CA LYS A 331 -1.44 -13.38 -13.38
C LYS A 331 -1.44 -13.97 -14.78
N ILE A 332 -1.72 -13.13 -15.78
CA ILE A 332 -1.82 -13.55 -17.17
C ILE A 332 -0.65 -12.94 -17.91
N TYR A 333 0.33 -13.75 -18.29
CA TYR A 333 1.53 -13.19 -18.92
C TYR A 333 1.35 -13.19 -20.42
N ILE A 334 1.11 -12.01 -20.97
CA ILE A 334 0.62 -11.86 -22.32
C ILE A 334 1.43 -10.78 -23.00
N HIS A 335 1.60 -10.90 -24.31
CA HIS A 335 2.30 -9.87 -25.06
C HIS A 335 1.37 -8.69 -25.37
N SER A 336 1.99 -7.51 -25.51
CA SER A 336 1.21 -6.31 -25.80
C SER A 336 0.57 -6.36 -27.17
N TYR A 337 1.23 -6.98 -28.13
CA TYR A 337 0.68 -7.22 -29.46
C TYR A 337 -0.28 -8.41 -29.50
N ASN A 338 -0.34 -9.22 -28.44
CA ASN A 338 -1.23 -10.37 -28.42
C ASN A 338 -2.68 -9.90 -28.49
N THR A 339 -3.52 -10.74 -29.07
CA THR A 339 -4.92 -10.42 -29.31
C THR A 339 -5.82 -10.98 -28.20
N ALA A 340 -6.94 -10.29 -27.98
CA ALA A 340 -7.88 -10.68 -26.94
C ALA A 340 -8.26 -12.16 -27.00
N ALA A 341 -8.18 -12.79 -28.18
CA ALA A 341 -8.52 -14.20 -28.28
C ALA A 341 -7.53 -15.05 -27.50
N VAL A 342 -6.26 -14.64 -27.46
CA VAL A 342 -5.29 -15.42 -26.70
C VAL A 342 -5.38 -15.07 -25.21
N PHE A 343 -5.89 -13.90 -24.86
CA PHE A 343 -6.19 -13.64 -23.46
C PHE A 343 -7.11 -14.72 -22.90
N HIS A 344 -8.23 -14.99 -23.61
CA HIS A 344 -9.13 -16.07 -23.21
C HIS A 344 -8.42 -17.41 -23.12
N GLU A 345 -7.55 -17.70 -24.10
CA GLU A 345 -6.76 -18.92 -24.05
C GLU A 345 -5.97 -18.98 -22.75
N LEU A 346 -5.30 -17.88 -22.40
CA LEU A 346 -4.46 -17.89 -21.19
C LEU A 346 -5.30 -18.02 -19.93
N VAL A 347 -6.48 -17.41 -19.90
CA VAL A 347 -7.38 -17.62 -18.78
C VAL A 347 -7.89 -19.06 -18.77
N TYR A 348 -8.15 -19.65 -19.94
CA TYR A 348 -8.58 -21.05 -19.96
C TYR A 348 -7.50 -21.96 -19.38
N LYS A 349 -6.23 -21.67 -19.66
CA LYS A 349 -5.19 -22.59 -19.20
C LYS A 349 -5.14 -22.70 -17.69
N GLN A 350 -5.42 -21.61 -16.96
CA GLN A 350 -5.40 -21.63 -15.50
C GLN A 350 -6.77 -21.85 -14.87
N THR A 351 -7.85 -21.39 -15.50
CA THR A 351 -9.20 -21.46 -14.93
C THR A 351 -9.98 -22.70 -15.33
N LYS A 352 -9.58 -23.39 -16.39
CA LYS A 352 -10.35 -24.51 -16.95
C LYS A 352 -11.79 -24.11 -17.27
N ILE A 353 -12.04 -22.84 -17.59
CA ILE A 353 -13.35 -22.40 -18.10
C ILE A 353 -13.14 -21.79 -19.48
N VAL A 354 -13.88 -22.30 -20.46
CA VAL A 354 -13.64 -22.03 -21.87
C VAL A 354 -13.98 -20.58 -22.22
N SER A 355 -13.58 -20.15 -23.40
CA SER A 355 -13.73 -18.75 -23.78
C SER A 355 -15.19 -18.36 -23.97
N SER A 356 -15.97 -19.21 -24.64
CA SER A 356 -17.42 -18.96 -24.70
C SER A 356 -18.11 -19.02 -23.30
N ASN A 357 -17.40 -19.07 -22.19
CA ASN A 357 -18.04 -19.15 -20.90
C ASN A 357 -17.57 -18.05 -19.96
N GLN A 358 -16.65 -17.20 -20.41
CA GLN A 358 -15.97 -16.25 -19.55
C GLN A 358 -16.66 -14.90 -19.64
N GLU A 359 -17.33 -14.53 -18.55
CA GLU A 359 -17.90 -13.20 -18.34
C GLU A 359 -16.90 -12.38 -17.56
N LEU A 360 -16.55 -11.21 -18.08
CA LEU A 360 -15.51 -10.36 -17.52
C LEU A 360 -16.10 -9.12 -16.86
N ILE A 361 -15.64 -8.82 -15.65
CA ILE A 361 -16.12 -7.65 -14.91
C ILE A 361 -14.94 -6.76 -14.55
N TYR A 362 -15.04 -5.48 -14.90
CA TYR A 362 -14.03 -4.50 -14.54
C TYR A 362 -14.70 -3.26 -13.97
N GLU A 363 -14.25 -2.85 -12.79
CA GLU A 363 -14.75 -1.66 -12.08
C GLU A 363 -16.27 -1.55 -12.20
N GLY A 364 -16.93 -2.46 -11.50
CA GLY A 364 -18.37 -2.42 -11.33
C GLY A 364 -19.20 -2.74 -12.56
N ARG A 365 -18.60 -2.85 -13.74
CA ARG A 365 -19.36 -3.08 -14.97
C ARG A 365 -18.77 -4.23 -15.76
N ARG A 366 -19.59 -4.72 -16.70
CA ARG A 366 -19.20 -5.85 -17.52
C ARG A 366 -18.20 -5.42 -18.59
N LEU A 367 -17.26 -6.33 -18.91
CA LEU A 367 -16.23 -6.07 -19.89
C LEU A 367 -16.44 -6.94 -21.13
N VAL A 368 -16.31 -6.33 -22.30
CA VAL A 368 -16.55 -6.98 -23.60
C VAL A 368 -15.22 -7.20 -24.31
N LEU A 369 -14.86 -8.46 -24.49
CA LEU A 369 -13.62 -8.83 -25.15
C LEU A 369 -13.84 -8.83 -26.65
N GLU A 370 -13.37 -7.79 -27.32
CA GLU A 370 -13.73 -7.57 -28.72
C GLU A 370 -13.22 -8.65 -29.68
N LEU A 371 -12.49 -9.63 -29.14
CA LEU A 371 -12.01 -10.80 -29.88
C LEU A 371 -10.79 -10.42 -30.72
N GLY A 372 -10.55 -9.12 -30.89
CA GLY A 372 -9.47 -8.67 -31.74
C GLY A 372 -8.70 -7.50 -31.15
N ARG A 373 -9.13 -7.04 -29.98
CA ARG A 373 -8.42 -5.93 -29.36
C ARG A 373 -7.07 -6.41 -28.83
N LEU A 374 -6.09 -5.52 -28.86
CA LEU A 374 -4.76 -5.86 -28.37
C LEU A 374 -4.69 -5.70 -26.85
N ALA A 375 -3.87 -6.55 -26.22
CA ALA A 375 -3.68 -6.47 -24.78
C ALA A 375 -3.07 -5.15 -24.37
N GLN A 376 -2.28 -4.53 -25.24
CA GLN A 376 -1.75 -3.19 -25.01
C GLN A 376 -2.85 -2.21 -24.62
N HIS A 377 -4.08 -2.48 -25.02
CA HIS A 377 -5.20 -1.56 -24.84
C HIS A 377 -6.24 -2.12 -23.89
N PHE A 378 -5.91 -3.16 -23.16
CA PHE A 378 -6.80 -3.62 -22.11
C PHE A 378 -6.83 -2.61 -20.96
N PRO A 379 -7.88 -2.64 -20.15
CA PRO A 379 -7.90 -1.78 -18.95
C PRO A 379 -6.76 -2.11 -17.99
N LYS A 380 -6.12 -1.08 -17.47
CA LYS A 380 -5.02 -1.32 -16.53
C LYS A 380 -5.54 -2.05 -15.30
N THR A 381 -4.78 -3.05 -14.83
CA THR A 381 -5.16 -3.83 -13.67
C THR A 381 -4.02 -3.90 -12.67
N THR A 382 -4.37 -4.10 -11.41
CA THR A 382 -3.42 -4.37 -10.35
C THR A 382 -3.90 -5.58 -9.59
N GLU A 383 -3.03 -6.13 -8.75
CA GLU A 383 -3.39 -7.33 -7.98
C GLU A 383 -4.67 -7.13 -7.19
N GLU A 384 -4.96 -5.90 -6.78
CA GLU A 384 -6.16 -5.61 -6.00
C GLU A 384 -7.28 -4.97 -6.83
N ASN A 385 -6.97 -4.43 -8.01
CA ASN A 385 -7.97 -3.97 -8.96
C ASN A 385 -7.93 -4.88 -10.19
N PRO A 386 -8.32 -6.14 -10.06
CA PRO A 386 -8.23 -7.03 -11.20
C PRO A 386 -9.47 -6.95 -12.08
N ILE A 387 -9.41 -7.70 -13.17
CA ILE A 387 -10.58 -8.06 -13.95
C ILE A 387 -11.15 -9.31 -13.32
N PHE A 388 -12.45 -9.33 -13.05
CA PHE A 388 -13.03 -10.55 -12.47
C PHE A 388 -13.54 -11.45 -13.58
N VAL A 389 -13.58 -12.74 -13.30
CA VAL A 389 -14.10 -13.70 -14.28
C VAL A 389 -15.04 -14.67 -13.59
N THR A 390 -16.22 -14.87 -14.20
CA THR A 390 -17.22 -15.80 -13.70
C THR A 390 -17.96 -16.39 -14.89
N SER A 391 -18.46 -17.62 -14.71
CA SER A 391 -19.27 -18.30 -15.71
C SER A 391 -20.65 -18.65 -15.15
N ARG A 392 -21.56 -19.01 -16.03
CA ARG A 392 -22.88 -19.46 -15.59
C ARG A 392 -22.87 -20.91 -15.11
N GLU A 393 -21.84 -21.70 -15.46
CA GLU A 393 -21.69 -23.09 -15.09
C GLU A 393 -21.15 -23.23 -13.67
N GLN A 394 -21.44 -24.39 -13.05
CA GLN A 394 -21.09 -24.63 -11.66
C GLN A 394 -19.62 -24.99 -11.52
N LEU A 395 -18.96 -24.37 -10.52
CA LEU A 395 -17.54 -24.54 -10.27
C LEU A 395 -17.27 -24.62 -8.78
N ASN A 396 -16.41 -25.55 -8.40
CA ASN A 396 -16.07 -25.73 -7.00
C ASN A 396 -14.98 -24.76 -6.60
N THR A 397 -15.10 -24.17 -5.40
CA THR A 397 -14.11 -23.19 -4.96
C THR A 397 -12.83 -23.92 -4.55
N VAL A 398 -11.70 -23.44 -5.05
CA VAL A 398 -10.40 -23.99 -4.72
C VAL A 398 -9.75 -23.23 -3.57
N GLY A 399 -9.74 -21.91 -3.65
CA GLY A 399 -9.08 -21.07 -2.67
C GLY A 399 -7.58 -20.97 -2.94
N LEU A 400 -6.90 -20.25 -2.04
CA LEU A 400 -5.45 -20.16 -2.13
C LEU A 400 -4.83 -21.52 -1.87
N ARG A 401 -3.98 -21.98 -2.78
CA ARG A 401 -3.12 -23.14 -2.51
C ARG A 401 -1.80 -22.62 -1.91
N TYR A 402 -1.63 -22.80 -0.61
CA TYR A 402 -0.39 -22.54 0.10
C TYR A 402 0.05 -23.84 0.76
N GLU A 403 1.30 -23.89 1.24
CA GLU A 403 1.77 -25.07 1.96
C GLU A 403 1.68 -24.79 3.44
N LYS A 404 1.31 -25.81 4.22
CA LYS A 404 1.11 -25.64 5.65
C LYS A 404 2.45 -25.93 6.31
N ILE A 405 3.14 -24.88 6.77
CA ILE A 405 4.47 -25.00 7.35
C ILE A 405 4.42 -24.69 8.84
N SER A 406 4.97 -25.61 9.63
CA SER A 406 4.92 -25.53 11.08
C SER A 406 6.26 -25.14 11.65
N LEU A 407 6.23 -24.62 12.86
CA LEU A 407 7.47 -24.26 13.54
C LEU A 407 8.34 -25.50 13.72
N PRO A 408 9.65 -25.39 13.54
CA PRO A 408 10.55 -26.50 13.85
C PRO A 408 10.56 -26.80 15.34
N LYS A 409 11.18 -27.91 15.69
CA LYS A 409 11.32 -28.26 17.09
C LYS A 409 12.45 -27.41 17.67
N ILE A 410 12.16 -26.69 18.75
CA ILE A 410 13.15 -25.81 19.36
C ILE A 410 13.85 -26.61 20.45
N HIS A 411 15.13 -26.90 20.28
CA HIS A 411 15.70 -27.80 21.28
C HIS A 411 16.21 -26.99 22.45
N PRO A 412 16.16 -27.55 23.67
CA PRO A 412 16.27 -26.73 24.88
C PRO A 412 17.70 -26.43 25.33
N ARG A 413 18.69 -27.16 24.83
CA ARG A 413 20.08 -26.85 25.14
C ARG A 413 20.39 -25.39 24.83
N TYR A 414 21.38 -24.83 25.51
CA TYR A 414 21.95 -23.55 25.14
C TYR A 414 23.09 -23.80 24.17
N ASP A 415 22.85 -23.48 22.90
CA ASP A 415 23.85 -23.67 21.85
C ASP A 415 23.83 -22.45 20.95
N LEU A 416 24.94 -21.72 20.85
CA LEU A 416 24.91 -20.48 20.08
C LEU A 416 24.73 -20.74 18.60
N ASP A 417 25.39 -21.77 18.07
CA ASP A 417 25.17 -22.13 16.69
C ASP A 417 23.76 -22.66 16.47
N GLY A 418 23.34 -23.62 17.28
CA GLY A 418 22.00 -24.15 17.16
C GLY A 418 20.92 -23.07 17.26
N ASP A 419 20.99 -22.22 18.29
CA ASP A 419 19.96 -21.21 18.48
C ASP A 419 19.91 -20.23 17.33
N ALA A 420 21.06 -19.89 16.74
CA ALA A 420 21.02 -18.99 15.59
C ALA A 420 20.30 -19.66 14.44
N SER A 421 20.72 -20.87 14.09
CA SER A 421 20.04 -21.64 13.04
C SER A 421 18.56 -21.83 13.35
N MET A 422 18.21 -22.04 14.60
CA MET A 422 16.81 -22.21 14.97
C MET A 422 16.03 -20.92 14.79
N ALA A 423 16.58 -19.79 15.24
CA ALA A 423 15.84 -18.54 15.13
C ALA A 423 15.61 -18.16 13.67
N LYS A 424 16.60 -18.39 12.80
CA LYS A 424 16.40 -18.13 11.37
C LYS A 424 15.23 -18.96 10.82
N ALA A 425 15.24 -20.27 11.09
CA ALA A 425 14.15 -21.10 10.60
C ALA A 425 12.82 -20.57 11.08
N VAL A 426 12.73 -20.27 12.38
CA VAL A 426 11.47 -19.81 12.95
C VAL A 426 11.03 -18.51 12.30
N THR A 427 11.95 -17.54 12.15
CA THR A 427 11.60 -16.29 11.50
C THR A 427 11.04 -16.56 10.10
N GLY A 428 11.66 -17.47 9.36
CA GLY A 428 11.17 -17.81 8.03
C GLY A 428 9.75 -18.34 8.01
N VAL A 429 9.43 -19.26 8.93
CA VAL A 429 8.09 -19.84 9.00
C VAL A 429 7.05 -18.77 9.33
N VAL A 430 7.40 -17.80 10.20
CA VAL A 430 6.43 -16.77 10.53
C VAL A 430 6.31 -15.73 9.43
N CYS A 431 7.31 -15.58 8.56
CA CYS A 431 7.10 -14.74 7.39
C CYS A 431 6.17 -15.40 6.40
N TYR A 432 6.38 -16.68 6.12
CA TYR A 432 5.47 -17.38 5.23
C TYR A 432 4.06 -17.31 5.78
N ALA A 433 3.91 -17.62 7.08
CA ALA A 433 2.64 -17.46 7.74
C ALA A 433 2.08 -16.05 7.57
N CYS A 434 2.92 -15.05 7.78
CA CYS A 434 2.46 -13.68 7.76
C CYS A 434 2.14 -13.22 6.35
N ARG A 435 2.93 -13.65 5.38
CA ARG A 435 2.64 -13.32 4.00
C ARG A 435 1.42 -14.04 3.49
N THR A 436 1.29 -15.31 3.87
CA THR A 436 0.12 -16.08 3.50
C THR A 436 -1.12 -15.49 4.12
N ALA A 437 -1.02 -15.06 5.38
CA ALA A 437 -2.16 -14.42 6.03
C ALA A 437 -2.61 -13.20 5.25
N SER A 438 -1.67 -12.49 4.64
CA SER A 438 -2.03 -11.28 3.93
C SER A 438 -2.76 -11.61 2.63
N THR A 439 -2.32 -12.64 1.93
CA THR A 439 -2.98 -13.04 0.69
C THR A 439 -4.40 -13.53 0.98
N LEU A 440 -4.58 -14.35 2.01
CA LEU A 440 -5.91 -14.77 2.45
C LEU A 440 -6.83 -13.57 2.62
N LEU A 441 -6.34 -12.48 3.21
CA LEU A 441 -7.18 -11.30 3.35
C LEU A 441 -7.47 -10.70 1.99
N LEU A 442 -6.51 -10.70 1.07
CA LEU A 442 -6.79 -10.17 -0.26
C LEU A 442 -7.89 -10.98 -0.93
N TYR A 443 -7.77 -12.31 -0.94
CA TYR A 443 -8.76 -13.11 -1.62
C TYR A 443 -10.15 -12.84 -1.08
N GLN A 444 -10.27 -12.59 0.24
CA GLN A 444 -11.58 -12.29 0.78
C GLN A 444 -12.00 -10.88 0.40
N GLU A 445 -11.12 -9.91 0.51
CA GLU A 445 -11.52 -8.56 0.14
C GLU A 445 -11.86 -8.47 -1.34
N LEU A 446 -11.18 -9.25 -2.18
CA LEU A 446 -11.51 -9.23 -3.60
C LEU A 446 -12.81 -9.94 -3.85
N MET A 447 -12.94 -11.16 -3.32
CA MET A 447 -14.20 -11.87 -3.34
C MET A 447 -15.38 -10.96 -3.02
N ARG A 448 -15.30 -10.20 -1.92
CA ARG A 448 -16.42 -9.33 -1.55
C ARG A 448 -16.65 -8.24 -2.59
N LYS A 449 -15.59 -7.59 -3.08
CA LYS A 449 -15.75 -6.60 -4.14
C LYS A 449 -16.42 -7.23 -5.36
N GLY A 450 -16.14 -8.51 -5.62
CA GLY A 450 -16.66 -9.19 -6.79
C GLY A 450 -18.12 -9.58 -6.65
N VAL A 451 -18.45 -10.27 -5.56
CA VAL A 451 -19.84 -10.58 -5.25
C VAL A 451 -20.70 -9.32 -5.32
N ARG A 452 -20.29 -8.27 -4.63
CA ARG A 452 -21.03 -7.01 -4.70
C ARG A 452 -21.25 -6.57 -6.14
N TRP A 453 -20.24 -6.69 -6.99
CA TRP A 453 -20.35 -6.23 -8.36
C TRP A 453 -21.20 -7.16 -9.20
N LEU A 454 -20.99 -8.46 -9.05
CA LEU A 454 -21.80 -9.44 -9.75
C LEU A 454 -23.27 -9.23 -9.46
N VAL A 455 -23.63 -9.03 -8.19
CA VAL A 455 -25.04 -8.85 -7.83
C VAL A 455 -25.60 -7.64 -8.55
N GLU A 456 -24.82 -6.58 -8.70
CA GLU A 456 -25.37 -5.44 -9.41
C GLU A 456 -25.45 -5.69 -10.90
N LEU A 457 -24.64 -6.60 -11.44
CA LEU A 457 -24.72 -6.91 -12.85
C LEU A 457 -25.98 -7.69 -13.18
N VAL A 458 -26.27 -8.71 -12.38
CA VAL A 458 -27.54 -9.43 -12.51
C VAL A 458 -28.71 -8.46 -12.41
N LYS A 459 -28.61 -7.46 -11.54
CA LYS A 459 -29.67 -6.46 -11.50
C LYS A 459 -29.76 -5.72 -12.82
N ASP A 460 -28.65 -5.61 -13.56
CA ASP A 460 -28.75 -4.96 -14.87
C ASP A 460 -29.35 -5.90 -15.91
N ASP A 461 -29.05 -7.20 -15.79
CA ASP A 461 -29.66 -8.23 -16.62
C ASP A 461 -31.15 -8.38 -16.31
N TYR A 462 -31.54 -8.14 -15.05
CA TYR A 462 -32.97 -8.08 -14.70
C TYR A 462 -33.63 -6.86 -15.31
N ASN A 463 -33.10 -5.67 -15.02
CA ASN A 463 -33.70 -4.47 -15.56
C ASN A 463 -33.72 -4.48 -17.09
N GLU A 464 -32.76 -5.15 -17.72
CA GLU A 464 -32.77 -5.24 -19.17
C GLU A 464 -33.93 -6.09 -19.66
N THR A 465 -34.23 -7.16 -18.91
CA THR A 465 -35.31 -8.08 -19.26
C THR A 465 -36.67 -7.44 -19.05
N VAL A 466 -36.89 -6.85 -17.87
CA VAL A 466 -38.18 -6.24 -17.61
C VAL A 466 -38.42 -5.05 -18.54
N HIS A 467 -37.35 -4.42 -19.03
CA HIS A 467 -37.45 -3.32 -20.00
C HIS A 467 -37.97 -3.78 -21.34
N LYS A 468 -37.77 -5.06 -21.69
CA LYS A 468 -38.29 -5.67 -22.92
C LYS A 468 -39.59 -6.39 -22.67
N LYS A 469 -39.79 -6.96 -21.48
CA LYS A 469 -41.11 -7.49 -21.13
C LYS A 469 -42.17 -6.42 -21.27
N THR A 470 -41.96 -5.25 -20.66
CA THR A 470 -42.94 -4.18 -20.80
C THR A 470 -42.94 -3.61 -22.22
N GLU A 471 -41.79 -3.62 -22.88
CA GLU A 471 -41.68 -3.19 -24.28
C GLU A 471 -42.51 -4.07 -25.21
N VAL A 472 -42.67 -5.34 -24.87
CA VAL A 472 -43.43 -6.25 -25.73
C VAL A 472 -44.90 -6.32 -25.32
N VAL A 473 -45.24 -6.03 -24.07
CA VAL A 473 -46.64 -6.07 -23.72
C VAL A 473 -47.38 -4.92 -24.38
N ILE A 474 -46.71 -3.79 -24.61
CA ILE A 474 -47.41 -2.68 -25.27
C ILE A 474 -47.45 -2.92 -26.78
N THR A 475 -47.05 -4.12 -27.19
CA THR A 475 -47.26 -4.64 -28.54
C THR A 475 -48.31 -5.76 -28.57
N LEU A 476 -48.29 -6.67 -27.59
CA LEU A 476 -49.38 -7.63 -27.44
C LEU A 476 -50.71 -6.92 -27.18
N ASP A 477 -50.76 -6.07 -26.14
CA ASP A 477 -52.01 -5.38 -25.81
C ASP A 477 -52.45 -4.43 -26.90
N PHE A 478 -51.53 -4.04 -27.80
CA PHE A 478 -51.80 -3.10 -28.87
C PHE A 478 -52.15 -3.77 -30.17
N CYS A 479 -51.65 -4.98 -30.40
CA CYS A 479 -52.01 -5.78 -31.56
C CYS A 479 -53.17 -6.72 -31.28
N ILE A 480 -53.45 -7.02 -30.01
CA ILE A 480 -54.72 -7.61 -29.64
C ILE A 480 -55.84 -6.59 -29.83
N ARG A 481 -55.58 -5.31 -29.52
CA ARG A 481 -56.54 -4.25 -29.79
C ARG A 481 -56.77 -4.00 -31.29
N ASN A 482 -56.13 -4.77 -32.17
CA ASN A 482 -56.37 -4.70 -33.60
C ASN A 482 -57.32 -5.80 -34.06
N ILE A 483 -56.95 -7.06 -33.84
CA ILE A 483 -57.75 -8.21 -34.28
C ILE A 483 -58.77 -8.65 -33.23
N GLU A 484 -58.78 -8.03 -32.06
CA GLU A 484 -59.70 -8.41 -30.98
C GLU A 484 -60.18 -7.15 -30.26
N LYS A 485 -60.61 -6.15 -31.03
CA LYS A 485 -61.25 -4.95 -30.49
C LYS A 485 -62.64 -4.86 -31.12
N THR A 486 -63.38 -3.80 -30.77
CA THR A 486 -64.74 -3.60 -31.26
C THR A 486 -64.72 -3.24 -32.76
N VAL A 487 -63.59 -3.54 -33.41
CA VAL A 487 -63.41 -3.37 -34.84
C VAL A 487 -63.51 -4.71 -35.57
N LYS A 488 -62.83 -5.75 -35.07
CA LYS A 488 -62.84 -7.09 -35.66
C LYS A 488 -64.22 -7.77 -35.59
N VAL A 489 -64.60 -8.26 -34.40
CA VAL A 489 -65.87 -8.97 -34.26
C VAL A 489 -66.74 -8.37 -33.15
N VAL A 496 -76.78 -9.75 -33.95
CA VAL A 496 -75.49 -9.85 -34.61
C VAL A 496 -75.25 -11.28 -35.11
N ASN A 497 -75.81 -11.61 -36.28
CA ASN A 497 -75.53 -12.88 -36.96
C ASN A 497 -74.50 -12.65 -38.06
N LEU A 498 -73.45 -13.49 -38.09
CA LEU A 498 -72.34 -13.30 -39.01
C LEU A 498 -71.82 -14.66 -39.47
N GLU A 499 -71.40 -14.76 -40.73
CA GLU A 499 -70.81 -16.01 -41.23
C GLU A 499 -69.49 -15.76 -41.97
N ALA A 500 -69.32 -14.56 -42.54
CA ALA A 500 -68.04 -14.16 -43.09
C ALA A 500 -67.34 -13.09 -42.27
N ALA A 501 -67.97 -12.56 -41.22
CA ALA A 501 -67.28 -11.64 -40.32
C ALA A 501 -66.20 -12.38 -39.55
N GLU A 502 -64.94 -11.99 -39.79
CA GLU A 502 -63.76 -12.80 -39.51
C GLU A 502 -63.83 -13.61 -38.21
N LEU A 503 -64.21 -14.90 -38.33
CA LEU A 503 -64.21 -15.86 -37.23
C LEU A 503 -63.41 -17.12 -37.59
N GLY A 504 -62.56 -17.07 -38.62
CA GLY A 504 -61.90 -18.24 -39.17
C GLY A 504 -60.41 -18.41 -38.88
N GLU A 505 -59.59 -18.49 -39.92
CA GLU A 505 -58.17 -18.81 -39.78
C GLU A 505 -57.39 -17.75 -39.02
N ILE A 506 -57.91 -16.52 -38.95
CA ILE A 506 -57.33 -15.47 -38.10
C ILE A 506 -57.71 -15.66 -36.63
N SER A 507 -58.83 -16.32 -36.36
CA SER A 507 -59.21 -16.62 -34.98
C SER A 507 -58.24 -17.58 -34.31
N ASP A 508 -57.42 -18.32 -35.08
CA ASP A 508 -56.36 -19.14 -34.47
C ASP A 508 -55.18 -18.28 -33.99
N ILE A 509 -54.94 -17.14 -34.63
CA ILE A 509 -53.87 -16.25 -34.18
C ILE A 509 -54.31 -15.46 -32.95
N HIS A 510 -55.57 -15.01 -32.93
CA HIS A 510 -56.14 -14.40 -31.74
C HIS A 510 -56.10 -15.36 -30.54
N THR A 511 -56.12 -16.67 -30.80
CA THR A 511 -56.03 -17.67 -29.72
C THR A 511 -54.61 -17.77 -29.17
N LYS A 512 -53.60 -17.82 -30.05
CA LYS A 512 -52.22 -17.82 -29.58
C LYS A 512 -51.90 -16.51 -28.87
N LEU A 513 -52.44 -15.40 -29.37
CA LEU A 513 -52.19 -14.09 -28.78
C LEU A 513 -52.88 -13.93 -27.42
N LEU A 514 -53.95 -14.68 -27.18
CA LEU A 514 -54.56 -14.70 -25.86
C LEU A 514 -53.73 -15.55 -24.89
N ARG A 515 -53.23 -16.69 -25.36
CA ARG A 515 -52.37 -17.54 -24.53
C ARG A 515 -50.97 -16.96 -24.38
N LEU A 516 -50.57 -16.04 -25.26
CA LEU A 516 -49.32 -15.32 -25.06
C LEU A 516 -49.47 -14.24 -24.00
N SER A 517 -50.59 -13.51 -24.01
CA SER A 517 -50.80 -12.48 -23.01
C SER A 517 -51.03 -13.07 -21.63
N SER A 518 -51.64 -14.26 -21.55
CA SER A 518 -51.88 -14.86 -20.24
C SER A 518 -50.62 -15.53 -19.69
N SER A 519 -49.89 -16.26 -20.55
CA SER A 519 -48.63 -16.85 -20.12
C SER A 519 -47.64 -15.78 -19.67
N GLN A 520 -47.70 -14.61 -20.29
CA GLN A 520 -46.91 -13.47 -19.84
C GLN A 520 -47.29 -13.05 -18.41
N GLY A 521 -48.47 -13.46 -17.93
CA GLY A 521 -48.86 -13.15 -16.57
C GLY A 521 -47.93 -13.79 -15.54
N THR A 522 -47.71 -15.10 -15.65
CA THR A 522 -46.85 -15.80 -14.70
C THR A 522 -45.38 -15.52 -14.94
N ILE A 523 -45.03 -14.94 -16.09
CA ILE A 523 -43.68 -14.41 -16.29
C ILE A 523 -43.39 -13.31 -15.27
N GLU A 524 -44.33 -12.38 -15.12
CA GLU A 524 -44.22 -11.31 -14.12
C GLU A 524 -44.19 -11.87 -12.70
N SER A 525 -44.92 -12.96 -12.44
CA SER A 525 -44.94 -13.55 -11.11
C SER A 525 -43.60 -14.16 -10.75
N SER A 526 -42.96 -14.84 -11.70
CA SER A 526 -41.60 -15.34 -11.48
C SER A 526 -40.57 -14.23 -11.56
N LEU A 527 -40.81 -13.22 -12.39
CA LEU A 527 -39.87 -12.11 -12.50
C LEU A 527 -39.79 -11.32 -11.20
N GLN A 528 -40.93 -11.09 -10.55
CA GLN A 528 -40.91 -10.46 -9.24
C GLN A 528 -40.19 -11.31 -8.21
N ASP A 529 -40.40 -12.62 -8.25
CA ASP A 529 -39.80 -13.51 -7.25
C ASP A 529 -38.28 -13.43 -7.27
N ILE A 530 -37.68 -13.23 -8.44
CA ILE A 530 -36.23 -13.10 -8.44
C ILE A 530 -35.82 -11.69 -8.03
N SER A 531 -36.69 -10.68 -8.24
CA SER A 531 -36.37 -9.35 -7.76
C SER A 531 -36.31 -9.30 -6.24
N SER A 532 -37.20 -10.05 -5.56
CA SER A 532 -37.21 -10.20 -4.12
C SER A 532 -36.03 -11.01 -3.60
N ARG A 533 -35.28 -11.69 -4.45
CA ARG A 533 -34.06 -12.30 -3.95
C ARG A 533 -32.85 -11.45 -4.28
N LEU A 534 -32.95 -10.61 -5.31
CA LEU A 534 -31.90 -9.64 -5.61
C LEU A 534 -31.98 -8.42 -4.72
N SER A 535 -33.16 -8.13 -4.18
CA SER A 535 -33.40 -7.02 -3.26
C SER A 535 -32.35 -7.00 -2.13
N PRO A 536 -32.23 -5.87 -1.42
CA PRO A 536 -31.20 -5.79 -0.37
C PRO A 536 -31.44 -6.74 0.80
N GLY A 537 -32.69 -6.94 1.23
CA GLY A 537 -32.99 -7.85 2.30
C GLY A 537 -33.16 -9.30 1.90
N GLY A 538 -33.23 -9.59 0.60
CA GLY A 538 -33.63 -10.91 0.11
C GLY A 538 -32.61 -12.00 0.37
N LEU A 539 -33.01 -13.22 -0.02
CA LEU A 539 -32.26 -14.43 0.29
C LEU A 539 -31.09 -14.68 -0.67
N LEU A 540 -30.67 -13.67 -1.44
CA LEU A 540 -29.35 -13.67 -2.07
C LEU A 540 -28.51 -12.48 -1.62
N ALA A 541 -28.97 -11.71 -0.66
CA ALA A 541 -28.16 -10.62 -0.15
C ALA A 541 -26.84 -11.15 0.38
N ASP A 542 -25.77 -10.40 0.07
CA ASP A 542 -24.40 -10.76 0.48
C ASP A 542 -24.14 -10.44 1.95
N THR A 543 -24.99 -11.00 2.82
CA THR A 543 -24.82 -10.74 4.25
C THR A 543 -23.74 -11.62 4.87
N TRP A 544 -23.60 -12.86 4.38
CA TRP A 544 -22.46 -13.69 4.80
C TRP A 544 -21.14 -12.99 4.51
N ALA A 545 -21.09 -12.20 3.42
CA ALA A 545 -19.84 -11.60 2.98
C ALA A 545 -19.25 -10.63 4.01
N HIS A 546 -20.09 -9.91 4.74
CA HIS A 546 -19.58 -8.98 5.73
C HIS A 546 -19.54 -9.58 7.13
N GLN A 547 -20.12 -10.76 7.31
CA GLN A 547 -20.02 -11.45 8.59
C GLN A 547 -18.86 -12.44 8.62
N GLU A 548 -18.78 -13.34 7.64
CA GLU A 548 -17.75 -14.37 7.69
C GLU A 548 -16.39 -13.84 7.26
N GLY A 549 -15.36 -14.49 7.76
CA GLY A 549 -14.00 -14.20 7.34
C GLY A 549 -13.43 -12.99 8.02
N THR A 550 -12.19 -12.69 7.67
CA THR A 550 -11.48 -11.61 8.33
C THR A 550 -11.60 -10.32 7.53
N HIS A 551 -11.37 -9.20 8.21
CA HIS A 551 -11.48 -7.89 7.60
C HIS A 551 -10.22 -7.07 7.77
N PRO A 552 -10.05 -6.03 6.96
CA PRO A 552 -8.97 -5.09 7.24
C PRO A 552 -9.04 -4.53 8.65
N ARG A 553 -10.24 -4.18 9.13
CA ARG A 553 -10.34 -3.62 10.48
C ARG A 553 -9.88 -4.62 11.54
N ASP A 554 -9.86 -5.92 11.25
CA ASP A 554 -9.37 -6.91 12.20
C ASP A 554 -7.88 -6.77 12.46
N ARG A 555 -7.17 -6.07 11.59
CA ARG A 555 -5.73 -5.89 11.72
C ARG A 555 -5.01 -7.19 12.06
N ASN A 556 -5.31 -8.25 11.32
CA ASN A 556 -4.66 -9.51 11.62
C ASN A 556 -3.25 -9.58 11.08
N VAL A 557 -3.00 -8.94 9.93
CA VAL A 557 -1.67 -9.01 9.35
C VAL A 557 -0.69 -8.22 10.19
N GLU A 558 -1.10 -7.01 10.62
CA GLU A 558 -0.19 -6.16 11.37
C GLU A 558 0.01 -6.69 12.79
N LYS A 559 -0.96 -7.47 13.28
CA LYS A 559 -0.81 -8.19 14.54
C LYS A 559 0.29 -9.22 14.42
N LEU A 560 0.17 -10.09 13.41
CA LEU A 560 1.26 -10.98 13.07
C LEU A 560 2.56 -10.20 12.88
N GLN A 561 2.53 -9.11 12.11
CA GLN A 561 3.75 -8.38 11.84
C GLN A 561 4.45 -7.96 13.12
N VAL A 562 3.68 -7.48 14.11
CA VAL A 562 4.24 -7.06 15.39
C VAL A 562 5.03 -8.19 16.06
N LEU A 563 4.48 -9.41 16.05
CA LEU A 563 5.21 -10.55 16.59
C LEU A 563 6.43 -10.87 15.73
N LEU A 564 6.24 -10.83 14.41
CA LEU A 564 7.35 -11.13 13.52
C LEU A 564 8.52 -10.19 13.73
N ASN A 565 8.24 -8.96 14.18
CA ASN A 565 9.33 -8.02 14.44
C ASN A 565 10.07 -8.38 15.72
N CYS A 566 9.35 -8.85 16.75
CA CYS A 566 10.05 -9.35 17.91
C CYS A 566 10.93 -10.51 17.53
N ILE A 567 10.37 -11.50 16.83
CA ILE A 567 11.14 -12.66 16.43
C ILE A 567 12.33 -12.24 15.59
N THR A 568 12.13 -11.30 14.67
CA THR A 568 13.22 -10.94 13.78
C THR A 568 14.35 -10.27 14.55
N GLU A 569 14.02 -9.32 15.41
CA GLU A 569 15.04 -8.67 16.22
C GLU A 569 15.88 -9.67 17.02
N ILE A 570 15.25 -10.73 17.54
CA ILE A 570 15.96 -11.74 18.32
C ILE A 570 16.89 -12.54 17.45
N TYR A 571 16.37 -13.06 16.33
CA TYR A 571 17.22 -13.75 15.36
C TYR A 571 18.44 -12.92 15.01
N TYR A 572 18.25 -11.63 14.76
CA TYR A 572 19.40 -10.81 14.41
C TYR A 572 20.40 -10.73 15.55
N GLN A 573 19.92 -10.67 16.78
CA GLN A 573 20.84 -10.71 17.91
C GLN A 573 21.46 -12.10 18.06
N PHE A 574 20.72 -13.16 17.77
CA PHE A 574 21.32 -14.50 17.90
C PHE A 574 22.39 -14.74 16.85
N LYS A 575 22.26 -14.13 15.66
CA LYS A 575 23.37 -14.12 14.74
C LYS A 575 24.58 -13.52 15.40
N LYS A 576 24.42 -12.31 15.96
CA LYS A 576 25.55 -11.63 16.58
C LYS A 576 26.19 -12.50 17.68
N ASP A 577 25.36 -13.15 18.50
CA ASP A 577 25.88 -14.04 19.53
C ASP A 577 26.67 -15.19 18.94
N LYS A 578 26.09 -15.89 17.95
CA LYS A 578 26.83 -16.94 17.25
C LYS A 578 28.21 -16.46 16.83
N ALA A 579 28.31 -15.25 16.29
CA ALA A 579 29.58 -14.71 15.84
C ALA A 579 30.58 -14.61 16.97
N GLU A 580 30.13 -14.18 18.16
CA GLU A 580 31.00 -14.06 19.31
C GLU A 580 31.53 -15.38 19.82
N ARG A 581 30.84 -16.48 19.52
CA ARG A 581 31.20 -17.86 19.86
C ARG A 581 31.12 -18.13 21.35
N ARG A 582 31.24 -17.09 22.17
CA ARG A 582 31.16 -17.18 23.63
C ARG A 582 30.48 -15.94 24.20
N LEU A 583 29.46 -16.12 25.00
CA LEU A 583 28.77 -14.99 25.59
C LEU A 583 29.24 -14.75 27.02
N ALA A 584 29.39 -13.47 27.40
CA ALA A 584 29.69 -13.07 28.77
C ALA A 584 28.54 -13.49 29.72
N TYR A 585 28.76 -13.33 31.03
CA TYR A 585 27.84 -14.02 31.96
C TYR A 585 26.42 -13.53 31.83
N ASN A 586 26.20 -12.21 31.99
CA ASN A 586 24.84 -11.69 31.93
C ASN A 586 24.23 -11.91 30.56
N GLU A 587 25.02 -11.69 29.50
CA GLU A 587 24.53 -11.85 28.13
C GLU A 587 24.08 -13.27 27.86
N GLU A 588 24.85 -14.26 28.30
CA GLU A 588 24.39 -15.63 28.22
C GLU A 588 22.99 -15.77 28.75
N GLN A 589 22.71 -15.18 29.92
CA GLN A 589 21.43 -15.40 30.56
C GLN A 589 20.34 -14.63 29.84
N ILE A 590 20.65 -13.43 29.35
CA ILE A 590 19.69 -12.71 28.51
C ILE A 590 19.40 -13.49 27.25
N HIS A 591 20.44 -14.04 26.59
CA HIS A 591 20.22 -14.83 25.39
C HIS A 591 19.31 -16.02 25.66
N LYS A 592 19.46 -16.65 26.83
CA LYS A 592 18.61 -17.78 27.19
C LYS A 592 17.17 -17.36 27.41
N PHE A 593 16.94 -16.13 27.87
CA PHE A 593 15.59 -15.64 28.06
C PHE A 593 14.95 -15.27 26.75
N ASP A 594 15.71 -14.56 25.90
CA ASP A 594 15.27 -14.25 24.55
C ASP A 594 14.90 -15.51 23.78
N LYS A 595 15.62 -16.63 23.99
CA LYS A 595 15.20 -17.86 23.32
C LYS A 595 13.83 -18.32 23.77
N GLN A 596 13.45 -18.10 25.04
CA GLN A 596 12.07 -18.39 25.45
C GLN A 596 11.10 -17.40 24.84
N LYS A 597 11.45 -16.11 24.85
CA LYS A 597 10.61 -15.09 24.23
C LYS A 597 10.37 -15.41 22.77
N LEU A 598 11.42 -15.82 22.06
CA LEU A 598 11.29 -16.14 20.64
C LEU A 598 10.30 -17.27 20.44
N TYR A 599 10.39 -18.33 21.23
CA TYR A 599 9.45 -19.42 21.06
C TYR A 599 8.04 -19.01 21.49
N TYR A 600 7.92 -18.12 22.47
CA TYR A 600 6.59 -17.67 22.88
C TYR A 600 5.95 -16.82 21.79
N HIS A 601 6.71 -15.89 21.21
CA HIS A 601 6.15 -15.08 20.15
C HIS A 601 5.74 -15.92 18.96
N ALA A 602 6.58 -16.87 18.58
CA ALA A 602 6.34 -17.64 17.37
C ALA A 602 5.12 -18.53 17.54
N THR A 603 5.00 -19.26 18.66
CA THR A 603 3.82 -20.10 18.80
C THR A 603 2.56 -19.27 18.91
N LYS A 604 2.66 -18.04 19.44
CA LYS A 604 1.48 -17.18 19.49
C LYS A 604 1.12 -16.69 18.10
N ALA A 605 2.11 -16.30 17.29
CA ALA A 605 1.86 -15.88 15.92
C ALA A 605 1.30 -17.02 15.11
N MET A 606 1.88 -18.20 15.25
CA MET A 606 1.42 -19.36 14.52
C MET A 606 -0.02 -19.73 14.87
N SER A 607 -0.30 -19.90 16.17
CA SER A 607 -1.67 -20.26 16.53
C SER A 607 -2.66 -19.13 16.20
N HIS A 608 -2.18 -17.90 16.15
CA HIS A 608 -3.08 -16.84 15.69
C HIS A 608 -3.39 -16.98 14.23
N PHE A 609 -2.36 -17.28 13.43
CA PHE A 609 -2.56 -17.54 12.01
C PHE A 609 -3.53 -18.68 11.79
N SER A 610 -3.40 -19.75 12.57
CA SER A 610 -4.30 -20.90 12.41
C SER A 610 -5.71 -20.54 12.85
N GLU A 611 -5.90 -20.26 14.13
CA GLU A 611 -7.25 -20.18 14.70
C GLU A 611 -8.00 -18.90 14.35
N GLU A 612 -7.34 -17.88 13.77
CA GLU A 612 -8.03 -16.65 13.42
C GLU A 612 -8.04 -16.34 11.93
N CYS A 613 -6.93 -16.55 11.21
CA CYS A 613 -6.88 -16.16 9.80
C CYS A 613 -7.39 -17.27 8.90
N VAL A 614 -6.85 -18.48 9.10
CA VAL A 614 -7.21 -19.62 8.27
C VAL A 614 -8.61 -20.08 8.60
N ARG A 615 -8.91 -20.21 9.89
CA ARG A 615 -10.20 -20.73 10.31
C ARG A 615 -11.35 -19.86 9.81
N LYS A 616 -11.24 -18.54 9.97
CA LYS A 616 -12.26 -17.65 9.41
C LYS A 616 -12.22 -17.62 7.89
N TYR A 617 -11.06 -17.80 7.28
CA TYR A 617 -11.02 -17.76 5.82
C TYR A 617 -11.76 -18.94 5.25
N GLU A 618 -11.51 -20.14 5.78
CA GLU A 618 -12.22 -21.32 5.30
C GLU A 618 -13.72 -21.20 5.51
N ALA A 619 -14.16 -20.65 6.65
CA ALA A 619 -15.58 -20.40 6.86
C ALA A 619 -16.16 -19.51 5.78
N PHE A 620 -15.44 -18.46 5.41
CA PHE A 620 -15.85 -17.60 4.31
C PHE A 620 -15.82 -18.34 2.99
N LYS A 621 -14.83 -19.22 2.81
CA LYS A 621 -14.76 -20.01 1.58
C LYS A 621 -16.02 -20.87 1.40
N ASP A 622 -16.41 -21.60 2.44
CA ASP A 622 -17.57 -22.49 2.29
C ASP A 622 -18.86 -21.71 2.16
N LYS A 623 -18.95 -20.54 2.81
CA LYS A 623 -20.14 -19.71 2.64
C LYS A 623 -20.22 -19.16 1.22
N SER A 624 -19.08 -18.95 0.55
CA SER A 624 -19.17 -18.48 -0.82
C SER A 624 -19.50 -19.59 -1.81
N GLU A 625 -19.05 -20.82 -1.54
CA GLU A 625 -19.47 -21.93 -2.39
C GLU A 625 -20.98 -22.13 -2.32
N GLU A 626 -21.55 -22.00 -1.12
CA GLU A 626 -22.99 -22.14 -0.94
C GLU A 626 -23.76 -21.02 -1.63
N TRP A 627 -23.29 -19.78 -1.50
CA TRP A 627 -23.95 -18.64 -2.10
C TRP A 627 -23.80 -18.64 -3.60
N MET A 628 -22.75 -19.28 -4.11
CA MET A 628 -22.58 -19.32 -5.55
C MET A 628 -23.62 -20.22 -6.20
N ARG A 629 -23.88 -21.38 -5.59
CA ARG A 629 -24.94 -22.25 -6.06
C ARG A 629 -26.27 -21.52 -6.14
N LYS A 630 -26.62 -20.75 -5.11
CA LYS A 630 -27.84 -19.96 -5.18
C LYS A 630 -27.78 -18.92 -6.29
N MET A 631 -26.59 -18.41 -6.58
CA MET A 631 -26.51 -17.37 -7.59
C MET A 631 -26.71 -17.94 -8.99
N LEU A 632 -25.97 -19.00 -9.32
CA LEU A 632 -26.11 -19.60 -10.65
C LEU A 632 -27.52 -20.13 -10.85
N HIS A 633 -28.16 -20.60 -9.78
CA HIS A 633 -29.54 -21.07 -9.88
C HIS A 633 -30.52 -19.93 -10.16
N LEU A 634 -30.22 -18.72 -9.71
CA LEU A 634 -31.09 -17.59 -10.03
C LEU A 634 -30.79 -17.06 -11.42
N ARG A 635 -29.53 -17.15 -11.85
CA ARG A 635 -29.13 -16.62 -13.14
C ARG A 635 -29.63 -17.50 -14.28
N LYS A 636 -29.69 -18.82 -14.04
CA LYS A 636 -30.38 -19.74 -14.94
C LYS A 636 -31.83 -19.32 -15.10
N GLN A 637 -32.53 -19.08 -13.99
CA GLN A 637 -33.95 -18.74 -14.02
C GLN A 637 -34.19 -17.42 -14.74
N LEU A 638 -33.46 -16.38 -14.34
CA LEU A 638 -33.63 -15.10 -15.00
C LEU A 638 -33.35 -15.20 -16.49
N LEU A 639 -32.35 -16.00 -16.88
CA LEU A 639 -32.11 -16.26 -18.31
C LEU A 639 -33.34 -16.88 -18.99
N SER A 640 -33.86 -17.96 -18.41
CA SER A 640 -35.06 -18.60 -18.94
C SER A 640 -36.20 -17.62 -19.14
N LEU A 641 -36.29 -16.62 -18.27
CA LEU A 641 -37.32 -15.62 -18.43
C LEU A 641 -36.93 -14.60 -19.50
N THR A 642 -35.65 -14.37 -19.71
CA THR A 642 -35.27 -13.47 -20.79
C THR A 642 -35.56 -14.11 -22.14
N ASN A 643 -35.09 -15.35 -22.33
CA ASN A 643 -35.36 -16.07 -23.57
C ASN A 643 -36.85 -16.15 -23.82
N GLN A 644 -37.62 -16.42 -22.78
CA GLN A 644 -39.07 -16.48 -22.92
C GLN A 644 -39.63 -15.22 -23.53
N CYS A 645 -38.99 -14.08 -23.33
CA CYS A 645 -39.52 -12.84 -23.85
C CYS A 645 -39.12 -12.62 -25.29
N PHE A 646 -37.86 -12.88 -25.60
CA PHE A 646 -37.45 -12.88 -27.00
C PHE A 646 -38.29 -13.82 -27.83
N ASP A 647 -38.71 -14.95 -27.23
CA ASP A 647 -39.66 -15.85 -27.89
C ASP A 647 -40.95 -15.13 -28.19
N ILE A 648 -41.53 -14.50 -27.17
CA ILE A 648 -42.79 -13.78 -27.37
C ILE A 648 -42.59 -12.63 -28.36
N GLU A 649 -41.46 -11.92 -28.25
CA GLU A 649 -41.18 -10.91 -29.27
C GLU A 649 -41.13 -11.53 -30.65
N GLU A 650 -40.51 -12.73 -30.77
CA GLU A 650 -40.37 -13.42 -32.05
C GLU A 650 -41.75 -13.81 -32.60
N GLU A 651 -42.58 -14.42 -31.76
CA GLU A 651 -43.90 -14.93 -32.16
C GLU A 651 -44.93 -13.82 -32.32
N VAL A 652 -44.63 -12.59 -31.93
CA VAL A 652 -45.57 -11.49 -32.08
C VAL A 652 -45.09 -10.60 -33.23
N SER A 653 -43.77 -10.55 -33.47
CA SER A 653 -43.25 -9.86 -34.64
C SER A 653 -43.65 -10.55 -35.94
N LYS A 654 -44.13 -11.80 -35.87
CA LYS A 654 -44.70 -12.47 -37.03
C LYS A 654 -46.13 -12.01 -37.30
N TYR A 655 -46.99 -12.06 -36.28
CA TYR A 655 -48.39 -11.65 -36.47
C TYR A 655 -48.55 -10.13 -36.56
N GLN A 656 -47.50 -9.35 -36.25
CA GLN A 656 -47.56 -7.89 -36.36
C GLN A 656 -47.82 -7.44 -37.80
N ASP A 657 -47.24 -8.17 -38.77
CA ASP A 657 -47.37 -7.87 -40.20
C ASP A 657 -48.55 -8.67 -40.74
N TYR A 658 -49.72 -8.03 -40.83
CA TYR A 658 -50.94 -8.64 -41.33
C TYR A 658 -51.37 -7.95 -42.63
N THR A 659 -52.55 -8.33 -43.13
CA THR A 659 -53.10 -7.83 -44.40
C THR A 659 -54.63 -7.83 -44.37
N LEU B 5 29.42 6.19 35.01
CA LEU B 5 30.65 6.49 34.28
C LEU B 5 30.84 5.47 33.14
N ASP B 6 31.11 4.20 33.50
CA ASP B 6 31.39 3.16 32.50
C ASP B 6 31.38 1.79 33.15
N GLY B 7 30.46 0.92 32.72
CA GLY B 7 30.35 -0.39 33.32
C GLY B 7 30.00 -0.33 34.79
N ILE B 8 29.28 0.71 35.20
CA ILE B 8 28.83 0.86 36.58
C ILE B 8 27.40 0.36 36.70
N CYS B 9 27.14 -0.42 37.73
CA CYS B 9 25.82 -1.00 37.96
C CYS B 9 25.22 -0.45 39.23
N GLN B 10 23.98 0.00 39.14
CA GLN B 10 23.14 0.10 40.33
C GLN B 10 22.22 -1.11 40.34
N SER B 11 21.64 -1.40 41.52
CA SER B 11 20.70 -2.51 41.56
C SER B 11 19.81 -2.35 42.79
N THR B 12 18.66 -3.02 42.73
CA THR B 12 17.84 -3.34 43.88
C THR B 12 17.94 -4.84 44.05
N SER B 13 17.23 -5.37 45.06
CA SER B 13 17.21 -6.81 45.25
C SER B 13 16.62 -7.55 44.05
N ASN B 14 15.89 -6.84 43.18
CA ASN B 14 15.15 -7.47 42.12
C ASN B 14 15.51 -7.00 40.72
N HIS B 15 16.07 -5.81 40.56
CA HIS B 15 16.45 -5.28 39.25
C HIS B 15 17.90 -4.82 39.26
N LEU B 16 18.46 -4.62 38.06
CA LEU B 16 19.75 -3.97 37.95
C LEU B 16 19.76 -3.12 36.69
N TRP B 17 20.65 -2.13 36.65
CA TRP B 17 20.73 -1.24 35.51
C TRP B 17 22.13 -0.67 35.39
N LEU B 18 22.47 -0.24 34.18
CA LEU B 18 23.74 0.40 33.91
C LEU B 18 23.55 1.91 33.88
N LEU B 19 24.41 2.65 34.57
CA LEU B 19 24.27 4.11 34.56
C LEU B 19 24.38 4.68 33.16
N SER B 20 25.08 3.96 32.28
CA SER B 20 25.22 4.35 30.87
C SER B 20 23.94 4.12 30.09
N ASP B 21 23.06 3.24 30.57
CA ASP B 21 21.81 2.94 29.87
C ASP B 21 20.74 3.95 30.23
N ILE B 22 21.03 5.23 30.09
CA ILE B 22 20.15 6.27 30.62
C ILE B 22 19.12 6.65 29.58
N LEU B 23 17.86 6.70 29.99
CA LEU B 23 16.76 7.10 29.12
C LEU B 23 16.31 8.54 29.32
N GLY B 24 16.53 9.10 30.48
CA GLY B 24 15.89 10.39 30.74
C GLY B 24 16.54 11.10 31.89
N GLN B 25 17.01 12.31 31.62
CA GLN B 25 17.74 13.10 32.59
C GLN B 25 16.86 14.29 32.95
N GLY B 26 16.16 14.21 34.08
CA GLY B 26 15.40 15.32 34.60
C GLY B 26 16.09 16.02 35.77
N ALA B 27 15.47 17.11 36.23
CA ALA B 27 16.06 17.91 37.30
C ALA B 27 15.98 17.20 38.65
N THR B 28 14.93 16.41 38.86
CA THR B 28 14.72 15.72 40.13
C THR B 28 15.23 14.29 40.13
N ALA B 29 15.18 13.61 38.97
CA ALA B 29 15.52 12.20 38.88
C ALA B 29 16.21 11.92 37.55
N ASN B 30 16.55 10.65 37.36
CA ASN B 30 17.08 10.11 36.12
C ASN B 30 16.41 8.76 35.90
N VAL B 31 16.21 8.39 34.65
CA VAL B 31 15.60 7.13 34.29
C VAL B 31 16.59 6.27 33.50
N PHE B 32 16.64 4.99 33.82
CA PHE B 32 17.59 4.07 33.23
C PHE B 32 16.86 2.87 32.65
N ARG B 33 17.47 2.23 31.65
CA ARG B 33 16.98 0.94 31.20
C ARG B 33 17.56 -0.14 32.12
N GLY B 34 16.68 -0.95 32.70
CA GLY B 34 17.09 -2.00 33.60
C GLY B 34 16.40 -3.33 33.27
N ARG B 35 16.78 -4.35 34.03
CA ARG B 35 16.16 -5.67 33.86
C ARG B 35 15.79 -6.26 35.20
N HIS B 36 14.81 -7.12 35.18
CA HIS B 36 14.47 -7.93 36.34
C HIS B 36 15.49 -9.04 36.46
N LYS B 37 16.21 -9.12 37.60
CA LYS B 37 17.36 -10.02 37.68
C LYS B 37 16.98 -11.47 37.36
N LYS B 38 15.79 -11.92 37.79
CA LYS B 38 15.48 -13.34 37.65
C LYS B 38 14.79 -13.69 36.35
N THR B 39 14.01 -12.79 35.76
CA THR B 39 13.36 -13.09 34.50
C THR B 39 14.06 -12.49 33.30
N GLY B 40 14.80 -11.42 33.48
CA GLY B 40 15.42 -10.71 32.41
C GLY B 40 14.56 -9.64 31.75
N ASP B 41 13.29 -9.52 32.13
CA ASP B 41 12.43 -8.55 31.46
C ASP B 41 12.95 -7.13 31.64
N LEU B 42 12.58 -6.27 30.71
CA LEU B 42 13.05 -4.89 30.72
C LEU B 42 12.05 -3.99 31.43
N TYR B 43 12.54 -3.17 32.35
CA TYR B 43 11.73 -2.13 32.95
C TYR B 43 12.54 -0.83 32.95
N ALA B 44 11.85 0.29 33.09
CA ALA B 44 12.56 1.55 33.29
C ALA B 44 12.75 1.72 34.76
N VAL B 45 13.86 2.34 35.15
CA VAL B 45 14.12 2.61 36.56
C VAL B 45 14.31 4.11 36.72
N LYS B 46 13.50 4.70 37.60
CA LYS B 46 13.58 6.11 37.95
C LYS B 46 14.28 6.19 39.29
N VAL B 47 15.43 6.87 39.34
CA VAL B 47 16.26 6.99 40.53
C VAL B 47 16.41 8.48 40.83
N PHE B 48 16.23 8.86 42.09
CA PHE B 48 16.16 10.29 42.41
C PHE B 48 17.50 10.86 42.83
N ASN B 49 17.72 12.10 42.41
CA ASN B 49 18.94 12.85 42.70
C ASN B 49 19.09 13.08 44.19
N ASN B 50 20.12 13.84 44.55
CA ASN B 50 20.37 14.15 45.96
C ASN B 50 19.55 15.34 46.43
N ILE B 51 19.01 16.14 45.51
CA ILE B 51 18.19 17.29 45.86
C ILE B 51 16.70 16.96 45.82
N SER B 52 16.33 15.70 45.52
CA SER B 52 14.96 15.25 45.69
C SER B 52 14.63 14.78 47.11
N PHE B 53 15.54 15.00 48.06
CA PHE B 53 15.40 14.54 49.43
C PHE B 53 15.05 15.70 50.36
N LEU B 54 14.17 16.61 49.90
CA LEU B 54 13.89 17.86 50.61
C LEU B 54 12.48 17.94 51.22
N ARG B 55 11.62 16.92 51.02
CA ARG B 55 10.29 16.79 51.69
C ARG B 55 10.17 15.41 52.32
N PRO B 56 9.52 15.30 53.51
CA PRO B 56 9.49 14.02 54.25
C PRO B 56 9.19 12.79 53.39
N VAL B 57 9.83 11.66 53.75
CA VAL B 57 9.66 10.38 53.03
C VAL B 57 8.36 9.66 53.39
N ASP B 58 7.78 9.95 54.57
CA ASP B 58 6.47 9.41 54.90
C ASP B 58 5.41 9.91 53.91
N VAL B 59 5.49 11.18 53.50
CA VAL B 59 4.56 11.72 52.51
C VAL B 59 5.10 11.62 51.08
N GLN B 60 6.36 11.21 50.90
CA GLN B 60 6.88 10.93 49.56
C GLN B 60 6.44 9.54 49.08
N MET B 61 6.51 8.52 49.95
CA MET B 61 5.95 7.22 49.63
C MET B 61 4.42 7.18 49.75
N ARG B 62 3.81 8.12 50.48
CA ARG B 62 2.36 8.30 50.35
C ARG B 62 1.98 8.65 48.92
N GLU B 63 2.72 9.57 48.30
CA GLU B 63 2.49 9.88 46.88
C GLU B 63 2.65 8.65 46.01
N PHE B 64 3.74 7.88 46.22
CA PHE B 64 4.08 6.80 45.29
C PHE B 64 3.12 5.63 45.39
N GLU B 65 2.56 5.35 46.57
CA GLU B 65 1.58 4.27 46.65
C GLU B 65 0.35 4.60 45.82
N VAL B 66 -0.19 5.81 45.97
CA VAL B 66 -1.40 6.20 45.27
C VAL B 66 -1.20 6.18 43.75
N LEU B 67 0.05 6.24 43.30
CA LEU B 67 0.40 6.08 41.89
C LEU B 67 0.53 4.62 41.49
N LYS B 68 1.04 3.76 42.38
CA LYS B 68 1.25 2.35 42.06
C LYS B 68 -0.05 1.62 41.82
N LYS B 69 -1.17 2.17 42.30
CA LYS B 69 -2.49 1.61 42.06
C LYS B 69 -3.10 2.07 40.73
N LEU B 70 -2.60 3.17 40.14
CA LEU B 70 -3.10 3.61 38.85
C LEU B 70 -2.85 2.53 37.80
N ASN B 71 -3.93 1.89 37.33
CA ASN B 71 -3.86 0.88 36.29
C ASN B 71 -4.75 1.32 35.14
N HIS B 72 -4.14 1.61 33.99
CA HIS B 72 -4.80 2.12 32.79
C HIS B 72 -3.79 2.31 31.65
N LYS B 73 -4.13 1.88 30.42
CA LYS B 73 -3.35 2.33 29.28
C LYS B 73 -3.46 3.85 29.19
N ASN B 74 -2.58 4.48 28.41
CA ASN B 74 -2.41 5.93 28.46
C ASN B 74 -1.81 6.44 29.78
N ILE B 75 -1.37 5.55 30.67
CA ILE B 75 -0.62 5.90 31.87
C ILE B 75 0.48 4.86 32.02
N VAL B 76 1.75 5.28 32.05
CA VAL B 76 2.81 4.29 32.17
C VAL B 76 2.65 3.58 33.50
N LYS B 77 2.86 2.28 33.52
CA LYS B 77 2.61 1.50 34.71
C LYS B 77 3.73 1.72 35.72
N LEU B 78 3.37 2.02 36.96
CA LEU B 78 4.32 1.97 38.06
C LEU B 78 4.19 0.59 38.71
N PHE B 79 5.25 -0.22 38.60
CA PHE B 79 5.22 -1.61 39.03
C PHE B 79 5.55 -1.78 40.51
N ALA B 80 6.69 -1.26 40.93
CA ALA B 80 7.09 -1.37 42.33
C ALA B 80 7.81 -0.11 42.73
N ILE B 81 7.96 0.05 44.05
CA ILE B 81 8.88 0.99 44.67
C ILE B 81 9.85 0.11 45.43
N GLU B 82 11.12 0.13 45.03
CA GLU B 82 12.16 -0.65 45.72
C GLU B 82 13.27 0.28 46.19
N GLU B 83 14.20 -0.27 46.95
CA GLU B 83 15.33 0.50 47.46
C GLU B 83 16.61 0.00 46.81
N GLU B 84 17.46 0.94 46.37
CA GLU B 84 18.77 0.59 45.82
C GLU B 84 19.55 -0.21 46.86
N THR B 85 20.53 -0.98 46.41
CA THR B 85 21.21 -1.94 47.30
C THR B 85 22.25 -1.23 48.16
N THR B 86 23.38 -0.79 47.57
CA THR B 86 24.45 -0.16 48.34
C THR B 86 23.94 1.10 49.04
N THR B 87 23.83 2.22 48.31
CA THR B 87 22.98 3.28 48.85
C THR B 87 21.59 2.71 49.10
N ARG B 88 20.77 3.42 49.86
CA ARG B 88 19.52 2.78 50.21
C ARG B 88 18.30 3.48 49.62
N HIS B 89 18.47 4.33 48.63
CA HIS B 89 17.34 5.22 48.40
C HIS B 89 16.39 4.70 47.35
N LYS B 90 15.24 5.34 47.28
CA LYS B 90 14.07 4.82 46.60
C LYS B 90 14.23 4.89 45.10
N VAL B 91 13.73 3.86 44.43
CA VAL B 91 13.67 3.85 42.98
C VAL B 91 12.30 3.34 42.53
N LEU B 92 11.83 3.87 41.41
CA LEU B 92 10.57 3.42 40.82
C LEU B 92 10.87 2.42 39.70
N ILE B 93 10.18 1.29 39.73
CA ILE B 93 10.22 0.35 38.62
C ILE B 93 9.01 0.63 37.75
N MET B 94 9.26 1.09 36.53
CA MET B 94 8.19 1.51 35.64
C MET B 94 8.15 0.67 34.38
N GLU B 95 7.12 0.94 33.59
CA GLU B 95 6.93 0.29 32.29
C GLU B 95 7.93 0.82 31.27
N PHE B 96 8.59 -0.07 30.56
CA PHE B 96 9.59 0.39 29.61
C PHE B 96 8.95 0.58 28.23
N CYS B 97 9.01 1.80 27.72
CA CYS B 97 8.45 2.13 26.41
C CYS B 97 9.57 2.27 25.40
N PRO B 98 10.01 1.20 24.74
CA PRO B 98 11.24 1.30 23.94
C PRO B 98 11.14 2.26 22.78
N CYS B 99 9.94 2.63 22.35
CA CYS B 99 9.83 3.53 21.23
C CYS B 99 10.14 4.99 21.55
N GLY B 100 10.37 5.32 22.80
CA GLY B 100 10.62 6.71 23.14
C GLY B 100 9.37 7.52 23.37
N SER B 101 9.43 8.82 23.17
CA SER B 101 8.31 9.69 23.46
C SER B 101 7.79 10.33 22.18
N LEU B 102 6.68 11.03 22.32
CA LEU B 102 6.16 11.86 21.25
C LEU B 102 7.18 12.90 20.84
N TYR B 103 8.09 13.29 21.76
CA TYR B 103 9.12 14.25 21.42
C TYR B 103 10.08 13.67 20.39
N THR B 104 10.58 12.46 20.63
CA THR B 104 11.40 11.83 19.62
C THR B 104 10.62 11.57 18.34
N VAL B 105 9.31 11.41 18.46
CA VAL B 105 8.47 11.20 17.27
C VAL B 105 8.41 12.46 16.43
N LEU B 106 8.14 13.61 17.08
CA LEU B 106 8.10 14.88 16.36
C LEU B 106 9.47 15.32 15.88
N GLU B 107 10.53 14.70 16.40
CA GLU B 107 11.88 15.05 16.00
C GLU B 107 12.29 14.40 14.68
N GLU B 108 11.54 13.42 14.20
CA GLU B 108 11.81 12.90 12.88
C GLU B 108 11.53 13.97 11.83
N PRO B 109 12.14 13.88 10.67
CA PRO B 109 11.83 14.84 9.60
C PRO B 109 10.50 14.56 8.89
N SER B 110 10.01 13.32 8.91
CA SER B 110 8.69 13.02 8.34
C SER B 110 7.60 13.82 9.06
N ASN B 111 7.75 14.00 10.37
CA ASN B 111 6.81 14.78 11.16
C ASN B 111 7.31 16.19 11.36
N ALA B 112 8.18 16.65 10.47
CA ALA B 112 8.71 18.00 10.60
C ALA B 112 7.62 19.04 10.45
N TYR B 113 6.55 18.73 9.72
CA TYR B 113 5.49 19.69 9.50
C TYR B 113 4.16 19.22 10.08
N GLY B 114 4.24 18.28 11.03
CA GLY B 114 3.06 17.78 11.71
C GLY B 114 2.96 16.28 11.54
N LEU B 115 2.20 15.63 12.41
CA LEU B 115 1.96 14.21 12.29
C LEU B 115 0.99 13.92 11.14
N PRO B 116 1.10 12.76 10.53
CA PRO B 116 0.03 12.28 9.66
C PRO B 116 -1.25 12.12 10.46
N GLU B 117 -2.38 12.37 9.79
CA GLU B 117 -3.65 12.58 10.46
C GLU B 117 -4.07 11.39 11.30
N SER B 118 -3.89 10.18 10.76
CA SER B 118 -4.22 8.97 11.49
C SER B 118 -3.49 8.91 12.83
N GLU B 119 -2.21 9.27 12.85
CA GLU B 119 -1.45 9.21 14.08
C GLU B 119 -1.85 10.32 15.04
N PHE B 120 -2.13 11.51 14.52
CA PHE B 120 -2.64 12.61 15.33
C PHE B 120 -3.84 12.20 16.15
N LEU B 121 -4.85 11.59 15.50
CA LEU B 121 -6.04 11.16 16.21
C LEU B 121 -5.70 10.21 17.34
N ILE B 122 -4.60 9.49 17.23
CA ILE B 122 -4.21 8.59 18.30
C ILE B 122 -3.64 9.38 19.46
N VAL B 123 -2.73 10.32 19.17
CA VAL B 123 -2.20 11.19 20.21
C VAL B 123 -3.33 11.90 20.93
N LEU B 124 -4.30 12.41 20.16
CA LEU B 124 -5.47 13.04 20.73
C LEU B 124 -6.28 12.05 21.56
N ARG B 125 -6.67 10.91 20.96
CA ARG B 125 -7.43 9.91 21.69
C ARG B 125 -6.76 9.54 23.01
N ASP B 126 -5.44 9.27 22.97
CA ASP B 126 -4.74 8.70 24.11
C ASP B 126 -4.41 9.74 25.18
N VAL B 127 -4.03 10.95 24.78
CA VAL B 127 -3.75 12.02 25.75
C VAL B 127 -5.02 12.38 26.52
N VAL B 128 -6.15 12.51 25.82
CA VAL B 128 -7.41 12.84 26.47
C VAL B 128 -7.83 11.71 27.39
N GLY B 129 -7.71 10.45 26.95
CA GLY B 129 -8.06 9.35 27.82
C GLY B 129 -7.15 9.22 29.03
N GLY B 130 -5.88 9.62 28.89
CA GLY B 130 -5.00 9.63 30.04
C GLY B 130 -5.37 10.70 31.05
N MET B 131 -5.50 11.95 30.59
CA MET B 131 -5.94 13.02 31.46
C MET B 131 -7.23 12.64 32.18
N ASN B 132 -8.24 12.19 31.44
CA ASN B 132 -9.47 11.81 32.09
C ASN B 132 -9.22 10.82 33.22
N HIS B 133 -8.39 9.81 32.99
CA HIS B 133 -8.14 8.87 34.08
C HIS B 133 -7.47 9.56 35.26
N LEU B 134 -6.57 10.52 34.99
CA LEU B 134 -5.90 11.24 36.06
C LEU B 134 -6.87 12.16 36.81
N ARG B 135 -7.62 12.99 36.07
CA ARG B 135 -8.67 13.79 36.69
C ARG B 135 -9.63 12.95 37.51
N GLU B 136 -9.94 11.74 37.06
CA GLU B 136 -10.90 10.92 37.79
C GLU B 136 -10.32 10.35 39.07
N ASN B 137 -9.01 10.13 39.08
CA ASN B 137 -8.30 9.70 40.26
C ASN B 137 -7.69 10.85 41.00
N GLY B 138 -8.20 12.07 40.79
CA GLY B 138 -7.88 13.22 41.60
C GLY B 138 -6.44 13.65 41.53
N ILE B 139 -5.89 13.75 40.32
CA ILE B 139 -4.50 14.13 40.08
C ILE B 139 -4.48 15.23 39.03
N VAL B 140 -3.89 16.34 39.38
CA VAL B 140 -3.67 17.42 38.44
C VAL B 140 -2.35 17.20 37.73
N HIS B 141 -2.25 17.69 36.50
CA HIS B 141 -1.05 17.52 35.69
C HIS B 141 -0.98 18.69 34.73
N ARG B 142 -0.06 19.62 35.00
CA ARG B 142 0.06 20.80 34.15
C ARG B 142 1.30 20.78 33.26
N ASP B 143 2.23 19.85 33.51
CA ASP B 143 3.46 19.70 32.72
C ASP B 143 3.29 18.76 31.53
N ILE B 144 2.10 18.65 30.94
CA ILE B 144 1.91 17.70 29.83
C ILE B 144 2.57 18.27 28.59
N LYS B 145 3.60 17.59 28.10
CA LYS B 145 4.39 18.03 26.97
C LYS B 145 4.83 16.79 26.18
N PRO B 146 5.18 16.95 24.90
CA PRO B 146 5.72 15.81 24.15
C PRO B 146 6.84 15.11 24.87
N GLY B 147 7.56 15.83 25.74
CA GLY B 147 8.67 15.25 26.46
C GLY B 147 8.29 14.06 27.31
N ASN B 148 7.09 14.05 27.89
CA ASN B 148 6.69 13.01 28.82
C ASN B 148 5.38 12.34 28.41
N ILE B 149 5.09 12.31 27.12
CA ILE B 149 4.09 11.42 26.54
C ILE B 149 4.86 10.27 25.91
N MET B 150 4.76 9.07 26.48
CA MET B 150 5.53 7.97 25.94
C MET B 150 4.79 7.31 24.81
N ARG B 151 5.52 6.54 23.99
CA ARG B 151 4.95 5.83 22.86
C ARG B 151 5.25 4.35 22.94
N VAL B 152 4.23 3.54 22.81
CA VAL B 152 4.34 2.09 22.92
C VAL B 152 3.72 1.50 21.67
N ILE B 153 4.26 0.40 21.17
CA ILE B 153 3.62 -0.23 20.01
C ILE B 153 2.57 -1.19 20.56
N GLY B 154 1.29 -0.87 20.30
CA GLY B 154 0.22 -1.79 20.67
C GLY B 154 0.29 -3.07 19.88
N GLU B 155 -0.37 -4.12 20.38
CA GLU B 155 -0.16 -5.41 19.76
C GLU B 155 -0.82 -5.54 18.40
N ASP B 156 -1.63 -4.57 18.02
CA ASP B 156 -2.21 -4.44 16.70
C ASP B 156 -1.39 -3.54 15.79
N GLY B 157 -0.24 -3.07 16.24
CA GLY B 157 0.63 -2.25 15.44
C GLY B 157 0.44 -0.75 15.60
N GLN B 158 -0.77 -0.31 15.88
CA GLN B 158 -0.98 1.12 16.06
C GLN B 158 -0.41 1.61 17.37
N SER B 159 0.06 2.85 17.35
CA SER B 159 0.68 3.42 18.54
C SER B 159 -0.29 3.50 19.70
N VAL B 160 0.27 3.46 20.90
CA VAL B 160 -0.46 3.76 22.14
C VAL B 160 0.39 4.76 22.90
N TYR B 161 -0.12 5.97 23.05
CA TYR B 161 0.58 6.97 23.83
C TYR B 161 0.16 6.86 25.27
N LYS B 162 1.12 7.05 26.17
CA LYS B 162 0.91 6.88 27.60
C LYS B 162 1.49 8.07 28.33
N LEU B 163 0.77 8.56 29.34
CA LEU B 163 1.23 9.72 30.10
C LEU B 163 2.16 9.30 31.23
N THR B 164 3.00 10.24 31.66
CA THR B 164 3.96 10.02 32.74
C THR B 164 4.58 11.35 33.18
N ASP B 165 5.37 11.28 34.28
CA ASP B 165 6.12 12.41 34.86
C ASP B 165 5.17 13.34 35.60
N PHE B 166 4.26 12.75 36.37
CA PHE B 166 3.28 13.54 37.10
C PHE B 166 3.31 13.17 38.57
N GLY B 167 2.94 14.12 39.44
CA GLY B 167 2.99 13.95 40.88
C GLY B 167 1.66 13.54 41.49
N ALA B 168 1.56 13.67 42.82
CA ALA B 168 0.32 13.39 43.52
C ALA B 168 0.22 14.20 44.83
N GLY B 183 9.36 37.11 58.71
CA GLY B 183 9.43 37.51 60.11
C GLY B 183 8.09 37.82 60.78
N THR B 184 8.14 38.66 61.84
CA THR B 184 6.95 39.12 62.57
C THR B 184 6.26 40.31 61.87
N GLU B 185 6.60 40.57 60.61
CA GLU B 185 5.77 41.38 59.72
C GLU B 185 5.84 42.88 60.01
N GLU B 186 6.02 43.25 61.27
CA GLU B 186 6.03 44.65 61.69
C GLU B 186 7.42 45.20 61.87
N TYR B 187 8.43 44.34 61.80
CA TYR B 187 9.83 44.72 61.82
C TYR B 187 10.48 44.46 60.45
N LEU B 188 9.69 44.26 59.40
CA LEU B 188 10.23 43.90 58.10
C LEU B 188 10.54 45.13 57.25
N HIS B 189 11.68 45.08 56.58
CA HIS B 189 12.02 46.07 55.58
C HIS B 189 10.98 46.06 54.47
N PRO B 190 10.59 47.22 53.94
CA PRO B 190 9.49 47.24 52.96
C PRO B 190 9.81 46.49 51.68
N ASP B 191 11.09 46.29 51.36
CA ASP B 191 11.44 45.46 50.20
C ASP B 191 11.21 43.99 50.51
N MET B 192 11.56 43.54 51.71
CA MET B 192 11.26 42.18 52.12
C MET B 192 9.80 42.01 52.56
N TYR B 193 9.11 43.11 52.86
CA TYR B 193 7.67 43.08 53.12
C TYR B 193 6.89 42.77 51.84
N GLU B 194 7.51 42.99 50.68
CA GLU B 194 6.83 42.67 49.43
C GLU B 194 6.79 41.16 49.20
N ARG B 195 7.81 40.44 49.68
CA ARG B 195 7.75 38.98 49.73
C ARG B 195 6.90 38.45 50.87
N ALA B 196 6.34 39.30 51.73
CA ALA B 196 5.35 38.93 52.74
C ALA B 196 3.93 39.34 52.36
N VAL B 197 3.71 39.80 51.11
CA VAL B 197 2.38 40.01 50.58
C VAL B 197 2.19 39.39 49.21
N LEU B 198 3.24 39.13 48.42
CA LEU B 198 3.12 38.43 47.15
C LEU B 198 3.15 36.92 47.32
N ARG B 199 3.17 36.42 48.56
CA ARG B 199 3.15 34.96 48.75
C ARG B 199 1.73 34.41 48.74
N LYS B 200 0.76 35.15 49.31
CA LYS B 200 -0.64 34.77 49.30
C LYS B 200 -1.47 35.52 48.27
N ASP B 201 -1.05 36.71 47.85
CA ASP B 201 -1.78 37.57 46.93
C ASP B 201 -1.32 37.44 45.47
N HIS B 202 0.00 37.39 45.22
CA HIS B 202 0.46 37.09 43.87
C HIS B 202 -0.04 35.72 43.39
N GLN B 203 -0.60 34.90 44.30
CA GLN B 203 -1.25 33.65 43.93
C GLN B 203 -2.49 33.93 43.09
N LYS B 204 -2.28 34.41 41.84
CA LYS B 204 -3.29 34.44 40.80
C LYS B 204 -3.75 33.01 40.58
N LYS B 205 -4.63 32.52 41.47
CA LYS B 205 -4.84 31.09 41.63
C LYS B 205 -5.39 30.47 40.35
N TYR B 206 -5.03 29.21 40.14
CA TYR B 206 -5.03 28.65 38.80
C TYR B 206 -6.43 28.45 38.23
N GLY B 207 -7.41 28.14 39.08
CA GLY B 207 -8.78 28.01 38.61
C GLY B 207 -9.04 26.82 37.70
N ALA B 208 -8.20 25.77 37.76
CA ALA B 208 -8.38 24.44 37.19
C ALA B 208 -8.43 24.39 35.67
N THR B 209 -8.37 25.53 34.97
CA THR B 209 -8.30 25.56 33.51
C THR B 209 -6.88 25.74 33.00
N VAL B 210 -5.93 25.87 33.93
CA VAL B 210 -4.51 25.98 33.59
C VAL B 210 -4.00 24.67 33.01
N ASP B 211 -4.57 23.54 33.44
CA ASP B 211 -4.07 22.21 33.09
C ASP B 211 -3.92 22.07 31.59
N LEU B 212 -4.95 22.47 30.84
CA LEU B 212 -5.03 22.21 29.43
C LEU B 212 -4.48 23.36 28.59
N TRP B 213 -3.65 24.23 29.15
CA TRP B 213 -2.91 25.09 28.24
C TRP B 213 -1.77 24.32 27.60
N SER B 214 -1.01 23.58 28.41
CA SER B 214 0.02 22.70 27.86
C SER B 214 -0.59 21.76 26.83
N VAL B 215 -1.69 21.09 27.20
CA VAL B 215 -2.32 20.14 26.31
C VAL B 215 -2.64 20.79 24.98
N GLY B 216 -3.11 22.03 25.01
CA GLY B 216 -3.40 22.71 23.77
C GLY B 216 -2.16 23.07 22.98
N VAL B 217 -1.09 23.45 23.65
CA VAL B 217 0.15 23.72 22.93
C VAL B 217 0.70 22.44 22.32
N THR B 218 0.67 21.35 23.09
CA THR B 218 1.12 20.05 22.59
C THR B 218 0.36 19.67 21.33
N PHE B 219 -0.96 19.78 21.35
CA PHE B 219 -1.74 19.40 20.19
C PHE B 219 -1.40 20.23 18.97
N TYR B 220 -1.18 21.54 19.13
CA TYR B 220 -0.75 22.33 17.98
C TYR B 220 0.60 21.87 17.47
N HIS B 221 1.54 21.63 18.40
CA HIS B 221 2.85 21.09 18.04
C HIS B 221 2.71 19.81 17.22
N ALA B 222 2.00 18.81 17.76
CA ALA B 222 1.84 17.58 17.01
C ALA B 222 1.07 17.80 15.72
N ALA B 223 0.23 18.81 15.62
CA ALA B 223 -0.50 18.99 14.37
C ALA B 223 0.36 19.62 13.28
N THR B 224 1.25 20.54 13.63
CA THR B 224 1.93 21.36 12.64
C THR B 224 3.43 21.21 12.61
N GLY B 225 4.02 20.46 13.55
CA GLY B 225 5.46 20.37 13.62
C GLY B 225 6.15 21.57 14.21
N SER B 226 5.40 22.57 14.64
CA SER B 226 5.97 23.78 15.22
C SER B 226 5.17 24.17 16.45
N LEU B 227 5.80 25.02 17.30
CA LEU B 227 5.19 25.55 18.51
C LEU B 227 4.26 26.72 18.20
N PRO B 228 3.14 26.84 18.91
CA PRO B 228 2.12 27.82 18.51
C PRO B 228 2.53 29.26 18.67
N PHE B 229 3.31 29.59 19.69
CA PHE B 229 3.68 30.97 19.99
C PHE B 229 5.20 31.10 19.96
N ARG B 230 5.71 31.82 18.98
CA ARG B 230 7.13 31.84 18.66
C ARG B 230 7.56 33.28 18.41
N PRO B 231 8.41 33.84 19.25
CA PRO B 231 9.12 35.07 18.87
C PRO B 231 10.32 34.72 18.00
N PHE B 232 10.65 35.64 17.10
CA PHE B 232 11.83 35.47 16.29
C PHE B 232 13.05 35.39 17.19
N GLU B 233 14.07 34.66 16.71
CA GLU B 233 15.26 34.26 17.45
C GLU B 233 14.97 33.10 18.41
N GLY B 234 13.78 32.51 18.35
CA GLY B 234 13.43 31.42 19.22
C GLY B 234 12.65 31.87 20.45
N PRO B 235 11.82 30.96 21.00
CA PRO B 235 11.05 31.32 22.22
C PRO B 235 11.91 31.46 23.47
N ARG B 236 13.12 30.90 23.50
CA ARG B 236 13.96 30.95 24.69
C ARG B 236 14.99 32.09 24.65
N ARG B 237 15.60 32.37 23.49
CA ARG B 237 16.53 33.50 23.41
C ARG B 237 15.81 34.82 23.71
N ASN B 238 14.59 34.97 23.22
CA ASN B 238 13.79 36.18 23.42
C ASN B 238 12.75 35.89 24.50
N LYS B 239 13.22 35.94 25.75
CA LYS B 239 12.38 35.63 26.89
C LYS B 239 11.22 36.60 27.05
N GLU B 240 11.41 37.87 26.68
CA GLU B 240 10.44 38.91 27.01
C GLU B 240 9.28 38.94 26.04
N VAL B 241 9.58 39.00 24.73
CA VAL B 241 8.53 39.05 23.72
C VAL B 241 7.62 37.84 23.80
N MET B 242 8.11 36.75 24.40
CA MET B 242 7.24 35.59 24.66
C MET B 242 6.03 35.99 25.47
N TYR B 243 6.24 36.60 26.64
CA TYR B 243 5.13 36.98 27.51
C TYR B 243 4.14 37.90 26.82
N LYS B 244 4.63 38.85 26.00
CA LYS B 244 3.73 39.77 25.31
C LYS B 244 2.74 39.00 24.43
N ILE B 245 3.16 37.83 23.95
CA ILE B 245 2.33 37.05 23.04
C ILE B 245 1.31 36.21 23.79
N ILE B 246 1.74 35.54 24.87
CA ILE B 246 0.82 34.69 25.64
C ILE B 246 -0.26 35.54 26.32
N THR B 247 0.12 36.66 26.90
CA THR B 247 -0.82 37.48 27.64
C THR B 247 -1.51 38.53 26.78
N GLY B 248 -1.38 38.44 25.47
CA GLY B 248 -2.06 39.36 24.58
C GLY B 248 -2.76 38.70 23.41
N LYS B 249 -2.93 37.37 23.46
CA LYS B 249 -3.50 36.62 22.32
C LYS B 249 -5.01 36.78 22.26
N PRO B 250 -5.56 37.32 21.16
CA PRO B 250 -7.02 37.52 21.09
C PRO B 250 -7.79 36.22 21.24
N SER B 251 -9.01 36.33 21.76
CA SER B 251 -9.86 35.16 21.87
C SER B 251 -10.05 34.54 20.49
N GLY B 252 -9.83 33.23 20.40
CA GLY B 252 -9.95 32.55 19.14
C GLY B 252 -8.68 32.45 18.34
N ALA B 253 -7.71 33.33 18.58
CA ALA B 253 -6.41 33.18 17.92
C ALA B 253 -5.73 31.91 18.40
N ILE B 254 -4.91 31.31 17.52
CA ILE B 254 -4.39 29.97 17.77
C ILE B 254 -2.87 29.98 17.83
N SER B 255 -2.25 30.93 17.13
CA SER B 255 -0.81 30.99 17.02
C SER B 255 -0.39 32.45 16.89
N GLY B 256 0.76 32.76 17.48
CA GLY B 256 1.37 34.07 17.33
C GLY B 256 2.83 33.94 16.96
N VAL B 257 3.25 34.60 15.87
CA VAL B 257 4.58 34.42 15.31
C VAL B 257 5.19 35.78 15.02
N GLN B 258 6.48 35.97 15.39
CA GLN B 258 7.12 37.26 15.17
C GLN B 258 7.36 37.54 13.70
N LYS B 259 7.89 36.54 12.97
CA LYS B 259 8.05 36.63 11.52
C LYS B 259 8.97 37.78 11.09
N ALA B 260 9.78 38.31 11.99
CA ALA B 260 10.59 39.49 11.70
C ALA B 260 11.64 39.64 12.78
N GLU B 261 12.75 40.30 12.44
CA GLU B 261 13.83 40.47 13.42
C GLU B 261 13.29 41.10 14.70
N ASN B 262 12.44 42.13 14.57
CA ASN B 262 11.80 42.73 15.71
C ASN B 262 10.48 43.42 15.33
N GLY B 263 9.85 42.97 14.24
CA GLY B 263 8.64 43.59 13.75
C GLY B 263 7.41 43.10 14.49
N PRO B 264 6.23 43.54 14.06
CA PRO B 264 4.99 43.15 14.74
C PRO B 264 4.78 41.65 14.69
N ILE B 265 3.95 41.16 15.60
CA ILE B 265 3.66 39.74 15.72
C ILE B 265 2.39 39.42 14.94
N ASP B 266 2.35 38.22 14.36
CA ASP B 266 1.34 37.82 13.38
C ASP B 266 0.44 36.74 13.99
N TRP B 267 -0.81 37.09 14.28
CA TRP B 267 -1.76 36.15 14.83
C TRP B 267 -2.45 35.35 13.72
N SER B 268 -3.04 34.22 14.10
CA SER B 268 -3.86 33.44 13.18
C SER B 268 -4.68 32.42 13.97
N GLY B 269 -5.93 32.22 13.55
CA GLY B 269 -6.80 31.22 14.14
C GLY B 269 -6.92 29.95 13.32
N ASP B 270 -6.12 29.83 12.26
CA ASP B 270 -6.13 28.71 11.34
C ASP B 270 -4.84 27.92 11.48
N MET B 271 -4.92 26.64 11.11
CA MET B 271 -3.74 25.84 10.94
C MET B 271 -2.91 26.40 9.79
N PRO B 272 -1.59 26.22 9.82
CA PRO B 272 -0.76 26.66 8.69
C PRO B 272 -1.06 25.85 7.44
N LEU B 273 -0.73 26.45 6.29
CA LEU B 273 -0.85 25.71 5.04
C LEU B 273 0.00 24.43 5.08
N SER B 274 1.16 24.46 5.74
CA SER B 274 2.01 23.28 5.84
C SER B 274 1.31 22.12 6.53
N CYS B 275 0.23 22.38 7.27
CA CYS B 275 -0.49 21.33 7.98
C CYS B 275 -1.31 20.50 7.01
N SER B 276 -1.02 19.20 6.95
CA SER B 276 -1.66 18.29 6.00
C SER B 276 -2.93 17.62 6.54
N LEU B 277 -3.39 17.96 7.74
CA LEU B 277 -4.61 17.34 8.25
C LEU B 277 -5.78 17.72 7.35
N SER B 278 -6.77 16.84 7.28
CA SER B 278 -7.90 17.12 6.41
C SER B 278 -8.60 18.41 6.81
N GLN B 279 -9.19 19.06 5.82
CA GLN B 279 -10.04 20.21 6.12
C GLN B 279 -11.16 19.84 7.09
N GLY B 280 -11.74 18.66 6.91
CA GLY B 280 -12.76 18.21 7.85
C GLY B 280 -12.27 18.19 9.27
N LEU B 281 -11.06 17.68 9.49
CA LEU B 281 -10.56 17.59 10.86
C LEU B 281 -10.18 18.95 11.42
N GLN B 282 -9.51 19.79 10.63
CA GLN B 282 -9.21 21.14 11.11
C GLN B 282 -10.48 21.85 11.56
N ALA B 283 -11.57 21.64 10.83
CA ALA B 283 -12.84 22.23 11.22
C ALA B 283 -13.26 21.78 12.61
N LEU B 284 -12.96 20.53 12.97
CA LEU B 284 -13.27 20.03 14.30
C LEU B 284 -12.26 20.48 15.34
N LEU B 285 -10.98 20.63 14.95
CA LEU B 285 -9.82 20.79 15.84
C LEU B 285 -9.56 22.24 16.24
N THR B 286 -9.62 23.17 15.30
CA THR B 286 -9.41 24.57 15.60
C THR B 286 -10.29 25.09 16.73
N PRO B 287 -11.62 24.94 16.70
CA PRO B 287 -12.42 25.40 17.84
C PRO B 287 -11.99 24.82 19.18
N VAL B 288 -11.48 23.58 19.21
CA VAL B 288 -11.03 23.01 20.47
C VAL B 288 -9.82 23.75 20.98
N LEU B 289 -8.83 23.96 20.10
CA LEU B 289 -7.64 24.69 20.51
C LEU B 289 -7.97 26.15 20.82
N ALA B 290 -8.95 26.73 20.13
CA ALA B 290 -9.27 28.14 20.37
C ALA B 290 -9.79 28.36 21.79
N ASN B 291 -10.65 27.46 22.26
CA ASN B 291 -11.22 27.57 23.60
C ASN B 291 -10.37 26.89 24.66
N ILE B 292 -9.25 26.30 24.28
CA ILE B 292 -8.35 25.68 25.24
C ILE B 292 -7.17 26.59 25.55
N LEU B 293 -6.80 27.48 24.64
CA LEU B 293 -5.79 28.49 24.85
C LEU B 293 -6.51 29.81 25.14
N GLU B 294 -6.75 30.08 26.42
CA GLU B 294 -7.45 31.28 26.86
C GLU B 294 -6.96 31.67 28.25
N ALA B 295 -6.71 32.96 28.43
CA ALA B 295 -6.03 33.44 29.62
C ALA B 295 -6.92 33.43 30.87
N ASP B 296 -8.21 33.78 30.75
CA ASP B 296 -9.07 33.83 31.94
C ASP B 296 -9.81 32.51 32.14
N GLN B 297 -10.35 32.30 33.35
CA GLN B 297 -11.15 31.11 33.63
C GLN B 297 -12.57 31.20 33.06
N GLU B 298 -13.10 32.41 32.84
CA GLU B 298 -14.52 32.56 32.52
C GLU B 298 -14.87 31.99 31.15
N LYS B 299 -14.23 32.51 30.09
CA LYS B 299 -14.53 32.07 28.73
C LYS B 299 -13.70 30.86 28.28
N CYS B 300 -12.63 30.54 29.00
CA CYS B 300 -11.88 29.33 28.71
C CYS B 300 -12.67 28.10 29.15
N TRP B 301 -12.46 26.99 28.45
CA TRP B 301 -13.21 25.78 28.72
C TRP B 301 -12.77 25.13 30.03
N GLY B 302 -13.71 24.40 30.64
CA GLY B 302 -13.40 23.53 31.76
C GLY B 302 -13.16 22.12 31.28
N PHE B 303 -12.66 21.27 32.19
CA PHE B 303 -12.38 19.91 31.74
C PHE B 303 -13.66 19.20 31.33
N ASP B 304 -14.78 19.45 31.99
CA ASP B 304 -16.02 18.78 31.61
C ASP B 304 -16.37 19.07 30.15
N GLN B 305 -16.13 20.30 29.69
CA GLN B 305 -16.46 20.70 28.34
C GLN B 305 -15.41 20.25 27.34
N PHE B 306 -14.13 20.42 27.69
CA PHE B 306 -13.04 19.90 26.86
C PHE B 306 -13.20 18.40 26.62
N PHE B 307 -13.34 17.61 27.70
CA PHE B 307 -13.48 16.17 27.49
C PHE B 307 -14.71 15.83 26.67
N ALA B 308 -15.81 16.56 26.88
CA ALA B 308 -17.04 16.28 26.14
C ALA B 308 -16.92 16.70 24.67
N GLU B 309 -16.31 17.86 24.41
CA GLU B 309 -16.20 18.33 23.03
C GLU B 309 -15.19 17.51 22.22
N THR B 310 -14.05 17.14 22.84
CA THR B 310 -13.06 16.33 22.14
C THR B 310 -13.56 14.92 21.90
N SER B 311 -13.98 14.22 22.96
CA SER B 311 -14.44 12.86 22.75
C SER B 311 -15.58 12.79 21.72
N ASP B 312 -16.23 13.92 21.40
CA ASP B 312 -17.14 13.92 20.24
C ASP B 312 -16.38 13.74 18.94
N VAL B 313 -15.21 14.37 18.80
CA VAL B 313 -14.40 14.14 17.61
C VAL B 313 -13.96 12.69 17.51
N LEU B 314 -13.58 12.09 18.65
CA LEU B 314 -13.06 10.73 18.63
C LEU B 314 -14.12 9.70 18.21
N HIS B 315 -15.38 9.89 18.60
CA HIS B 315 -16.40 8.89 18.30
C HIS B 315 -16.95 9.01 16.89
N ARG B 316 -16.51 9.99 16.11
CA ARG B 316 -16.94 10.10 14.71
C ARG B 316 -16.15 9.14 13.85
N MET B 317 -16.83 8.58 12.85
CA MET B 317 -16.18 7.79 11.81
C MET B 317 -15.86 8.68 10.61
N VAL B 318 -15.04 8.18 9.71
CA VAL B 318 -14.57 8.99 8.58
C VAL B 318 -15.00 8.33 7.29
N ILE B 319 -15.71 9.08 6.45
CA ILE B 319 -16.06 8.70 5.09
C ILE B 319 -15.25 9.58 4.13
N HIS B 320 -14.55 8.94 3.19
CA HIS B 320 -13.75 9.67 2.22
C HIS B 320 -14.61 9.96 1.00
N VAL B 321 -14.74 11.23 0.65
CA VAL B 321 -15.37 11.64 -0.60
C VAL B 321 -14.41 12.54 -1.37
N PHE B 322 -14.50 12.49 -2.70
CA PHE B 322 -13.62 13.22 -3.59
C PHE B 322 -14.45 13.97 -4.61
N SER B 323 -14.24 15.29 -4.74
CA SER B 323 -15.03 16.10 -5.66
C SER B 323 -14.35 16.16 -7.03
N LEU B 324 -15.02 15.63 -8.06
CA LEU B 324 -14.43 15.64 -9.40
C LEU B 324 -14.37 17.04 -9.98
N GLN B 325 -15.39 17.84 -9.73
CA GLN B 325 -15.42 19.19 -10.28
C GLN B 325 -14.28 20.03 -9.73
N HIS B 326 -13.97 19.84 -8.44
CA HIS B 326 -12.94 20.60 -7.75
C HIS B 326 -11.57 19.96 -7.82
N MET B 327 -11.49 18.67 -8.10
CA MET B 327 -10.28 17.89 -7.89
C MET B 327 -9.74 18.17 -6.49
N THR B 328 -10.50 17.77 -5.49
CA THR B 328 -10.14 17.91 -4.09
C THR B 328 -10.69 16.73 -3.30
N ALA B 329 -9.87 16.21 -2.39
CA ALA B 329 -10.28 15.14 -1.50
C ALA B 329 -10.85 15.71 -0.21
N HIS B 330 -11.58 14.88 0.50
CA HIS B 330 -12.33 15.35 1.65
C HIS B 330 -12.52 14.22 2.63
N LYS B 331 -12.23 14.48 3.89
CA LYS B 331 -12.60 13.57 4.95
C LYS B 331 -13.87 14.12 5.56
N ILE B 332 -14.89 13.26 5.65
CA ILE B 332 -16.16 13.61 6.27
C ILE B 332 -16.17 13.00 7.67
N TYR B 333 -16.11 13.85 8.69
CA TYR B 333 -16.13 13.38 10.07
C TYR B 333 -17.57 13.41 10.56
N ILE B 334 -18.14 12.23 10.77
CA ILE B 334 -19.57 12.04 10.97
C ILE B 334 -19.80 10.90 11.97
N HIS B 335 -20.91 10.97 12.69
CA HIS B 335 -21.18 9.94 13.70
C HIS B 335 -21.78 8.69 13.07
N SER B 336 -21.56 7.55 13.73
CA SER B 336 -22.09 6.29 13.21
C SER B 336 -23.61 6.31 13.16
N TYR B 337 -24.24 7.11 14.01
CA TYR B 337 -25.69 7.17 14.10
C TYR B 337 -26.30 8.32 13.31
N ASN B 338 -25.50 9.09 12.57
CA ASN B 338 -26.04 10.21 11.80
C ASN B 338 -26.66 9.73 10.50
N THR B 339 -27.70 10.44 10.08
CA THR B 339 -28.45 10.09 8.88
C THR B 339 -27.72 10.60 7.62
N ALA B 340 -28.23 10.18 6.46
CA ALA B 340 -27.69 10.65 5.19
C ALA B 340 -27.85 12.16 5.02
N ALA B 341 -28.83 12.78 5.68
CA ALA B 341 -29.03 14.22 5.58
C ALA B 341 -27.81 14.99 6.09
N VAL B 342 -27.29 14.63 7.26
CA VAL B 342 -26.14 15.33 7.79
C VAL B 342 -24.91 15.06 6.91
N PHE B 343 -24.81 13.86 6.33
CA PHE B 343 -23.72 13.59 5.42
C PHE B 343 -23.67 14.61 4.29
N HIS B 344 -24.83 14.87 3.67
CA HIS B 344 -24.88 15.88 2.60
C HIS B 344 -24.47 17.25 3.13
N GLU B 345 -24.99 17.64 4.29
CA GLU B 345 -24.60 18.93 4.86
C GLU B 345 -23.10 19.02 5.03
N LEU B 346 -22.50 18.02 5.70
CA LEU B 346 -21.05 18.04 5.88
C LEU B 346 -20.33 18.16 4.55
N VAL B 347 -20.87 17.51 3.50
CA VAL B 347 -20.26 17.58 2.17
C VAL B 347 -20.43 18.99 1.60
N TYR B 348 -21.55 19.64 1.90
CA TYR B 348 -21.73 21.02 1.43
C TYR B 348 -20.77 21.96 2.15
N LYS B 349 -20.52 21.74 3.43
CA LYS B 349 -19.70 22.67 4.18
C LYS B 349 -18.27 22.73 3.63
N GLN B 350 -17.80 21.66 2.99
CA GLN B 350 -16.47 21.66 2.40
C GLN B 350 -16.46 21.94 0.90
N THR B 351 -17.52 21.61 0.16
CA THR B 351 -17.48 21.69 -1.29
C THR B 351 -18.39 22.76 -1.88
N LYS B 352 -19.24 23.38 -1.07
CA LYS B 352 -20.21 24.36 -1.52
C LYS B 352 -21.21 23.77 -2.52
N ILE B 353 -21.38 22.44 -2.52
CA ILE B 353 -22.37 21.77 -3.34
C ILE B 353 -23.58 21.42 -2.47
N VAL B 354 -24.72 22.03 -2.78
CA VAL B 354 -25.89 21.83 -1.96
C VAL B 354 -26.40 20.40 -2.10
N SER B 355 -27.23 19.98 -1.14
CA SER B 355 -27.69 18.60 -1.08
C SER B 355 -28.44 18.18 -2.33
N SER B 356 -29.38 19.01 -2.79
CA SER B 356 -30.11 18.66 -4.00
C SER B 356 -29.23 18.68 -5.26
N ASN B 357 -27.95 19.00 -5.16
CA ASN B 357 -27.06 19.06 -6.30
C ASN B 357 -25.98 17.98 -6.24
N GLN B 358 -26.08 17.06 -5.31
CA GLN B 358 -25.01 16.10 -5.07
C GLN B 358 -25.35 14.76 -5.72
N GLU B 359 -24.52 14.34 -6.66
CA GLU B 359 -24.60 13.00 -7.23
C GLU B 359 -23.44 12.21 -6.67
N LEU B 360 -23.75 11.08 -6.06
CA LEU B 360 -22.74 10.21 -5.48
C LEU B 360 -22.45 9.04 -6.42
N ILE B 361 -21.15 8.74 -6.60
CA ILE B 361 -20.67 7.62 -7.41
C ILE B 361 -19.75 6.77 -6.55
N TYR B 362 -20.00 5.46 -6.52
CA TYR B 362 -19.18 4.54 -5.74
C TYR B 362 -18.95 3.28 -6.54
N GLU B 363 -17.68 2.90 -6.65
CA GLU B 363 -17.29 1.70 -7.40
C GLU B 363 -18.07 1.58 -8.70
N GLY B 364 -17.98 2.63 -9.51
CA GLY B 364 -18.44 2.62 -10.86
C GLY B 364 -19.92 2.86 -11.07
N ARG B 365 -20.75 2.73 -10.02
CA ARG B 365 -22.19 2.93 -10.18
C ARG B 365 -22.68 4.00 -9.22
N ARG B 366 -23.85 4.55 -9.53
CA ARG B 366 -24.36 5.65 -8.73
C ARG B 366 -24.67 5.17 -7.31
N LEU B 367 -24.94 6.15 -6.44
CA LEU B 367 -25.11 5.89 -5.01
C LEU B 367 -26.27 6.71 -4.50
N VAL B 368 -27.34 6.02 -4.06
CA VAL B 368 -28.57 6.65 -3.56
C VAL B 368 -28.58 6.57 -2.04
N LEU B 369 -28.90 7.68 -1.40
CA LEU B 369 -28.89 7.75 0.06
C LEU B 369 -30.31 8.08 0.54
N GLU B 370 -30.95 7.10 1.19
CA GLU B 370 -32.39 7.07 1.48
C GLU B 370 -32.81 7.97 2.63
N LEU B 371 -31.92 8.87 3.08
CA LEU B 371 -32.25 9.87 4.09
C LEU B 371 -32.54 9.24 5.45
N GLY B 372 -32.89 7.96 5.45
CA GLY B 372 -33.01 7.19 6.67
C GLY B 372 -31.76 6.37 6.91
N ARG B 373 -30.94 6.23 5.88
CA ARG B 373 -29.75 5.39 6.00
C ARG B 373 -28.79 5.99 7.00
N LEU B 374 -28.28 5.13 7.88
CA LEU B 374 -27.32 5.57 8.89
C LEU B 374 -25.88 5.44 8.38
N ALA B 375 -24.99 6.25 8.96
CA ALA B 375 -23.63 6.29 8.47
C ALA B 375 -22.93 4.95 8.57
N GLN B 376 -23.22 4.16 9.61
CA GLN B 376 -22.55 2.88 9.75
C GLN B 376 -22.88 1.92 8.62
N HIS B 377 -23.98 2.15 7.92
CA HIS B 377 -24.40 1.29 6.82
C HIS B 377 -23.99 1.85 5.47
N PHE B 378 -23.23 2.93 5.44
CA PHE B 378 -22.69 3.41 4.19
C PHE B 378 -21.69 2.43 3.60
N PRO B 379 -21.41 2.52 2.30
CA PRO B 379 -20.32 1.72 1.72
C PRO B 379 -18.98 2.07 2.35
N LYS B 380 -18.17 1.04 2.64
CA LYS B 380 -16.86 1.28 3.23
C LYS B 380 -15.98 2.07 2.25
N THR B 381 -15.24 3.05 2.77
CA THR B 381 -14.40 3.91 1.95
C THR B 381 -12.97 3.92 2.45
N THR B 382 -12.05 4.12 1.52
CA THR B 382 -10.67 4.43 1.85
C THR B 382 -10.29 5.69 1.10
N GLU B 383 -9.11 6.23 1.41
CA GLU B 383 -8.71 7.46 0.75
C GLU B 383 -8.57 7.26 -0.75
N GLU B 384 -8.21 6.03 -1.17
CA GLU B 384 -8.09 5.67 -2.59
C GLU B 384 -9.34 4.99 -3.14
N ASN B 385 -10.31 4.63 -2.29
CA ASN B 385 -11.62 4.17 -2.73
C ASN B 385 -12.68 5.09 -2.13
N PRO B 386 -12.80 6.31 -2.64
CA PRO B 386 -13.73 7.27 -2.05
C PRO B 386 -15.08 7.24 -2.75
N ILE B 387 -16.05 7.86 -2.11
CA ILE B 387 -17.33 8.16 -2.73
C ILE B 387 -17.13 9.44 -3.53
N PHE B 388 -17.14 9.34 -4.84
CA PHE B 388 -17.04 10.56 -5.64
C PHE B 388 -18.31 11.38 -5.53
N VAL B 389 -18.18 12.69 -5.71
CA VAL B 389 -19.32 13.58 -5.69
C VAL B 389 -19.19 14.55 -6.85
N THR B 390 -20.26 14.67 -7.63
CA THR B 390 -20.27 15.56 -8.77
C THR B 390 -21.58 16.33 -8.81
N SER B 391 -21.53 17.53 -9.38
CA SER B 391 -22.68 18.39 -9.59
C SER B 391 -23.05 18.40 -11.06
N ARG B 392 -24.33 18.66 -11.35
CA ARG B 392 -24.74 18.99 -12.71
C ARG B 392 -24.52 20.46 -13.03
N GLU B 393 -24.27 21.29 -12.01
CA GLU B 393 -23.97 22.70 -12.22
C GLU B 393 -22.47 22.88 -12.38
N GLN B 394 -22.08 24.08 -12.83
CA GLN B 394 -20.68 24.36 -13.12
C GLN B 394 -19.93 24.65 -11.84
N LEU B 395 -18.68 24.19 -11.78
CA LEU B 395 -17.80 24.35 -10.63
C LEU B 395 -16.36 24.43 -11.11
N ASN B 396 -15.60 25.36 -10.53
CA ASN B 396 -14.21 25.59 -10.91
C ASN B 396 -13.28 24.65 -10.15
N THR B 397 -12.23 24.19 -10.83
CA THR B 397 -11.28 23.27 -10.22
C THR B 397 -10.35 24.00 -9.26
N VAL B 398 -10.23 23.48 -8.04
CA VAL B 398 -9.44 24.10 -6.98
C VAL B 398 -8.02 23.55 -6.94
N GLY B 399 -7.90 22.23 -6.93
CA GLY B 399 -6.62 21.59 -6.78
C GLY B 399 -6.28 21.29 -5.34
N LEU B 400 -5.11 20.70 -5.16
CA LEU B 400 -4.57 20.38 -3.84
C LEU B 400 -3.89 21.63 -3.31
N ARG B 401 -4.44 22.20 -2.24
CA ARG B 401 -3.87 23.40 -1.61
C ARG B 401 -2.74 22.97 -0.67
N TYR B 402 -1.50 23.18 -1.10
CA TYR B 402 -0.31 22.87 -0.32
C TYR B 402 0.58 24.11 -0.21
N GLU B 403 1.60 23.98 0.61
CA GLU B 403 2.53 25.05 0.90
C GLU B 403 3.79 24.90 0.06
N LYS B 404 4.24 26.01 -0.53
CA LYS B 404 5.42 25.99 -1.40
C LYS B 404 6.65 26.21 -0.51
N ILE B 405 7.38 25.12 -0.23
CA ILE B 405 8.56 25.14 0.64
C ILE B 405 9.78 24.81 -0.18
N SER B 406 10.85 25.59 0.01
CA SER B 406 12.11 25.36 -0.68
C SER B 406 13.24 25.18 0.33
N LEU B 407 14.38 24.73 -0.18
CA LEU B 407 15.51 24.42 0.70
C LEU B 407 15.97 25.67 1.44
N PRO B 408 16.48 25.49 2.65
CA PRO B 408 17.19 26.59 3.31
C PRO B 408 18.52 26.82 2.64
N LYS B 409 19.10 27.99 2.91
CA LYS B 409 20.42 28.29 2.39
C LYS B 409 21.43 27.45 3.15
N ILE B 410 22.50 27.03 2.46
CA ILE B 410 23.52 26.18 3.08
C ILE B 410 24.67 27.07 3.56
N HIS B 411 24.95 27.04 4.86
CA HIS B 411 26.06 27.78 5.43
C HIS B 411 27.37 27.12 5.00
N PRO B 412 28.26 27.82 4.28
CA PRO B 412 29.52 27.18 3.85
C PRO B 412 30.49 26.88 4.98
N ARG B 413 30.26 27.45 6.17
CA ARG B 413 31.10 27.16 7.32
C ARG B 413 31.13 25.67 7.61
N TYR B 414 32.29 25.17 8.01
CA TYR B 414 32.34 23.83 8.58
C TYR B 414 31.95 23.98 10.05
N ASP B 415 30.70 23.67 10.40
CA ASP B 415 30.24 23.75 11.78
C ASP B 415 29.43 22.49 12.09
N LEU B 416 29.88 21.68 13.05
CA LEU B 416 29.20 20.41 13.28
C LEU B 416 27.80 20.61 13.84
N ASP B 417 27.62 21.61 14.70
CA ASP B 417 26.28 21.93 15.19
C ASP B 417 25.42 22.46 14.06
N GLY B 418 25.97 23.40 13.30
CA GLY B 418 25.18 24.04 12.27
C GLY B 418 24.89 23.12 11.13
N ASP B 419 25.82 22.21 10.82
CA ASP B 419 25.60 21.25 9.75
C ASP B 419 24.48 20.28 10.09
N ALA B 420 24.47 19.77 11.32
CA ALA B 420 23.39 18.86 11.70
C ALA B 420 22.04 19.56 11.63
N SER B 421 21.96 20.81 12.07
CA SER B 421 20.69 21.52 12.01
C SER B 421 20.28 21.79 10.58
N MET B 422 21.20 22.26 9.75
CA MET B 422 20.90 22.44 8.34
C MET B 422 20.44 21.14 7.72
N ALA B 423 21.05 20.02 8.12
CA ALA B 423 20.69 18.74 7.53
C ALA B 423 19.28 18.32 7.93
N LYS B 424 18.94 18.46 9.21
CA LYS B 424 17.57 18.18 9.63
C LYS B 424 16.55 18.96 8.82
N ALA B 425 16.83 20.24 8.59
CA ALA B 425 15.91 21.10 7.83
C ALA B 425 15.75 20.61 6.40
N VAL B 426 16.88 20.33 5.73
CA VAL B 426 16.82 19.89 4.35
C VAL B 426 16.08 18.58 4.24
N THR B 427 16.39 17.62 5.11
CA THR B 427 15.63 16.36 5.08
C THR B 427 14.14 16.62 5.21
N GLY B 428 13.75 17.51 6.12
CA GLY B 428 12.34 17.75 6.33
C GLY B 428 11.63 18.39 5.16
N VAL B 429 12.34 19.25 4.42
CA VAL B 429 11.76 19.88 3.24
C VAL B 429 11.60 18.89 2.10
N VAL B 430 12.66 18.15 1.78
CA VAL B 430 12.56 17.09 0.77
C VAL B 430 11.54 16.06 1.22
N CYS B 431 11.44 15.83 2.52
CA CYS B 431 10.44 14.92 3.04
C CYS B 431 9.03 15.43 2.78
N TYR B 432 8.82 16.74 2.93
CA TYR B 432 7.52 17.33 2.65
C TYR B 432 7.20 17.27 1.16
N ALA B 433 8.14 17.71 0.33
CA ALA B 433 7.96 17.61 -1.11
C ALA B 433 7.63 16.18 -1.52
N CYS B 434 8.16 15.22 -0.80
CA CYS B 434 7.93 13.84 -1.16
C CYS B 434 6.51 13.38 -0.81
N ARG B 435 5.95 13.87 0.30
CA ARG B 435 4.54 13.57 0.64
C ARG B 435 3.60 14.27 -0.32
N THR B 436 3.86 15.55 -0.59
CA THR B 436 3.02 16.32 -1.49
C THR B 436 2.97 15.68 -2.86
N ALA B 437 4.14 15.36 -3.41
CA ALA B 437 4.20 14.70 -4.70
C ALA B 437 3.40 13.42 -4.69
N SER B 438 3.38 12.72 -3.56
CA SER B 438 2.56 11.52 -3.48
C SER B 438 1.08 11.85 -3.57
N THR B 439 0.65 12.92 -2.91
CA THR B 439 -0.75 13.31 -2.96
C THR B 439 -1.13 13.80 -4.35
N LEU B 440 -0.24 14.56 -5.00
CA LEU B 440 -0.51 14.98 -6.36
C LEU B 440 -0.78 13.81 -7.29
N LEU B 441 -0.10 12.67 -7.07
CA LEU B 441 -0.35 11.50 -7.91
C LEU B 441 -1.68 10.84 -7.57
N LEU B 442 -2.02 10.76 -6.28
CA LEU B 442 -3.34 10.26 -5.93
C LEU B 442 -4.45 11.13 -6.50
N TYR B 443 -4.30 12.44 -6.43
CA TYR B 443 -5.32 13.30 -7.00
C TYR B 443 -5.50 13.00 -8.46
N GLN B 444 -4.39 12.82 -9.19
CA GLN B 444 -4.49 12.51 -10.60
C GLN B 444 -5.02 11.10 -10.83
N GLU B 445 -4.62 10.14 -10.01
CA GLU B 445 -5.12 8.78 -10.21
C GLU B 445 -6.60 8.66 -9.83
N LEU B 446 -7.04 9.45 -8.84
CA LEU B 446 -8.44 9.43 -8.45
C LEU B 446 -9.30 10.17 -9.47
N MET B 447 -8.78 11.28 -9.99
CA MET B 447 -9.45 11.96 -11.08
C MET B 447 -9.71 11.01 -12.25
N ARG B 448 -8.70 10.26 -12.66
CA ARG B 448 -8.86 9.32 -13.75
C ARG B 448 -9.90 8.26 -13.42
N LYS B 449 -9.85 7.71 -12.20
CA LYS B 449 -10.82 6.68 -11.81
C LYS B 449 -12.24 7.22 -11.82
N GLY B 450 -12.40 8.53 -11.61
CA GLY B 450 -13.72 9.10 -11.48
C GLY B 450 -14.26 9.54 -12.81
N VAL B 451 -13.44 10.25 -13.57
CA VAL B 451 -13.85 10.65 -14.92
C VAL B 451 -14.26 9.43 -15.74
N ARG B 452 -13.53 8.32 -15.58
CA ARG B 452 -13.90 7.08 -16.27
C ARG B 452 -15.32 6.64 -15.91
N TRP B 453 -15.64 6.59 -14.62
CA TRP B 453 -16.98 6.17 -14.21
C TRP B 453 -18.03 7.19 -14.62
N LEU B 454 -17.75 8.48 -14.44
CA LEU B 454 -18.72 9.50 -14.81
C LEU B 454 -19.14 9.35 -16.26
N VAL B 455 -18.18 9.10 -17.16
CA VAL B 455 -18.52 8.86 -18.56
C VAL B 455 -19.45 7.67 -18.69
N GLU B 456 -19.18 6.60 -17.94
CA GLU B 456 -20.04 5.42 -18.03
C GLU B 456 -21.42 5.64 -17.43
N LEU B 457 -21.57 6.61 -16.52
CA LEU B 457 -22.88 6.89 -15.95
C LEU B 457 -23.73 7.72 -16.90
N VAL B 458 -23.11 8.61 -17.69
CA VAL B 458 -23.82 9.28 -18.76
C VAL B 458 -24.17 8.30 -19.88
N LYS B 459 -23.47 7.16 -19.95
CA LYS B 459 -23.91 6.10 -20.85
C LYS B 459 -25.18 5.44 -20.34
N ASP B 460 -25.25 5.15 -19.04
CA ASP B 460 -26.51 4.63 -18.48
C ASP B 460 -27.65 5.61 -18.66
N ASP B 461 -27.35 6.91 -18.53
CA ASP B 461 -28.38 7.93 -18.72
C ASP B 461 -28.84 7.97 -20.17
N TYR B 462 -27.90 7.90 -21.12
CA TYR B 462 -28.28 7.85 -22.52
C TYR B 462 -29.02 6.56 -22.85
N ASN B 463 -28.54 5.42 -22.34
CA ASN B 463 -29.19 4.14 -22.63
C ASN B 463 -30.60 4.08 -22.08
N GLU B 464 -30.86 4.78 -20.97
CA GLU B 464 -32.21 4.83 -20.40
C GLU B 464 -33.15 5.67 -21.27
N THR B 465 -32.64 6.78 -21.77
CA THR B 465 -33.41 7.64 -22.66
C THR B 465 -33.82 6.91 -23.93
N VAL B 466 -32.91 6.12 -24.49
CA VAL B 466 -33.23 5.38 -25.70
C VAL B 466 -34.28 4.30 -25.41
N HIS B 467 -34.18 3.65 -24.25
CA HIS B 467 -35.16 2.64 -23.86
C HIS B 467 -36.55 3.23 -23.68
N LYS B 468 -36.62 4.50 -23.28
CA LYS B 468 -37.90 5.18 -23.17
C LYS B 468 -38.36 5.72 -24.52
N LYS B 469 -37.42 6.22 -25.34
CA LYS B 469 -37.77 6.70 -26.67
C LYS B 469 -38.33 5.56 -27.52
N THR B 470 -37.63 4.42 -27.58
CA THR B 470 -38.14 3.27 -28.32
C THR B 470 -39.37 2.64 -27.66
N GLU B 471 -39.82 3.11 -26.49
CA GLU B 471 -41.12 2.74 -25.92
C GLU B 471 -42.22 3.73 -26.29
N VAL B 472 -41.87 4.99 -26.50
CA VAL B 472 -42.85 5.98 -26.95
C VAL B 472 -42.92 6.03 -28.47
N VAL B 473 -41.82 5.74 -29.17
CA VAL B 473 -41.85 5.79 -30.61
C VAL B 473 -42.72 4.67 -31.19
N ILE B 474 -42.95 3.60 -30.43
CA ILE B 474 -43.76 2.50 -30.93
C ILE B 474 -45.24 2.59 -30.50
N THR B 475 -45.54 3.27 -29.39
CA THR B 475 -46.93 3.59 -29.07
C THR B 475 -47.43 4.78 -29.88
N LEU B 476 -46.55 5.73 -30.19
CA LEU B 476 -46.90 6.75 -31.16
C LEU B 476 -47.25 6.13 -32.50
N ASP B 477 -46.47 5.13 -32.93
CA ASP B 477 -46.69 4.53 -34.24
C ASP B 477 -47.98 3.70 -34.28
N PHE B 478 -48.26 2.93 -33.22
CA PHE B 478 -49.45 2.09 -33.18
C PHE B 478 -50.73 2.89 -32.99
N CYS B 479 -50.62 4.20 -32.73
CA CYS B 479 -51.77 5.10 -32.73
C CYS B 479 -51.94 5.82 -34.06
N ILE B 480 -50.83 6.13 -34.73
CA ILE B 480 -50.90 6.81 -36.02
C ILE B 480 -51.50 5.88 -37.07
N ARG B 481 -50.92 4.69 -37.25
CA ARG B 481 -51.50 3.75 -38.21
C ARG B 481 -52.81 3.13 -37.72
N ASN B 482 -53.24 3.47 -36.50
CA ASN B 482 -54.52 3.06 -35.95
C ASN B 482 -55.66 4.00 -36.33
N ILE B 483 -55.37 5.29 -36.50
CA ILE B 483 -56.35 6.23 -37.02
C ILE B 483 -56.17 6.50 -38.52
N GLU B 484 -54.99 6.21 -39.07
CA GLU B 484 -54.84 6.29 -40.52
C GLU B 484 -55.50 5.11 -41.22
N LYS B 485 -55.62 3.97 -40.53
CA LYS B 485 -56.32 2.82 -41.12
C LYS B 485 -57.83 2.95 -40.99
N THR B 486 -58.34 3.87 -40.15
CA THR B 486 -59.76 4.21 -40.20
C THR B 486 -60.05 5.17 -41.34
N VAL B 487 -59.07 5.97 -41.78
CA VAL B 487 -59.23 6.74 -43.02
C VAL B 487 -59.19 5.80 -44.23
N LYS B 488 -58.56 4.63 -44.09
CA LYS B 488 -58.61 3.59 -45.13
C LYS B 488 -60.02 3.01 -45.29
N VAL B 489 -60.88 3.18 -44.28
CA VAL B 489 -62.26 2.74 -44.37
C VAL B 489 -63.22 3.92 -44.51
N TYR B 490 -62.93 5.07 -43.93
CA TYR B 490 -63.83 6.22 -44.03
C TYR B 490 -63.82 6.81 -45.44
N GLU B 491 -62.65 6.90 -46.08
CA GLU B 491 -62.51 7.61 -47.34
C GLU B 491 -62.24 6.72 -48.55
N LYS B 492 -61.84 5.46 -48.36
CA LYS B 492 -61.50 4.55 -49.45
C LYS B 492 -62.65 3.63 -49.85
N LEU B 493 -63.38 3.08 -48.89
CA LEU B 493 -64.43 2.10 -49.17
C LEU B 493 -65.82 2.72 -49.21
N MET B 494 -65.99 3.97 -48.76
CA MET B 494 -67.31 4.60 -48.66
C MET B 494 -67.50 5.78 -49.61
N LYS B 495 -66.98 6.97 -49.26
CA LYS B 495 -67.29 8.20 -49.99
C LYS B 495 -66.28 8.57 -51.08
N VAL B 496 -65.12 7.90 -51.14
CA VAL B 496 -64.08 8.03 -52.17
C VAL B 496 -63.91 9.46 -52.70
N ASN B 497 -63.48 10.39 -51.85
CA ASN B 497 -63.30 11.79 -52.27
C ASN B 497 -62.03 12.37 -51.64
N LEU B 498 -60.92 12.29 -52.38
CA LEU B 498 -59.73 13.12 -52.21
C LEU B 498 -58.93 12.85 -50.93
N GLU B 499 -59.51 12.14 -49.96
CA GLU B 499 -58.87 11.76 -48.69
C GLU B 499 -58.01 12.85 -48.06
N ALA B 500 -58.32 14.12 -48.30
CA ALA B 500 -57.52 15.23 -47.80
C ALA B 500 -58.29 16.24 -46.95
N ALA B 501 -59.59 16.43 -47.21
CA ALA B 501 -60.40 17.35 -46.42
C ALA B 501 -60.42 16.92 -44.96
N GLU B 502 -60.25 17.88 -44.06
CA GLU B 502 -60.13 17.58 -42.64
C GLU B 502 -61.48 17.30 -41.99
N LEU B 503 -61.44 16.51 -40.93
CA LEU B 503 -62.58 16.26 -40.06
C LEU B 503 -62.52 17.21 -38.87
N GLY B 504 -63.44 17.06 -37.92
CA GLY B 504 -63.47 17.94 -36.78
C GLY B 504 -62.72 17.43 -35.57
N GLU B 505 -63.14 16.28 -35.04
CA GLU B 505 -62.59 15.82 -33.77
C GLU B 505 -61.20 15.20 -33.95
N ILE B 506 -61.02 14.35 -34.96
CA ILE B 506 -59.82 13.55 -35.05
C ILE B 506 -58.77 14.22 -35.94
N SER B 507 -59.21 15.01 -36.92
CA SER B 507 -58.24 15.68 -37.78
C SER B 507 -57.39 16.70 -37.04
N ASP B 508 -57.86 17.16 -35.86
CA ASP B 508 -57.05 18.03 -35.00
C ASP B 508 -56.06 17.23 -34.14
N ILE B 509 -56.42 16.00 -33.75
CA ILE B 509 -55.49 15.12 -33.04
C ILE B 509 -54.64 14.29 -33.99
N HIS B 510 -54.98 14.24 -35.27
CA HIS B 510 -54.10 13.60 -36.26
C HIS B 510 -52.90 14.49 -36.57
N THR B 511 -53.14 15.79 -36.84
CA THR B 511 -52.03 16.72 -37.03
C THR B 511 -51.22 16.87 -35.75
N LYS B 512 -51.86 16.75 -34.58
CA LYS B 512 -51.15 16.84 -33.31
C LYS B 512 -50.23 15.64 -33.09
N LEU B 513 -50.58 14.47 -33.63
CA LEU B 513 -49.69 13.31 -33.55
C LEU B 513 -48.56 13.40 -34.57
N LEU B 514 -48.84 13.86 -35.79
CA LEU B 514 -47.77 14.06 -36.75
C LEU B 514 -46.78 15.13 -36.29
N ARG B 515 -47.22 16.06 -35.44
CA ARG B 515 -46.31 17.04 -34.84
C ARG B 515 -45.32 16.39 -33.88
N LEU B 516 -45.71 15.28 -33.26
CA LEU B 516 -44.82 14.55 -32.37
C LEU B 516 -43.85 13.66 -33.15
N SER B 517 -44.38 12.84 -34.05
CA SER B 517 -43.56 11.87 -34.77
C SER B 517 -42.45 12.56 -35.56
N SER B 518 -42.75 13.73 -36.15
CA SER B 518 -41.76 14.41 -36.99
C SER B 518 -40.79 15.25 -36.18
N SER B 519 -41.28 15.97 -35.17
CA SER B 519 -40.40 16.71 -34.28
C SER B 519 -39.51 15.77 -33.45
N GLN B 520 -39.97 14.54 -33.22
CA GLN B 520 -39.12 13.52 -32.59
C GLN B 520 -38.02 13.04 -33.52
N GLY B 521 -38.19 13.20 -34.84
CA GLY B 521 -37.14 12.83 -35.77
C GLY B 521 -35.86 13.61 -35.51
N THR B 522 -35.99 14.90 -35.18
CA THR B 522 -34.85 15.71 -34.79
C THR B 522 -34.42 15.47 -33.35
N ILE B 523 -35.21 14.76 -32.54
CA ILE B 523 -34.71 14.28 -31.25
C ILE B 523 -33.65 13.21 -31.46
N GLU B 524 -33.80 12.39 -32.49
CA GLU B 524 -32.80 11.37 -32.78
C GLU B 524 -31.52 11.97 -33.34
N SER B 525 -31.64 13.00 -34.19
CA SER B 525 -30.45 13.59 -34.81
C SER B 525 -29.54 14.24 -33.77
N SER B 526 -30.13 14.78 -32.71
CA SER B 526 -29.34 15.34 -31.61
C SER B 526 -28.91 14.28 -30.60
N LEU B 527 -29.77 13.29 -30.32
CA LEU B 527 -29.39 12.18 -29.45
C LEU B 527 -28.32 11.31 -30.08
N GLN B 528 -28.31 11.22 -31.42
CA GLN B 528 -27.24 10.49 -32.08
C GLN B 528 -25.93 11.23 -31.98
N ASP B 529 -25.98 12.57 -32.01
CA ASP B 529 -24.76 13.36 -31.85
C ASP B 529 -24.15 13.17 -30.47
N ILE B 530 -24.98 13.11 -29.43
CA ILE B 530 -24.44 12.94 -28.07
C ILE B 530 -23.96 11.51 -27.87
N SER B 531 -24.55 10.55 -28.57
CA SER B 531 -24.00 9.20 -28.58
C SER B 531 -22.60 9.17 -29.19
N SER B 532 -22.37 10.00 -30.22
CA SER B 532 -21.10 10.03 -30.92
C SER B 532 -20.02 10.74 -30.10
N ARG B 533 -20.35 11.89 -29.49
CA ARG B 533 -19.35 12.58 -28.69
C ARG B 533 -19.07 11.86 -27.38
N LEU B 534 -19.95 10.96 -26.94
CA LEU B 534 -19.74 10.15 -25.75
C LEU B 534 -19.14 8.79 -26.07
N SER B 535 -19.11 8.41 -27.36
CA SER B 535 -18.50 7.18 -27.87
C SER B 535 -17.03 7.09 -27.44
N PRO B 536 -16.37 5.94 -27.63
CA PRO B 536 -14.97 5.83 -27.19
C PRO B 536 -14.00 6.78 -27.86
N GLY B 537 -13.91 6.79 -29.19
CA GLY B 537 -12.98 7.68 -29.86
C GLY B 537 -13.57 9.04 -30.15
N GLY B 538 -14.57 9.43 -29.36
CA GLY B 538 -15.36 10.61 -29.65
C GLY B 538 -14.74 11.90 -29.15
N LEU B 539 -15.58 12.96 -29.17
CA LEU B 539 -15.17 14.32 -28.81
C LEU B 539 -15.03 14.50 -27.30
N LEU B 540 -15.57 13.58 -26.49
CA LEU B 540 -15.45 13.64 -25.05
C LEU B 540 -14.63 12.49 -24.49
N ALA B 541 -13.77 11.89 -25.31
CA ALA B 541 -12.89 10.86 -24.82
C ALA B 541 -11.98 11.41 -23.73
N ASP B 542 -11.65 10.54 -22.77
CA ASP B 542 -10.68 10.86 -21.73
C ASP B 542 -9.25 10.65 -22.20
N THR B 543 -8.90 11.19 -23.37
CA THR B 543 -7.56 11.01 -23.91
C THR B 543 -6.53 11.87 -23.20
N TRP B 544 -6.95 13.02 -22.67
CA TRP B 544 -6.06 13.86 -21.87
C TRP B 544 -5.66 13.17 -20.57
N ALA B 545 -6.58 12.38 -19.98
CA ALA B 545 -6.31 11.72 -18.70
C ALA B 545 -5.16 10.72 -18.79
N HIS B 546 -4.94 10.14 -19.97
CA HIS B 546 -3.87 9.18 -20.17
C HIS B 546 -2.64 9.80 -20.78
N GLN B 547 -2.67 11.08 -21.02
CA GLN B 547 -1.46 11.73 -21.48
C GLN B 547 -0.94 12.78 -20.52
N GLU B 548 -1.82 13.49 -19.83
CA GLU B 548 -1.39 14.79 -19.35
C GLU B 548 -0.80 14.80 -17.94
N GLY B 549 -0.73 13.67 -17.24
CA GLY B 549 -0.29 13.68 -15.85
C GLY B 549 0.98 12.88 -15.63
N THR B 550 1.33 12.78 -14.35
CA THR B 550 2.27 11.75 -13.96
C THR B 550 1.50 10.47 -13.67
N HIS B 551 2.21 9.35 -13.70
CA HIS B 551 1.58 8.05 -13.51
C HIS B 551 2.33 7.20 -12.51
N PRO B 552 1.65 6.23 -11.92
CA PRO B 552 2.35 5.19 -11.15
C PRO B 552 3.57 4.58 -11.82
N ARG B 553 3.57 4.41 -13.15
CA ARG B 553 4.74 3.87 -13.84
C ARG B 553 5.89 4.87 -13.95
N ASP B 554 5.63 6.18 -13.81
CA ASP B 554 6.69 7.18 -13.84
C ASP B 554 7.61 7.05 -12.64
N ARG B 555 7.11 6.45 -11.57
CA ARG B 555 7.87 6.23 -10.35
C ARG B 555 8.49 7.52 -9.81
N ASN B 556 7.74 8.62 -9.84
CA ASN B 556 8.32 9.86 -9.35
C ASN B 556 8.40 9.85 -7.84
N VAL B 557 7.46 9.20 -7.18
CA VAL B 557 7.50 9.12 -5.72
C VAL B 557 8.74 8.36 -5.28
N GLU B 558 8.98 7.19 -5.87
CA GLU B 558 10.09 6.39 -5.41
C GLU B 558 11.41 6.96 -5.90
N LYS B 559 11.39 7.72 -6.99
CA LYS B 559 12.58 8.45 -7.40
C LYS B 559 12.97 9.48 -6.35
N LEU B 560 11.99 10.28 -5.91
CA LEU B 560 12.22 11.19 -4.80
C LEU B 560 12.64 10.46 -3.53
N GLN B 561 11.94 9.37 -3.20
CA GLN B 561 12.28 8.62 -2.01
C GLN B 561 13.76 8.22 -2.03
N VAL B 562 14.26 7.76 -3.17
CA VAL B 562 15.64 7.31 -3.29
C VAL B 562 16.61 8.45 -2.94
N LEU B 563 16.30 9.67 -3.38
CA LEU B 563 17.11 10.82 -3.02
C LEU B 563 16.89 11.20 -1.57
N LEU B 564 15.66 11.11 -1.09
CA LEU B 564 15.42 11.43 0.31
C LEU B 564 16.13 10.46 1.23
N ASN B 565 16.33 9.23 0.79
CA ASN B 565 17.06 8.27 1.61
C ASN B 565 18.52 8.64 1.70
N CYS B 566 19.10 9.16 0.62
CA CYS B 566 20.48 9.59 0.70
C CYS B 566 20.62 10.79 1.60
N ILE B 567 19.74 11.78 1.42
CA ILE B 567 19.80 12.94 2.28
C ILE B 567 19.59 12.52 3.73
N THR B 568 18.66 11.61 3.99
CA THR B 568 18.43 11.20 5.37
C THR B 568 19.64 10.49 5.95
N GLU B 569 20.27 9.60 5.18
CA GLU B 569 21.45 8.89 5.68
C GLU B 569 22.55 9.86 6.07
N ILE B 570 22.71 10.95 5.31
CA ILE B 570 23.71 11.95 5.65
C ILE B 570 23.31 12.66 6.93
N TYR B 571 22.03 13.04 7.04
CA TYR B 571 21.58 13.75 8.23
C TYR B 571 21.84 12.95 9.50
N TYR B 572 21.48 11.66 9.51
CA TYR B 572 21.75 10.83 10.68
C TYR B 572 23.22 10.83 11.03
N GLN B 573 24.08 10.82 10.01
CA GLN B 573 25.53 10.86 10.23
C GLN B 573 25.96 12.20 10.78
N PHE B 574 25.49 13.29 10.17
CA PHE B 574 25.83 14.62 10.67
C PHE B 574 25.44 14.80 12.13
N LYS B 575 24.42 14.07 12.59
CA LYS B 575 24.09 14.01 14.01
C LYS B 575 25.20 13.34 14.79
N LYS B 576 25.65 12.16 14.35
CA LYS B 576 26.74 11.47 15.07
C LYS B 576 28.00 12.32 15.09
N ASP B 577 28.23 13.09 14.03
CA ASP B 577 29.36 14.00 14.01
C ASP B 577 29.21 15.08 15.07
N LYS B 578 28.02 15.69 15.17
CA LYS B 578 27.76 16.67 16.22
C LYS B 578 27.98 16.07 17.61
N ALA B 579 27.57 14.81 17.80
CA ALA B 579 27.71 14.16 19.11
C ALA B 579 29.18 13.93 19.45
N GLU B 580 29.99 13.55 18.45
CA GLU B 580 31.41 13.36 18.65
C GLU B 580 32.16 14.68 18.83
N ARG B 581 31.50 15.81 18.55
CA ARG B 581 31.91 17.14 18.96
C ARG B 581 33.03 17.71 18.08
N ARG B 582 34.00 16.90 17.68
CA ARG B 582 34.97 17.31 16.64
C ARG B 582 35.63 16.07 16.02
N LEU B 583 35.90 16.16 14.71
CA LEU B 583 36.19 15.03 13.84
C LEU B 583 37.68 14.90 13.56
N ALA B 584 38.11 13.67 13.30
CA ALA B 584 39.46 13.37 12.80
C ALA B 584 39.68 14.03 11.44
N TYR B 585 40.87 13.85 10.85
CA TYR B 585 41.17 14.59 9.63
C TYR B 585 40.47 14.01 8.42
N ASN B 586 40.61 12.70 8.20
CA ASN B 586 39.90 12.09 7.09
C ASN B 586 38.39 12.21 7.28
N GLU B 587 37.92 12.05 8.51
CA GLU B 587 36.48 12.07 8.74
C GLU B 587 35.92 13.49 8.52
N GLU B 588 36.75 14.52 8.74
CA GLU B 588 36.30 15.88 8.51
C GLU B 588 36.17 16.18 7.03
N GLN B 589 37.07 15.65 6.21
CA GLN B 589 36.98 15.89 4.79
C GLN B 589 35.79 15.15 4.19
N ILE B 590 35.51 13.94 4.69
CA ILE B 590 34.32 13.21 4.26
C ILE B 590 33.06 13.96 4.65
N HIS B 591 32.99 14.40 5.91
CA HIS B 591 31.86 15.22 6.32
C HIS B 591 31.68 16.43 5.39
N LYS B 592 32.78 17.11 5.07
CA LYS B 592 32.68 18.24 4.14
C LYS B 592 32.21 17.79 2.76
N PHE B 593 32.77 16.69 2.26
CA PHE B 593 32.35 16.15 0.96
C PHE B 593 30.88 15.79 0.97
N ASP B 594 30.41 15.15 2.04
CA ASP B 594 29.01 14.74 2.12
C ASP B 594 28.09 15.91 2.32
N LYS B 595 28.61 17.05 2.77
CA LYS B 595 27.81 18.26 2.80
C LYS B 595 27.45 18.73 1.39
N GLN B 596 28.43 18.79 0.48
CA GLN B 596 28.09 19.08 -0.90
C GLN B 596 27.19 18.01 -1.49
N LYS B 597 27.44 16.73 -1.18
CA LYS B 597 26.57 15.68 -1.70
C LYS B 597 25.13 15.92 -1.29
N LEU B 598 24.91 16.27 -0.02
CA LEU B 598 23.56 16.50 0.49
C LEU B 598 22.85 17.59 -0.27
N TYR B 599 23.51 18.73 -0.50
CA TYR B 599 22.89 19.78 -1.29
C TYR B 599 22.64 19.31 -2.72
N TYR B 600 23.56 18.56 -3.32
CA TYR B 600 23.34 18.05 -4.66
C TYR B 600 22.07 17.21 -4.72
N HIS B 601 21.92 16.26 -3.79
CA HIS B 601 20.74 15.41 -3.78
C HIS B 601 19.48 16.19 -3.50
N ALA B 602 19.52 17.08 -2.52
CA ALA B 602 18.34 17.86 -2.19
C ALA B 602 17.86 18.64 -3.41
N THR B 603 18.76 19.41 -4.04
CA THR B 603 18.35 20.20 -5.19
C THR B 603 17.89 19.31 -6.33
N LYS B 604 18.60 18.22 -6.60
CA LYS B 604 18.14 17.28 -7.62
C LYS B 604 16.72 16.83 -7.35
N ALA B 605 16.36 16.60 -6.07
CA ALA B 605 15.02 16.21 -5.70
C ALA B 605 14.03 17.36 -5.82
N MET B 606 14.39 18.52 -5.27
CA MET B 606 13.46 19.63 -5.25
C MET B 606 13.14 20.13 -6.63
N SER B 607 14.11 20.16 -7.53
CA SER B 607 13.75 20.58 -8.87
C SER B 607 13.04 19.47 -9.62
N HIS B 608 13.31 18.21 -9.29
CA HIS B 608 12.51 17.16 -9.90
C HIS B 608 11.06 17.23 -9.43
N PHE B 609 10.84 17.57 -8.16
CA PHE B 609 9.48 17.83 -7.70
C PHE B 609 8.83 18.90 -8.55
N SER B 610 9.55 19.99 -8.81
CA SER B 610 9.01 21.11 -9.58
C SER B 610 8.71 20.71 -11.01
N GLU B 611 9.71 20.17 -11.72
CA GLU B 611 9.61 19.97 -13.17
C GLU B 611 8.78 18.74 -13.54
N GLU B 612 8.86 17.68 -12.76
CA GLU B 612 8.13 16.48 -13.14
C GLU B 612 6.79 16.37 -12.42
N CYS B 613 6.77 16.44 -11.09
CA CYS B 613 5.52 16.16 -10.38
C CYS B 613 4.54 17.30 -10.55
N VAL B 614 4.97 18.51 -10.19
CA VAL B 614 4.04 19.64 -10.11
C VAL B 614 3.59 20.06 -11.50
N ARG B 615 4.53 20.27 -12.42
CA ARG B 615 4.19 20.82 -13.72
C ARG B 615 3.25 19.89 -14.49
N LYS B 616 3.55 18.60 -14.53
CA LYS B 616 2.64 17.65 -15.18
C LYS B 616 1.32 17.49 -14.43
N TYR B 617 1.29 17.82 -13.12
CA TYR B 617 0.02 17.81 -12.41
C TYR B 617 -0.81 19.02 -12.78
N GLU B 618 -0.18 20.19 -12.81
CA GLU B 618 -0.91 21.40 -13.18
C GLU B 618 -1.44 21.33 -14.60
N ALA B 619 -0.67 20.75 -15.52
CA ALA B 619 -1.15 20.53 -16.87
C ALA B 619 -2.39 19.65 -16.87
N PHE B 620 -2.40 18.63 -16.01
CA PHE B 620 -3.54 17.74 -15.87
C PHE B 620 -4.71 18.46 -15.21
N LYS B 621 -4.44 19.27 -14.19
CA LYS B 621 -5.52 20.01 -13.53
C LYS B 621 -6.24 20.92 -14.52
N ASP B 622 -5.51 21.54 -15.44
CA ASP B 622 -6.13 22.44 -16.39
C ASP B 622 -6.85 21.70 -17.50
N LYS B 623 -6.31 20.56 -17.98
CA LYS B 623 -7.04 19.79 -18.96
C LYS B 623 -8.33 19.21 -18.39
N SER B 624 -8.42 19.06 -17.06
CA SER B 624 -9.67 18.58 -16.47
C SER B 624 -10.70 19.70 -16.30
N GLU B 625 -10.25 20.95 -16.21
CA GLU B 625 -11.21 22.03 -16.17
C GLU B 625 -11.82 22.27 -17.55
N GLU B 626 -11.02 22.11 -18.62
CA GLU B 626 -11.57 22.11 -19.98
C GLU B 626 -12.60 21.01 -20.13
N TRP B 627 -12.15 19.76 -19.97
CA TRP B 627 -13.03 18.61 -20.13
C TRP B 627 -14.25 18.68 -19.22
N MET B 628 -14.15 19.34 -18.06
CA MET B 628 -15.30 19.37 -17.17
C MET B 628 -16.43 20.20 -17.75
N ARG B 629 -16.09 21.39 -18.27
CA ARG B 629 -17.10 22.22 -18.93
C ARG B 629 -17.78 21.47 -20.07
N LYS B 630 -16.99 20.76 -20.89
CA LYS B 630 -17.56 20.03 -22.01
C LYS B 630 -18.57 19.00 -21.54
N MET B 631 -18.24 18.25 -20.49
CA MET B 631 -19.13 17.18 -20.05
C MET B 631 -20.40 17.74 -19.41
N LEU B 632 -20.28 18.85 -18.67
CA LEU B 632 -21.47 19.45 -18.07
C LEU B 632 -22.46 19.88 -19.14
N HIS B 633 -21.95 20.51 -20.20
CA HIS B 633 -22.79 20.92 -21.31
C HIS B 633 -23.55 19.74 -21.88
N LEU B 634 -22.85 18.63 -22.13
CA LEU B 634 -23.49 17.45 -22.70
C LEU B 634 -24.55 16.87 -21.76
N ARG B 635 -24.28 16.85 -20.46
CA ARG B 635 -25.28 16.31 -19.54
C ARG B 635 -26.50 17.21 -19.46
N LYS B 636 -26.31 18.51 -19.72
CA LYS B 636 -27.43 19.43 -19.78
C LYS B 636 -28.24 19.25 -21.07
N GLN B 637 -27.56 18.95 -22.18
CA GLN B 637 -28.28 18.66 -23.40
C GLN B 637 -29.03 17.35 -23.29
N LEU B 638 -28.36 16.30 -22.81
CA LEU B 638 -29.02 15.00 -22.68
C LEU B 638 -30.18 15.04 -21.70
N LEU B 639 -30.11 15.89 -20.68
CA LEU B 639 -31.27 16.10 -19.82
C LEU B 639 -32.40 16.80 -20.59
N SER B 640 -32.07 17.85 -21.34
CA SER B 640 -33.09 18.58 -22.10
C SER B 640 -33.82 17.67 -23.08
N LEU B 641 -33.09 16.71 -23.67
CA LEU B 641 -33.70 15.73 -24.56
C LEU B 641 -34.47 14.66 -23.79
N THR B 642 -33.98 14.27 -22.61
CA THR B 642 -34.69 13.25 -21.85
C THR B 642 -36.07 13.74 -21.42
N ASN B 643 -36.15 14.99 -20.98
CA ASN B 643 -37.43 15.52 -20.53
C ASN B 643 -38.41 15.72 -21.67
N GLN B 644 -37.92 15.85 -22.91
CA GLN B 644 -38.82 15.85 -24.05
C GLN B 644 -39.46 14.49 -24.25
N CYS B 645 -38.76 13.42 -23.91
CA CYS B 645 -39.34 12.09 -24.02
C CYS B 645 -40.44 11.86 -22.99
N PHE B 646 -40.40 12.57 -21.86
CA PHE B 646 -41.51 12.47 -20.92
C PHE B 646 -42.63 13.44 -21.28
N ASP B 647 -42.32 14.51 -22.01
CA ASP B 647 -43.38 15.40 -22.49
C ASP B 647 -44.12 14.78 -23.67
N ILE B 648 -43.42 14.03 -24.51
CA ILE B 648 -44.05 13.23 -25.55
C ILE B 648 -44.68 11.99 -24.96
N GLU B 649 -44.20 11.55 -23.79
CA GLU B 649 -44.82 10.41 -23.11
C GLU B 649 -46.24 10.74 -22.66
N GLU B 650 -46.42 11.86 -21.94
CA GLU B 650 -47.74 12.28 -21.49
C GLU B 650 -48.60 12.84 -22.61
N GLU B 651 -47.99 13.33 -23.69
CA GLU B 651 -48.77 13.82 -24.83
C GLU B 651 -49.51 12.67 -25.52
N VAL B 652 -48.86 11.51 -25.64
CA VAL B 652 -49.52 10.33 -26.20
C VAL B 652 -50.40 9.64 -25.17
N SER B 653 -50.24 9.94 -23.88
CA SER B 653 -51.07 9.32 -22.86
C SER B 653 -52.53 9.76 -22.98
N LYS B 654 -52.78 11.04 -23.20
CA LYS B 654 -54.14 11.55 -23.29
C LYS B 654 -54.77 11.35 -24.67
N TYR B 655 -53.96 11.03 -25.69
CA TYR B 655 -54.45 10.84 -27.05
C TYR B 655 -54.65 9.36 -27.42
N GLN B 656 -54.15 8.43 -26.61
CA GLN B 656 -54.12 7.00 -26.98
C GLN B 656 -55.46 6.33 -26.73
N ASP B 657 -56.04 6.52 -25.54
CA ASP B 657 -57.34 5.95 -25.23
C ASP B 657 -58.43 6.47 -26.15
N TYR B 658 -58.20 7.60 -26.83
CA TYR B 658 -59.11 8.06 -27.87
C TYR B 658 -59.09 7.15 -29.10
N THR B 659 -58.11 6.25 -29.21
CA THR B 659 -58.05 5.24 -30.27
C THR B 659 -58.74 3.94 -29.85
N ASN B 660 -59.99 4.06 -29.36
CA ASN B 660 -60.74 2.92 -28.84
C ASN B 660 -61.49 2.15 -29.93
N GLU B 661 -61.98 2.85 -30.95
CA GLU B 661 -62.75 2.22 -32.03
C GLU B 661 -61.91 1.99 -33.30
N SER C 26 5.72 -23.89 27.60
CA SER C 26 7.14 -23.53 27.56
C SER C 26 8.01 -24.79 27.72
N GLY C 27 9.22 -24.76 27.14
CA GLY C 27 10.12 -25.88 27.23
C GLY C 27 11.57 -25.47 27.41
N MET C 28 11.90 -24.26 26.95
CA MET C 28 13.27 -23.77 27.01
C MET C 28 13.74 -23.65 28.45
N GLU C 29 14.97 -24.09 28.70
CA GLU C 29 15.50 -24.05 30.06
C GLU C 29 16.89 -23.44 30.10
N LYS C 30 17.58 -23.66 31.26
CA LYS C 30 18.94 -23.24 31.61
C LYS C 30 19.07 -21.79 32.13
N PRO C 31 17.94 -21.01 32.44
CA PRO C 31 18.14 -19.56 32.60
C PRO C 31 18.50 -19.17 34.03
N LEU C 32 19.68 -18.57 34.23
CA LEU C 32 20.15 -18.19 35.56
C LEU C 32 19.86 -16.72 35.81
N PRO C 33 19.83 -16.31 37.08
CA PRO C 33 19.59 -14.89 37.39
C PRO C 33 20.78 -14.01 37.05
N LEU C 34 20.48 -12.78 36.63
CA LEU C 34 21.49 -11.79 36.25
C LEU C 34 22.23 -11.25 37.48
N ARG C 35 23.52 -11.02 37.35
CA ARG C 35 24.38 -10.71 38.50
C ARG C 35 24.95 -9.29 38.40
N THR C 36 25.23 -8.69 39.55
CA THR C 36 25.91 -7.40 39.60
C THR C 36 27.36 -7.51 40.02
N ASP C 37 27.66 -8.39 40.98
CA ASP C 37 29.01 -8.59 41.48
C ASP C 37 29.65 -9.80 40.84
N PHE C 38 30.91 -9.64 40.44
CA PHE C 38 31.69 -10.70 39.84
C PHE C 38 32.97 -10.83 40.66
N SER C 39 32.79 -11.19 41.94
CA SER C 39 33.86 -11.32 42.96
C SER C 39 34.57 -10.00 43.20
N MET D 28 31.60 28.06 -1.33
CA MET D 28 31.82 27.00 -0.33
C MET D 28 32.86 25.98 -0.80
N GLU D 29 33.65 25.48 0.15
CA GLU D 29 34.67 24.46 -0.12
C GLU D 29 35.37 23.98 1.15
N LYS D 30 36.71 24.07 1.14
CA LYS D 30 37.65 23.57 2.14
C LYS D 30 37.70 22.03 2.21
N PRO D 31 37.34 21.23 1.11
CA PRO D 31 37.38 19.77 1.26
C PRO D 31 38.68 19.21 0.71
N LEU D 32 39.68 19.02 1.57
CA LEU D 32 40.99 18.54 1.16
C LEU D 32 40.97 17.04 0.90
N PRO D 33 41.93 16.53 0.17
CA PRO D 33 41.93 15.09 -0.13
C PRO D 33 42.32 14.26 1.07
N LEU D 34 41.88 13.00 1.04
CA LEU D 34 42.13 12.08 2.13
C LEU D 34 43.61 11.68 2.17
N ARG D 35 44.10 11.44 3.38
CA ARG D 35 45.51 11.12 3.63
C ARG D 35 45.63 9.79 4.37
N THR D 36 46.85 9.26 4.40
CA THR D 36 47.11 7.92 4.92
C THR D 36 48.04 7.90 6.11
N ASP D 37 48.37 9.05 6.68
CA ASP D 37 49.04 9.12 7.97
C ASP D 37 48.08 9.79 8.95
N PHE D 38 47.38 8.96 9.73
CA PHE D 38 46.47 9.44 10.77
C PHE D 38 47.31 10.10 11.87
N SER D 39 47.42 11.43 11.85
CA SER D 39 48.25 12.16 12.86
C SER D 39 47.67 13.52 13.29
I01 BX7 E . 34.23 -7.81 -7.10
S02 BX7 E . 36.52 -12.25 -5.23
O03 BX7 E . 27.15 -9.25 0.36
O04 BX7 E . 33.90 -10.64 -5.70
N05 BX7 E . 28.85 -10.87 0.52
N06 BX7 E . 29.38 -8.36 0.18
N07 BX7 E . 32.63 -8.55 -3.92
N08 BX7 E . 30.21 -4.43 -2.91
N09 BX7 E . 33.01 -11.55 -3.66
N10 BX7 E . 31.53 -6.47 -3.59
N11 BX7 E . 31.61 -4.65 -5.09
C12 BX7 E . 28.56 -13.15 -0.14
C13 BX7 E . 30.04 -12.65 -0.36
C14 BX7 E . 30.14 -11.31 0.52
C15 BX7 E . 27.97 -12.21 0.73
C16 BX7 E . 28.36 -9.46 0.34
C17 BX7 E . 29.16 -6.95 -0.04
C18 BX7 E . 29.72 -6.40 -1.23
C19 BX7 E . 31.21 -10.10 -2.76
C20 BX7 E . 28.42 -6.19 0.87
C21 BX7 E . 32.22 -8.93 -2.62
C22 BX7 E . 29.61 -5.04 -1.60
C23 BX7 E . 31.64 -11.12 -3.92
C24 BX7 E . 28.25 -4.82 0.52
C25 BX7 E . 28.84 -4.30 -0.66
C26 BX7 E . 32.33 -7.16 -4.42
C27 BX7 E . 31.13 -5.18 -3.89
C28 BX7 E . 32.88 -6.68 -5.68
C29 BX7 E . 34.04 -11.25 -4.63
C30 BX7 E . 32.43 -5.33 -5.93
C31 BX7 E . 35.43 -11.75 -4.23
C32 BX7 E . 35.92 -11.83 -2.89
C33 BX7 E . 37.41 -12.41 -2.98
C34 BX7 E . 37.75 -12.65 -4.37
I01 BX7 F . 9.24 8.12 33.74
S02 BX7 F . 12.38 11.82 34.04
O03 BX7 F . 12.23 9.49 24.34
O04 BX7 F . 10.40 11.11 31.63
N05 BX7 F . 13.59 11.08 25.43
N06 BX7 F . 13.64 8.53 26.03
N07 BX7 F . 11.23 8.96 30.81
N08 BX7 F . 11.21 4.71 28.34
N09 BX7 F . 11.94 12.28 30.33
N10 BX7 F . 11.13 6.82 29.73
N11 BX7 F . 9.95 4.94 30.58
C12 BX7 F . 13.02 13.40 25.63
C13 BX7 F . 14.12 13.01 26.69
C14 BX7 F . 14.53 11.51 26.33
C15 BX7 F . 13.11 12.42 24.64
C16 BX7 F . 13.09 9.69 25.21
C17 BX7 F . 13.26 7.12 25.97
C18 BX7 F . 12.49 6.62 27.06
C19 BX7 F . 11.63 10.13 28.83
C20 BX7 F . 13.65 6.33 24.91
C21 BX7 F . 12.30 9.29 29.94
C22 BX7 F . 12.05 5.28 27.17
C23 BX7 F . 11.56 11.73 29.02
C24 BX7 F . 13.21 4.98 24.99
C25 BX7 F . 12.46 4.50 26.08
C26 BX7 F . 10.73 7.51 30.81
C27 BX7 F . 10.74 5.51 29.58
C28 BX7 F . 9.92 7.00 31.91
C29 BX7 F . 11.27 11.93 31.57
C30 BX7 F . 9.58 5.63 31.68
C31 BX7 F . 11.73 12.60 32.87
C32 BX7 F . 11.61 14.00 33.22
C33 BX7 F . 12.21 14.17 34.70
C34 BX7 F . 12.66 12.87 35.16
#